data_6BZU
#
_entry.id   6BZU
#
_cell.length_a   132.696
_cell.length_b   55.600
_cell.length_c   155.259
_cell.angle_alpha   90.00
_cell.angle_beta   106.20
_cell.angle_gamma   90.00
#
_symmetry.space_group_name_H-M   'P 1 21 1'
#
loop_
_entity.id
_entity.type
_entity.pdbx_description
1 polymer '19B3 Heavy Chain'
2 polymer '19B3 Light Chain'
3 polymer 'E2 AS412 peptide'
4 water water
#
loop_
_entity_poly.entity_id
_entity_poly.type
_entity_poly.pdbx_seq_one_letter_code
_entity_poly.pdbx_strand_id
1 'polypeptide(L)'
;EVQLSESGPSLVKPSQTLSLTCSVTGDSITSGYWNWIRKFPGNKLEYMGYISYSGGNYYNPSLRSRISITRDTSKNHYYL
QLNSVTTEDTATYYCARLSDSLYAMDCWGQGTSVTVSSASTKGPSVFPLAPSSKSTSGGTAALGCLVKDYFPEPVTVSWN
SGALTSGVHTFPAVLQSSGLYSLSSVVTVPSSSLGTQTYICNVNHKPSNTKVDKKVEPKSCGS
;
A,C,E,G
2 'polypeptide(L)'
;IELVLTQSPASLTVSLGQRATMSCRSSESVDAHGYSFLHWYQQKPGQPPKLLIYLASNLESGVPARFSGSGSRTDFTLTI
DPVEADDAATYSCLKNNEDPWTFGGGTKLEITRADAAPTVSIFPPSSEQLTSGTASVVCLLNNFYPREAKVQWKVDNALQ
SGNSQESVTEQDSKDSTYSLSSTLTLSKADYEKHKVYACEVTHQGLSSPVTKSFNRGEC
;
B,D,F,H
3 'polypeptide(L)' RQLINTNGSWHIN I,J,K,L
#
# COMPACT_ATOMS: atom_id res chain seq x y z
N GLU A 1 23.43 -1.82 25.96
CA GLU A 1 22.16 -2.54 25.86
C GLU A 1 21.09 -1.91 26.75
N VAL A 2 20.06 -1.36 26.11
CA VAL A 2 18.94 -0.78 26.84
C VAL A 2 18.13 -1.91 27.49
N GLN A 3 17.79 -1.73 28.76
CA GLN A 3 17.04 -2.73 29.51
C GLN A 3 15.83 -2.07 30.15
N LEU A 4 14.66 -2.67 29.97
CA LEU A 4 13.39 -2.14 30.48
C LEU A 4 12.75 -3.18 31.39
N SER A 5 12.56 -2.84 32.66
CA SER A 5 11.93 -3.70 33.64
C SER A 5 10.64 -3.05 34.15
N GLU A 6 9.56 -3.83 34.20
CA GLU A 6 8.25 -3.34 34.59
C GLU A 6 7.80 -3.97 35.90
N SER A 7 7.24 -3.15 36.78
CA SER A 7 6.79 -3.60 38.09
C SER A 7 5.45 -2.94 38.42
N GLY A 8 4.70 -3.58 39.31
CA GLY A 8 3.41 -3.08 39.70
C GLY A 8 2.44 -4.19 40.04
N PRO A 9 1.26 -3.83 40.55
CA PRO A 9 0.29 -4.85 40.94
C PRO A 9 -0.30 -5.58 39.74
N SER A 10 -0.65 -6.84 39.95
CA SER A 10 -1.22 -7.69 38.91
C SER A 10 -2.73 -7.89 39.08
N LEU A 11 -3.34 -7.31 40.11
CA LEU A 11 -4.77 -7.42 40.32
C LEU A 11 -5.30 -6.06 40.76
N VAL A 12 -6.25 -5.52 40.03
CA VAL A 12 -6.83 -4.21 40.31
C VAL A 12 -8.35 -4.34 40.31
N LYS A 13 -8.99 -3.79 41.32
CA LYS A 13 -10.45 -3.79 41.38
C LYS A 13 -11.01 -2.82 40.35
N PRO A 14 -12.22 -3.08 39.84
CA PRO A 14 -12.82 -2.16 38.85
C PRO A 14 -13.03 -0.76 39.41
N SER A 15 -12.89 0.22 38.51
CA SER A 15 -13.04 1.65 38.81
C SER A 15 -11.84 2.21 39.57
N GLN A 16 -10.98 1.35 40.09
CA GLN A 16 -9.78 1.83 40.76
C GLN A 16 -8.70 2.20 39.75
N THR A 17 -7.55 2.61 40.25
CA THR A 17 -6.45 3.10 39.42
C THR A 17 -5.38 2.03 39.26
N LEU A 18 -5.01 1.77 38.01
CA LEU A 18 -3.89 0.87 37.69
C LEU A 18 -2.61 1.69 37.56
N SER A 19 -1.56 1.26 38.27
CA SER A 19 -0.29 1.96 38.26
C SER A 19 0.84 0.99 37.95
N LEU A 20 1.65 1.33 36.94
CA LEU A 20 2.80 0.53 36.57
C LEU A 20 4.03 1.41 36.43
N THR A 21 5.20 0.83 36.68
CA THR A 21 6.47 1.53 36.62
C THR A 21 7.40 0.83 35.64
N CYS A 22 8.12 1.61 34.86
CA CYS A 22 9.10 1.10 33.89
C CYS A 22 10.46 1.69 34.20
N SER A 23 11.41 0.83 34.57
CA SER A 23 12.78 1.23 34.86
C SER A 23 13.64 0.99 33.63
N VAL A 24 14.33 2.03 33.17
CA VAL A 24 15.15 1.98 31.96
C VAL A 24 16.61 2.05 32.37
N THR A 25 17.45 1.28 31.66
CA THR A 25 18.89 1.17 31.98
C THR A 25 19.71 1.04 30.69
N GLY A 26 20.00 2.17 30.06
CA GLY A 26 20.89 2.15 28.90
C GLY A 26 21.09 3.52 28.31
N ASP A 27 19.98 4.20 28.05
CA ASP A 27 19.98 5.57 27.59
C ASP A 27 19.07 6.37 28.52
N SER A 28 19.24 7.68 28.50
CA SER A 28 18.45 8.52 29.38
C SER A 28 17.07 8.77 28.80
N ILE A 29 16.07 8.91 29.69
CA ILE A 29 14.72 9.23 29.27
C ILE A 29 14.58 10.70 28.88
N THR A 30 15.64 11.49 29.07
CA THR A 30 15.71 12.83 28.51
C THR A 30 16.04 12.81 27.03
N SER A 31 16.13 11.62 26.43
CA SER A 31 16.37 11.44 25.01
C SER A 31 15.39 10.41 24.46
N GLY A 32 14.80 10.70 23.31
CA GLY A 32 13.89 9.77 22.68
C GLY A 32 12.47 9.85 23.22
N TYR A 33 11.70 8.81 22.92
CA TYR A 33 10.31 8.72 23.31
C TYR A 33 10.08 7.40 24.02
N TRP A 34 9.29 7.43 25.08
CA TRP A 34 9.11 6.28 25.97
C TRP A 34 7.62 5.96 26.07
N ASN A 35 7.24 4.81 25.54
CA ASN A 35 5.85 4.47 25.26
C ASN A 35 5.35 3.36 26.17
N TRP A 36 4.03 3.19 26.19
CA TRP A 36 3.37 2.07 26.83
C TRP A 36 2.46 1.40 25.82
N ILE A 37 2.57 0.08 25.68
CA ILE A 37 1.77 -0.70 24.76
C ILE A 37 1.21 -1.90 25.52
N ARG A 38 -0.04 -2.26 25.25
CA ARG A 38 -0.68 -3.38 25.92
C ARG A 38 -1.20 -4.38 24.90
N LYS A 39 -1.33 -5.64 25.35
CA LYS A 39 -1.68 -6.78 24.52
C LYS A 39 -2.92 -7.46 25.08
N PHE A 40 -4.02 -7.41 24.34
CA PHE A 40 -5.25 -8.02 24.79
C PHE A 40 -5.19 -9.54 24.60
N PRO A 41 -6.02 -10.29 25.34
CA PRO A 41 -6.01 -11.75 25.18
C PRO A 41 -6.28 -12.21 23.76
N GLY A 42 -7.00 -11.43 22.96
CA GLY A 42 -7.21 -11.72 21.56
C GLY A 42 -5.98 -11.62 20.67
N ASN A 43 -4.82 -11.30 21.25
CA ASN A 43 -3.52 -11.09 20.59
C ASN A 43 -3.45 -9.73 19.90
N LYS A 44 -4.45 -8.87 20.09
CA LYS A 44 -4.45 -7.56 19.47
C LYS A 44 -3.58 -6.58 20.25
N LEU A 45 -2.82 -5.76 19.52
CA LEU A 45 -1.95 -4.76 20.13
C LEU A 45 -2.62 -3.40 20.06
N GLU A 46 -2.67 -2.72 21.21
CA GLU A 46 -3.20 -1.36 21.28
C GLU A 46 -2.11 -0.44 21.83
N TYR A 47 -1.84 0.63 21.10
CA TYR A 47 -0.90 1.65 21.57
C TYR A 47 -1.60 2.59 22.54
N MET A 48 -0.95 2.87 23.66
CA MET A 48 -1.53 3.71 24.71
C MET A 48 -1.04 5.14 24.64
N GLY A 49 0.27 5.35 24.71
CA GLY A 49 0.81 6.70 24.66
C GLY A 49 2.28 6.71 25.03
N TYR A 50 2.83 7.92 25.09
CA TYR A 50 4.24 8.08 25.44
C TYR A 50 4.43 9.36 26.24
N ILE A 51 5.62 9.46 26.84
CA ILE A 51 6.16 10.71 27.35
C ILE A 51 7.45 11.00 26.59
N SER A 52 7.62 12.25 26.16
CA SER A 52 8.72 12.61 25.26
C SER A 52 9.99 12.88 26.06
N TYR A 53 11.06 13.22 25.32
CA TYR A 53 12.33 13.55 25.96
C TYR A 53 12.24 14.81 26.81
N SER A 54 11.43 15.78 26.39
CA SER A 54 11.26 17.02 27.12
C SER A 54 10.11 16.97 28.12
N GLY A 55 9.45 15.82 28.24
CA GLY A 55 8.32 15.68 29.14
C GLY A 55 6.96 15.84 28.48
N GLY A 56 6.92 16.05 27.17
CA GLY A 56 5.64 16.15 26.48
C GLY A 56 4.96 14.81 26.38
N ASN A 57 3.64 14.85 26.24
CA ASN A 57 2.81 13.65 26.24
C ASN A 57 1.97 13.58 24.98
N TYR A 58 1.77 12.36 24.48
CA TYR A 58 0.78 12.07 23.45
C TYR A 58 0.11 10.76 23.79
N TYR A 59 -1.22 10.76 23.83
CA TYR A 59 -1.99 9.60 24.24
C TYR A 59 -2.96 9.18 23.15
N ASN A 60 -3.33 7.90 23.17
CA ASN A 60 -4.35 7.40 22.27
C ASN A 60 -5.68 8.08 22.58
N PRO A 61 -6.45 8.48 21.57
CA PRO A 61 -7.70 9.22 21.84
C PRO A 61 -8.68 8.45 22.70
N SER A 62 -8.76 7.13 22.54
CA SER A 62 -9.70 6.33 23.33
C SER A 62 -9.29 6.19 24.78
N LEU A 63 -8.07 6.55 25.14
CA LEU A 63 -7.59 6.47 26.51
C LEU A 63 -7.31 7.83 27.13
N ARG A 64 -7.47 8.91 26.37
CA ARG A 64 -7.04 10.23 26.81
C ARG A 64 -7.77 10.69 28.05
N SER A 65 -8.96 10.16 28.32
CA SER A 65 -9.76 10.63 29.45
C SER A 65 -9.26 10.09 30.79
N ARG A 66 -8.63 8.92 30.81
CA ARG A 66 -8.30 8.27 32.08
C ARG A 66 -6.86 7.78 32.13
N ILE A 67 -5.99 8.26 31.25
CA ILE A 67 -4.60 7.80 31.21
C ILE A 67 -3.69 8.92 31.70
N SER A 68 -2.50 8.52 32.13
CA SER A 68 -1.48 9.46 32.59
C SER A 68 -0.14 8.77 32.51
N ILE A 69 0.84 9.45 31.91
CA ILE A 69 2.20 8.93 31.80
C ILE A 69 3.14 10.01 32.31
N THR A 70 3.80 9.74 33.43
CA THR A 70 4.73 10.66 34.06
C THR A 70 6.12 10.02 34.08
N ARG A 71 7.10 10.77 34.59
CA ARG A 71 8.48 10.30 34.60
C ARG A 71 9.21 10.86 35.81
N ASP A 72 10.39 10.29 36.06
CA ASP A 72 11.29 10.75 37.12
C ASP A 72 12.71 10.64 36.57
N THR A 73 13.28 11.77 36.14
CA THR A 73 14.57 11.75 35.48
C THR A 73 15.70 11.40 36.43
N SER A 74 15.58 11.77 37.71
CA SER A 74 16.63 11.44 38.67
C SER A 74 16.74 9.93 38.86
N LYS A 75 15.59 9.25 38.99
CA LYS A 75 15.57 7.79 39.06
C LYS A 75 15.67 7.13 37.69
N ASN A 76 15.50 7.90 36.60
CA ASN A 76 15.46 7.35 35.24
C ASN A 76 14.32 6.33 35.10
N HIS A 77 13.18 6.65 35.67
CA HIS A 77 11.98 5.84 35.59
C HIS A 77 10.85 6.66 34.99
N TYR A 78 9.92 6.00 34.32
CA TYR A 78 8.67 6.64 33.91
C TYR A 78 7.52 5.71 34.23
N TYR A 79 6.34 6.31 34.47
CA TYR A 79 5.22 5.62 35.08
C TYR A 79 3.99 5.66 34.19
N LEU A 80 3.11 4.69 34.38
CA LEU A 80 1.83 4.60 33.69
C LEU A 80 0.73 4.55 34.74
N GLN A 81 -0.33 5.33 34.53
CA GLN A 81 -1.50 5.33 35.39
C GLN A 81 -2.75 5.25 34.54
N LEU A 82 -3.67 4.36 34.89
CA LEU A 82 -4.93 4.20 34.20
C LEU A 82 -6.06 4.21 35.22
N ASN A 83 -6.91 5.23 35.13
CA ASN A 83 -8.00 5.42 36.08
C ASN A 83 -9.28 4.74 35.60
N SER A 84 -10.15 4.43 36.56
CA SER A 84 -11.49 3.89 36.29
C SER A 84 -11.42 2.66 35.39
N VAL A 85 -10.56 1.71 35.76
CA VAL A 85 -10.36 0.52 34.95
C VAL A 85 -11.59 -0.38 35.01
N THR A 86 -11.83 -1.10 33.93
CA THR A 86 -12.89 -2.09 33.83
C THR A 86 -12.27 -3.41 33.37
N THR A 87 -13.10 -4.44 33.23
CA THR A 87 -12.59 -5.73 32.80
C THR A 87 -11.97 -5.66 31.40
N GLU A 88 -12.40 -4.69 30.58
CA GLU A 88 -11.82 -4.51 29.26
C GLU A 88 -10.38 -4.03 29.30
N ASP A 89 -9.85 -3.69 30.47
CA ASP A 89 -8.47 -3.27 30.63
C ASP A 89 -7.53 -4.40 31.02
N THR A 90 -8.05 -5.63 31.16
CA THR A 90 -7.20 -6.78 31.44
C THR A 90 -6.34 -7.09 30.21
N ALA A 91 -5.03 -6.94 30.35
CA ALA A 91 -4.12 -7.12 29.23
C ALA A 91 -2.70 -7.28 29.76
N THR A 92 -1.77 -7.51 28.83
CA THR A 92 -0.34 -7.55 29.14
C THR A 92 0.28 -6.23 28.71
N TYR A 93 0.80 -5.48 29.68
CA TYR A 93 1.28 -4.12 29.45
C TYR A 93 2.79 -4.13 29.23
N TYR A 94 3.23 -3.47 28.16
CA TYR A 94 4.63 -3.34 27.82
C TYR A 94 5.06 -1.89 27.88
N CYS A 95 6.32 -1.65 28.24
CA CYS A 95 6.94 -0.35 28.09
C CYS A 95 8.07 -0.48 27.11
N ALA A 96 8.16 0.45 26.16
CA ALA A 96 9.13 0.34 25.08
C ALA A 96 9.65 1.72 24.71
N ARG A 97 10.87 1.76 24.21
CA ARG A 97 11.50 2.99 23.77
C ARG A 97 11.29 3.15 22.27
N LEU A 98 10.96 4.37 21.86
CA LEU A 98 10.90 4.73 20.45
C LEU A 98 12.17 5.49 20.12
N SER A 99 12.97 4.94 19.21
CA SER A 99 14.25 5.53 18.87
C SER A 99 14.05 6.77 18.01
N ASP A 100 14.90 7.77 18.22
CA ASP A 100 14.88 8.94 17.36
C ASP A 100 15.35 8.60 15.95
N SER A 101 16.32 7.69 15.83
CA SER A 101 16.84 7.32 14.51
C SER A 101 15.89 6.40 13.77
N LEU A 102 15.37 5.37 14.45
CA LEU A 102 14.50 4.40 13.79
C LEU A 102 13.10 4.94 13.56
N TYR A 103 12.62 5.83 14.43
CA TYR A 103 11.24 6.32 14.48
C TYR A 103 10.25 5.21 14.78
N ALA A 104 10.73 4.06 15.26
CA ALA A 104 9.89 2.95 15.69
C ALA A 104 10.37 2.47 17.04
N MET A 105 9.58 1.58 17.66
CA MET A 105 9.90 1.05 18.99
C MET A 105 10.77 -0.20 18.84
N ASP A 106 12.01 -0.10 19.28
CA ASP A 106 13.02 -1.13 19.05
C ASP A 106 13.42 -1.89 20.30
N CYS A 107 13.22 -1.33 21.50
CA CYS A 107 13.58 -1.98 22.75
C CYS A 107 12.35 -2.05 23.64
N TRP A 108 12.01 -3.27 24.08
CA TRP A 108 10.78 -3.50 24.83
C TRP A 108 11.11 -4.20 26.15
N GLY A 109 10.16 -4.11 27.09
CA GLY A 109 10.20 -4.93 28.27
C GLY A 109 9.45 -6.24 28.06
N GLN A 110 9.71 -7.20 28.97
CA GLN A 110 9.06 -8.51 28.86
C GLN A 110 7.56 -8.45 29.09
N GLY A 111 7.06 -7.39 29.71
CA GLY A 111 5.63 -7.24 29.92
C GLY A 111 5.20 -7.81 31.27
N THR A 112 4.10 -7.25 31.78
CA THR A 112 3.51 -7.70 33.04
C THR A 112 2.01 -7.84 32.85
N SER A 113 1.45 -8.94 33.34
CA SER A 113 0.03 -9.22 33.22
C SER A 113 -0.76 -8.55 34.33
N VAL A 114 -1.81 -7.82 33.94
CA VAL A 114 -2.69 -7.12 34.86
C VAL A 114 -4.11 -7.59 34.62
N THR A 115 -4.80 -7.97 35.70
CA THR A 115 -6.19 -8.44 35.64
C THR A 115 -7.07 -7.48 36.42
N VAL A 116 -8.18 -7.08 35.83
CA VAL A 116 -9.14 -6.19 36.47
C VAL A 116 -10.33 -7.03 36.91
N SER A 117 -10.51 -7.15 38.22
CA SER A 117 -11.60 -7.94 38.77
C SER A 117 -11.79 -7.57 40.24
N SER A 118 -13.00 -7.82 40.74
CA SER A 118 -13.29 -7.58 42.14
C SER A 118 -13.04 -8.80 43.02
N ALA A 119 -12.71 -9.94 42.43
CA ALA A 119 -12.41 -11.14 43.20
C ALA A 119 -11.01 -11.07 43.78
N SER A 120 -10.86 -11.65 44.96
CA SER A 120 -9.58 -11.63 45.66
C SER A 120 -8.66 -12.71 45.09
N THR A 121 -7.38 -12.60 45.43
CA THR A 121 -6.41 -13.58 44.96
C THR A 121 -6.66 -14.93 45.63
N LYS A 122 -6.17 -15.99 44.99
CA LYS A 122 -6.40 -17.34 45.50
C LYS A 122 -5.32 -18.26 44.97
N GLY A 123 -4.72 -19.03 45.88
CA GLY A 123 -3.65 -19.94 45.53
C GLY A 123 -4.14 -21.18 44.83
N PRO A 124 -3.25 -21.82 44.06
CA PRO A 124 -3.65 -23.00 43.28
C PRO A 124 -3.41 -24.31 44.03
N SER A 125 -4.32 -25.26 43.79
CA SER A 125 -4.11 -26.63 44.20
C SER A 125 -3.34 -27.36 43.11
N VAL A 126 -2.37 -28.17 43.51
CA VAL A 126 -1.51 -28.89 42.57
C VAL A 126 -1.73 -30.38 42.76
N PHE A 127 -2.25 -31.03 41.71
CA PHE A 127 -2.52 -32.46 41.73
C PHE A 127 -1.62 -33.18 40.72
N PRO A 128 -1.19 -34.39 41.02
CA PRO A 128 -0.31 -35.11 40.10
C PRO A 128 -1.08 -35.80 38.98
N LEU A 129 -0.44 -35.84 37.82
CA LEU A 129 -0.90 -36.64 36.67
C LEU A 129 0.05 -37.83 36.59
N ALA A 130 -0.31 -38.89 37.29
CA ALA A 130 0.62 -40.01 37.48
C ALA A 130 0.84 -40.77 36.18
N PRO A 131 2.08 -41.08 35.82
CA PRO A 131 2.32 -41.90 34.64
C PRO A 131 1.94 -43.35 34.89
N SER A 132 1.43 -43.99 33.84
CA SER A 132 0.99 -45.37 33.92
C SER A 132 1.04 -45.97 32.51
N SER A 133 0.52 -47.19 32.37
CA SER A 133 0.48 -47.83 31.07
C SER A 133 -0.38 -47.05 30.08
N LYS A 134 -1.35 -46.30 30.59
CA LYS A 134 -2.19 -45.46 29.74
C LYS A 134 -1.50 -44.18 29.31
N SER A 135 -0.29 -43.92 29.79
CA SER A 135 0.50 -42.76 29.36
C SER A 135 1.85 -43.16 28.78
N THR A 136 2.07 -44.45 28.53
CA THR A 136 3.31 -44.94 27.95
C THR A 136 3.07 -45.37 26.50
N SER A 137 4.05 -45.09 25.65
CA SER A 137 3.99 -45.50 24.25
C SER A 137 5.41 -45.62 23.73
N GLY A 138 5.80 -46.83 23.36
CA GLY A 138 7.19 -47.06 22.97
C GLY A 138 8.07 -47.03 24.19
N GLY A 139 9.13 -46.22 24.13
CA GLY A 139 10.02 -46.06 25.25
C GLY A 139 9.88 -44.72 25.93
N THR A 140 8.69 -44.13 25.85
CA THR A 140 8.43 -42.80 26.39
C THR A 140 7.16 -42.83 27.22
N ALA A 141 7.17 -42.08 28.33
CA ALA A 141 6.05 -42.02 29.25
C ALA A 141 5.67 -40.58 29.52
N ALA A 142 4.38 -40.33 29.70
CA ALA A 142 3.84 -38.99 29.92
C ALA A 142 3.39 -38.83 31.37
N LEU A 143 3.73 -37.68 31.95
CA LEU A 143 3.31 -37.34 33.30
C LEU A 143 3.20 -35.83 33.39
N GLY A 144 2.61 -35.35 34.48
CA GLY A 144 2.46 -33.92 34.63
C GLY A 144 1.79 -33.56 35.93
N CYS A 145 1.43 -32.27 36.04
CA CYS A 145 0.81 -31.69 37.21
C CYS A 145 -0.42 -30.90 36.79
N LEU A 146 -1.49 -31.02 37.57
CA LEU A 146 -2.72 -30.27 37.34
C LEU A 146 -2.75 -29.09 38.30
N VAL A 147 -2.58 -27.89 37.77
CA VAL A 147 -2.61 -26.66 38.55
C VAL A 147 -4.00 -26.06 38.39
N LYS A 148 -4.85 -26.27 39.39
CA LYS A 148 -6.27 -25.97 39.30
C LYS A 148 -6.67 -24.92 40.33
N ASP A 149 -7.62 -24.07 39.94
CA ASP A 149 -8.29 -23.13 40.83
C ASP A 149 -7.33 -22.07 41.38
N TYR A 150 -6.82 -21.20 40.50
CA TYR A 150 -6.03 -20.05 40.91
C TYR A 150 -6.57 -18.80 40.25
N PHE A 151 -6.24 -17.66 40.84
CA PHE A 151 -6.67 -16.36 40.32
C PHE A 151 -5.83 -15.26 40.95
N PRO A 152 -5.34 -14.29 40.15
CA PRO A 152 -5.50 -14.26 38.70
C PRO A 152 -4.28 -14.83 37.98
N GLU A 153 -4.18 -14.57 36.67
CA GLU A 153 -2.99 -14.91 35.92
C GLU A 153 -1.80 -14.11 36.44
N PRO A 154 -0.57 -14.61 36.25
CA PRO A 154 -0.23 -15.90 35.63
C PRO A 154 0.31 -16.93 36.61
N VAL A 155 0.52 -18.15 36.11
CA VAL A 155 1.19 -19.21 36.85
C VAL A 155 2.31 -19.75 35.98
N THR A 156 3.51 -19.82 36.54
CA THR A 156 4.66 -20.37 35.84
C THR A 156 4.96 -21.77 36.36
N VAL A 157 5.23 -22.70 35.45
CA VAL A 157 5.50 -24.09 35.81
C VAL A 157 6.83 -24.48 35.19
N SER A 158 7.74 -24.97 36.03
CA SER A 158 9.00 -25.56 35.60
C SER A 158 9.10 -26.97 36.15
N TRP A 159 10.03 -27.75 35.61
CA TRP A 159 10.25 -29.14 36.01
C TRP A 159 11.68 -29.31 36.49
N ASN A 160 11.81 -29.84 37.71
CA ASN A 160 13.12 -30.05 38.35
C ASN A 160 13.92 -28.77 38.41
N SER A 161 13.25 -27.69 38.84
CA SER A 161 13.87 -26.38 39.04
C SER A 161 14.52 -25.86 37.76
N GLY A 162 13.92 -26.15 36.62
CA GLY A 162 14.44 -25.70 35.34
C GLY A 162 15.43 -26.63 34.68
N ALA A 163 15.86 -27.69 35.36
CA ALA A 163 16.80 -28.63 34.77
C ALA A 163 16.16 -29.46 33.66
N LEU A 164 14.87 -29.76 33.80
CA LEU A 164 14.14 -30.55 32.82
C LEU A 164 13.28 -29.60 31.98
N THR A 165 13.69 -29.40 30.73
CA THR A 165 12.98 -28.53 29.80
C THR A 165 12.52 -29.22 28.52
N SER A 166 13.26 -30.23 28.05
CA SER A 166 12.89 -30.92 26.82
C SER A 166 11.62 -31.74 27.03
N GLY A 167 10.68 -31.60 26.10
CA GLY A 167 9.44 -32.34 26.15
C GLY A 167 8.40 -31.78 27.09
N VAL A 168 8.61 -30.58 27.62
CA VAL A 168 7.67 -29.94 28.54
C VAL A 168 6.64 -29.16 27.72
N HIS A 169 5.36 -29.36 28.03
CA HIS A 169 4.27 -28.63 27.40
C HIS A 169 3.40 -28.01 28.49
N THR A 170 3.55 -26.70 28.71
CA THR A 170 2.71 -25.96 29.64
C THR A 170 1.59 -25.32 28.83
N PHE A 171 0.37 -25.80 29.02
CA PHE A 171 -0.75 -25.37 28.20
C PHE A 171 -1.24 -23.99 28.61
N PRO A 172 -1.84 -23.25 27.67
CA PRO A 172 -2.51 -21.99 28.05
C PRO A 172 -3.64 -22.27 29.02
N ALA A 173 -3.77 -21.39 30.01
CA ALA A 173 -4.78 -21.57 31.05
C ALA A 173 -6.18 -21.40 30.47
N VAL A 174 -7.15 -22.06 31.11
CA VAL A 174 -8.55 -21.92 30.73
C VAL A 174 -9.30 -21.31 31.90
N LEU A 175 -10.33 -20.53 31.57
CA LEU A 175 -11.18 -19.90 32.57
C LEU A 175 -12.38 -20.80 32.82
N GLN A 176 -12.46 -21.35 34.03
CA GLN A 176 -13.56 -22.23 34.40
C GLN A 176 -14.82 -21.42 34.73
N SER A 177 -15.94 -22.14 34.86
CA SER A 177 -17.21 -21.50 35.16
C SER A 177 -17.28 -20.91 36.56
N SER A 178 -16.35 -21.27 37.43
CA SER A 178 -16.32 -20.74 38.79
C SER A 178 -15.59 -19.41 38.89
N GLY A 179 -14.98 -18.94 37.81
CA GLY A 179 -14.20 -17.72 37.82
C GLY A 179 -12.71 -17.92 38.09
N LEU A 180 -12.29 -19.13 38.41
CA LEU A 180 -10.89 -19.46 38.67
C LEU A 180 -10.25 -20.05 37.42
N TYR A 181 -8.94 -19.90 37.30
CA TYR A 181 -8.22 -20.44 36.17
C TYR A 181 -7.66 -21.82 36.49
N SER A 182 -7.51 -22.63 35.46
CA SER A 182 -6.96 -23.97 35.61
C SER A 182 -6.09 -24.28 34.41
N LEU A 183 -4.92 -24.88 34.69
CA LEU A 183 -3.95 -25.18 33.65
C LEU A 183 -3.34 -26.54 33.96
N SER A 184 -2.75 -27.16 32.93
CA SER A 184 -2.08 -28.44 33.08
C SER A 184 -0.73 -28.37 32.38
N SER A 185 0.29 -28.95 33.03
CA SER A 185 1.64 -28.98 32.48
C SER A 185 2.11 -30.43 32.45
N VAL A 186 2.50 -30.90 31.27
CA VAL A 186 2.91 -32.28 31.08
C VAL A 186 4.33 -32.33 30.53
N VAL A 187 4.93 -33.50 30.61
CA VAL A 187 6.28 -33.74 30.09
C VAL A 187 6.42 -35.21 29.76
N THR A 188 7.02 -35.50 28.61
CA THR A 188 7.24 -36.87 28.16
C THR A 188 8.70 -37.23 28.36
N VAL A 189 8.92 -38.33 29.08
CA VAL A 189 10.28 -38.73 29.47
C VAL A 189 10.47 -40.19 29.09
N PRO A 190 11.73 -40.63 28.97
CA PRO A 190 11.98 -42.06 28.70
C PRO A 190 11.44 -42.92 29.84
N SER A 191 10.70 -43.98 29.45
CA SER A 191 10.05 -44.83 30.43
C SER A 191 11.02 -45.62 31.29
N SER A 192 12.26 -45.78 30.83
CA SER A 192 13.27 -46.51 31.59
C SER A 192 13.87 -45.68 32.72
N SER A 193 13.49 -44.41 32.85
CA SER A 193 14.05 -43.52 33.87
C SER A 193 13.11 -43.28 35.03
N LEU A 194 11.92 -43.88 35.02
CA LEU A 194 10.95 -43.69 36.09
C LEU A 194 11.46 -44.27 37.41
N GLN A 197 14.98 -41.57 38.07
CA GLN A 197 14.99 -40.10 38.05
C GLN A 197 13.76 -39.53 38.75
N THR A 198 13.97 -38.47 39.52
CA THR A 198 12.89 -37.81 40.25
C THR A 198 12.33 -36.67 39.40
N TYR A 199 11.01 -36.62 39.29
CA TYR A 199 10.32 -35.59 38.53
C TYR A 199 9.47 -34.76 39.49
N ILE A 200 9.75 -33.46 39.56
CA ILE A 200 9.03 -32.54 40.43
C ILE A 200 8.66 -31.30 39.64
N CYS A 201 7.39 -30.93 39.67
CA CYS A 201 6.93 -29.71 39.02
C CYS A 201 6.95 -28.56 40.02
N ASN A 202 7.43 -27.40 39.57
CA ASN A 202 7.56 -26.21 40.40
C ASN A 202 6.49 -25.21 39.97
N VAL A 203 5.46 -25.04 40.80
CA VAL A 203 4.35 -24.15 40.52
C VAL A 203 4.53 -22.86 41.30
N ASN A 204 4.52 -21.74 40.59
CA ASN A 204 4.67 -20.42 41.21
C ASN A 204 3.49 -19.53 40.81
N HIS A 205 2.83 -18.96 41.81
CA HIS A 205 1.73 -18.02 41.59
C HIS A 205 2.06 -16.77 42.40
N LYS A 206 2.81 -15.85 41.77
CA LYS A 206 3.22 -14.64 42.46
C LYS A 206 2.07 -13.77 42.97
N PRO A 207 0.94 -13.61 42.25
CA PRO A 207 -0.16 -12.79 42.80
C PRO A 207 -0.63 -13.19 44.19
N SER A 208 -0.50 -14.46 44.57
CA SER A 208 -0.92 -14.91 45.90
C SER A 208 0.25 -15.35 46.77
N ASN A 209 1.49 -15.14 46.31
CA ASN A 209 2.69 -15.55 47.04
C ASN A 209 2.65 -17.05 47.38
N THR A 210 2.27 -17.85 46.40
CA THR A 210 2.12 -19.28 46.57
C THR A 210 3.17 -20.01 45.72
N LYS A 211 3.91 -20.91 46.34
CA LYS A 211 4.91 -21.72 45.66
C LYS A 211 4.78 -23.15 46.13
N VAL A 212 4.49 -24.07 45.21
CA VAL A 212 4.22 -25.46 45.55
C VAL A 212 5.12 -26.35 44.69
N ASP A 213 5.86 -27.23 45.33
CA ASP A 213 6.63 -28.27 44.65
C ASP A 213 5.91 -29.60 44.84
N LYS A 214 5.52 -30.23 43.73
CA LYS A 214 4.77 -31.48 43.75
C LYS A 214 5.56 -32.55 43.03
N LYS A 215 5.84 -33.66 43.73
CA LYS A 215 6.56 -34.77 43.16
C LYS A 215 5.57 -35.72 42.48
N VAL A 216 5.85 -36.07 41.23
CA VAL A 216 5.00 -36.98 40.47
C VAL A 216 5.74 -38.30 40.36
N GLU A 217 5.29 -39.30 41.12
CA GLU A 217 5.85 -40.63 41.14
C GLU A 217 4.92 -41.62 40.45
N PRO A 218 5.47 -42.70 39.87
CA PRO A 218 4.64 -43.66 39.14
C PRO A 218 3.63 -44.34 40.05
N LYS A 219 2.54 -44.80 39.44
CA LYS A 219 1.47 -45.48 40.15
C LYS A 219 1.77 -46.97 40.31
N LEU B 3 -11.39 1.48 8.86
CA LEU B 3 -10.57 1.04 7.74
C LEU B 3 -9.13 1.50 7.88
N VAL B 4 -8.79 2.02 9.07
CA VAL B 4 -7.54 2.75 9.25
C VAL B 4 -6.35 1.89 8.86
N LEU B 5 -6.27 0.67 9.39
CA LEU B 5 -5.19 -0.25 9.03
C LEU B 5 -5.77 -1.63 8.81
N THR B 6 -5.63 -2.15 7.60
CA THR B 6 -6.11 -3.48 7.23
C THR B 6 -4.92 -4.36 6.85
N GLN B 7 -4.79 -5.50 7.51
CA GLN B 7 -3.74 -6.47 7.21
C GLN B 7 -4.31 -7.63 6.41
N SER B 8 -3.50 -8.16 5.50
CA SER B 8 -3.87 -9.30 4.69
C SER B 8 -2.63 -10.16 4.48
N PRO B 9 -2.75 -11.49 4.59
CA PRO B 9 -4.01 -12.17 4.92
C PRO B 9 -4.26 -12.21 6.43
N ALA B 10 -5.46 -12.62 6.83
CA ALA B 10 -5.73 -12.78 8.25
C ALA B 10 -4.95 -13.95 8.83
N SER B 11 -4.94 -15.08 8.11
CA SER B 11 -4.18 -16.25 8.49
C SER B 11 -3.48 -16.80 7.27
N LEU B 12 -2.34 -17.45 7.49
CA LEU B 12 -1.45 -17.89 6.41
C LEU B 12 -0.85 -19.23 6.78
N THR B 13 -0.70 -20.11 5.80
CA THR B 13 -0.15 -21.44 6.03
C THR B 13 0.85 -21.76 4.94
N VAL B 14 2.15 -21.72 5.27
CA VAL B 14 3.23 -21.85 4.30
C VAL B 14 4.16 -22.98 4.72
N SER B 15 4.68 -23.72 3.74
CA SER B 15 5.63 -24.78 3.99
C SER B 15 7.04 -24.22 4.18
N LEU B 16 7.91 -25.05 4.74
CA LEU B 16 9.29 -24.64 5.01
C LEU B 16 10.05 -24.38 3.71
N GLY B 17 10.97 -23.42 3.77
CA GLY B 17 11.80 -23.08 2.65
C GLY B 17 11.12 -22.33 1.53
N GLN B 18 9.85 -21.96 1.70
CA GLN B 18 9.07 -21.30 0.66
C GLN B 18 8.92 -19.81 0.98
N ARG B 19 8.04 -19.14 0.23
CA ARG B 19 7.87 -17.70 0.33
C ARG B 19 6.51 -17.36 0.93
N ALA B 20 6.52 -16.47 1.92
CA ALA B 20 5.30 -15.95 2.53
C ALA B 20 5.24 -14.45 2.31
N THR B 21 4.09 -13.97 1.83
CA THR B 21 3.90 -12.56 1.50
C THR B 21 2.68 -12.01 2.22
N MET B 22 2.86 -10.87 2.89
CA MET B 22 1.78 -10.22 3.63
C MET B 22 1.71 -8.75 3.24
N SER B 23 0.51 -8.18 3.36
CA SER B 23 0.25 -6.81 2.94
C SER B 23 -0.45 -6.05 4.06
N CYS B 24 -0.16 -4.76 4.13
CA CYS B 24 -0.76 -3.85 5.11
C CYS B 24 -1.30 -2.64 4.37
N ARG B 25 -2.60 -2.38 4.51
CA ARG B 25 -3.27 -1.30 3.79
C ARG B 25 -3.53 -0.13 4.73
N SER B 26 -3.13 1.06 4.30
CA SER B 26 -3.11 2.23 5.16
C SER B 26 -4.38 3.09 5.09
N SER B 27 -5.14 2.99 4.01
CA SER B 27 -6.36 3.78 3.80
C SER B 27 -6.10 5.27 3.62
N GLU B 28 -4.92 5.74 4.03
CA GLU B 28 -4.47 7.09 3.76
C GLU B 28 -2.98 7.14 4.03
N SER B 29 -2.28 7.99 3.28
CA SER B 29 -0.82 7.97 3.22
C SER B 29 -0.21 8.13 4.61
N VAL B 30 0.82 7.33 4.88
CA VAL B 30 1.63 7.46 6.09
C VAL B 30 2.99 8.05 5.76
N ASP B 31 3.12 8.71 4.62
CA ASP B 31 4.38 9.28 4.19
C ASP B 31 4.50 10.72 4.69
N ALA B 32 5.70 11.06 5.17
CA ALA B 32 5.97 12.41 5.62
C ALA B 32 7.48 12.61 5.63
N HIS B 33 7.93 13.74 5.06
CA HIS B 33 9.35 14.11 5.06
C HIS B 33 10.20 13.04 4.37
N GLY B 34 9.65 12.42 3.34
CA GLY B 34 10.38 11.41 2.60
C GLY B 34 10.51 10.07 3.29
N TYR B 35 9.73 9.83 4.34
CA TYR B 35 9.76 8.57 5.07
C TYR B 35 8.37 7.94 5.09
N SER B 36 8.34 6.61 5.10
CA SER B 36 7.11 5.84 5.24
C SER B 36 7.04 5.31 6.66
N PHE B 37 6.19 5.92 7.49
CA PHE B 37 6.11 5.55 8.90
C PHE B 37 5.22 4.32 9.06
N LEU B 38 5.74 3.20 8.57
CA LEU B 38 5.09 1.90 8.75
C LEU B 38 6.15 0.87 9.06
N HIS B 39 5.94 0.11 10.13
CA HIS B 39 6.92 -0.83 10.64
C HIS B 39 6.28 -2.19 10.83
N TRP B 40 7.08 -3.23 10.69
CA TRP B 40 6.62 -4.61 10.82
C TRP B 40 7.16 -5.20 12.11
N TYR B 41 6.28 -5.81 12.90
CA TYR B 41 6.63 -6.42 14.17
C TYR B 41 6.28 -7.90 14.14
N GLN B 42 7.13 -8.70 14.79
CA GLN B 42 6.89 -10.13 14.98
C GLN B 42 6.60 -10.37 16.45
N GLN B 43 5.51 -11.08 16.72
CA GLN B 43 5.09 -11.36 18.08
C GLN B 43 4.95 -12.86 18.28
N LYS B 44 5.68 -13.39 19.26
CA LYS B 44 5.63 -14.79 19.65
C LYS B 44 4.96 -14.93 21.01
N PRO B 45 4.48 -16.13 21.34
CA PRO B 45 3.83 -16.34 22.64
C PRO B 45 4.81 -16.14 23.80
N GLY B 46 4.33 -15.43 24.82
CA GLY B 46 5.15 -15.16 25.99
C GLY B 46 6.39 -14.34 25.72
N GLN B 47 6.33 -13.43 24.74
CA GLN B 47 7.44 -12.57 24.38
C GLN B 47 6.87 -11.25 23.89
N PRO B 48 7.62 -10.15 24.07
CA PRO B 48 7.15 -8.86 23.56
C PRO B 48 7.29 -8.78 22.05
N PRO B 49 6.59 -7.85 21.40
CA PRO B 49 6.76 -7.68 19.95
C PRO B 49 8.20 -7.30 19.60
N LYS B 50 8.68 -7.88 18.51
CA LYS B 50 10.05 -7.67 18.05
C LYS B 50 10.03 -6.91 16.74
N LEU B 51 10.79 -5.83 16.67
CA LEU B 51 10.85 -5.01 15.46
C LEU B 51 11.63 -5.73 14.37
N LEU B 52 10.98 -5.94 13.22
CA LEU B 52 11.62 -6.55 12.06
C LEU B 52 12.07 -5.51 11.04
N ILE B 53 11.12 -4.75 10.49
CA ILE B 53 11.40 -3.73 9.49
C ILE B 53 10.93 -2.39 10.05
N TYR B 54 11.80 -1.39 10.01
CA TYR B 54 11.43 -0.02 10.37
C TYR B 54 11.48 0.86 9.14
N LEU B 55 10.53 1.78 9.05
CA LEU B 55 10.41 2.70 7.93
C LEU B 55 10.26 1.94 6.61
N ALA B 56 9.32 0.99 6.61
CA ALA B 56 8.87 0.26 5.42
C ALA B 56 9.88 -0.72 4.83
N SER B 57 11.16 -0.35 4.74
CA SER B 57 12.08 -1.14 3.95
C SER B 57 13.45 -1.37 4.57
N ASN B 58 13.71 -0.93 5.79
CA ASN B 58 15.02 -1.08 6.40
C ASN B 58 15.00 -2.25 7.37
N LEU B 59 16.02 -3.11 7.28
CA LEU B 59 16.09 -4.30 8.12
C LEU B 59 16.73 -3.95 9.47
N GLU B 60 16.05 -4.31 10.55
CA GLU B 60 16.55 -4.03 11.89
C GLU B 60 17.74 -4.92 12.23
N SER B 61 18.63 -4.40 13.06
CA SER B 61 19.82 -5.14 13.46
C SER B 61 19.44 -6.44 14.15
N GLY B 62 20.15 -7.51 13.79
CA GLY B 62 19.90 -8.82 14.34
C GLY B 62 18.79 -9.59 13.68
N VAL B 63 18.08 -9.00 12.72
CA VAL B 63 17.00 -9.67 12.02
C VAL B 63 17.57 -10.28 10.75
N PRO B 64 17.26 -11.54 10.45
CA PRO B 64 17.85 -12.19 9.26
C PRO B 64 17.45 -11.49 7.97
N ALA B 65 18.29 -11.68 6.95
CA ALA B 65 18.04 -11.10 5.63
C ALA B 65 16.83 -11.68 4.94
N ARG B 66 16.24 -12.76 5.47
CA ARG B 66 15.02 -13.33 4.90
C ARG B 66 13.85 -12.37 4.98
N PHE B 67 13.86 -11.43 5.90
CA PHE B 67 12.78 -10.45 6.04
C PHE B 67 13.09 -9.22 5.19
N SER B 68 12.09 -8.76 4.43
CA SER B 68 12.26 -7.57 3.61
C SER B 68 10.93 -6.83 3.47
N GLY B 69 11.02 -5.53 3.28
CA GLY B 69 9.85 -4.70 3.12
C GLY B 69 10.05 -3.74 1.96
N SER B 70 8.94 -3.33 1.34
CA SER B 70 9.06 -2.46 0.17
C SER B 70 7.89 -1.53 -0.11
N GLY B 71 6.90 -1.43 0.75
CA GLY B 71 5.72 -0.65 0.44
C GLY B 71 5.96 0.85 0.35
N SER B 72 4.97 1.54 -0.21
CA SER B 72 4.99 2.99 -0.30
C SER B 72 3.59 3.54 -0.07
N ARG B 73 3.51 4.87 0.01
CA ARG B 73 2.35 5.68 0.36
C ARG B 73 1.24 5.00 1.18
N THR B 74 0.52 4.05 0.58
CA THR B 74 -0.60 3.39 1.26
C THR B 74 -0.57 1.87 1.17
N ASP B 75 0.38 1.30 0.42
CA ASP B 75 0.46 -0.14 0.20
C ASP B 75 1.83 -0.59 0.69
N PHE B 76 1.85 -1.56 1.60
CA PHE B 76 3.09 -2.09 2.16
C PHE B 76 3.06 -3.61 2.12
N THR B 77 4.25 -4.20 2.02
CA THR B 77 4.40 -5.64 1.89
C THR B 77 5.57 -6.14 2.71
N LEU B 78 5.35 -7.23 3.45
CA LEU B 78 6.40 -7.91 4.19
C LEU B 78 6.60 -9.30 3.58
N THR B 79 7.84 -9.63 3.24
CA THR B 79 8.15 -10.88 2.56
C THR B 79 9.10 -11.71 3.42
N ILE B 80 8.75 -12.97 3.63
CA ILE B 80 9.60 -13.92 4.33
C ILE B 80 9.98 -15.01 3.34
N ASP B 81 11.28 -15.11 3.03
CA ASP B 81 11.76 -16.03 2.02
C ASP B 81 13.23 -16.33 2.23
N PRO B 82 13.59 -17.58 2.58
CA PRO B 82 12.65 -18.70 2.76
C PRO B 82 12.07 -18.76 4.17
N VAL B 83 10.87 -19.32 4.30
CA VAL B 83 10.24 -19.44 5.61
C VAL B 83 10.95 -20.53 6.41
N GLU B 84 11.19 -20.25 7.69
CA GLU B 84 11.80 -21.20 8.60
C GLU B 84 10.80 -21.62 9.65
N ALA B 85 11.14 -22.70 10.37
CA ALA B 85 10.24 -23.18 11.42
C ALA B 85 10.08 -22.17 12.54
N ASP B 86 11.12 -21.39 12.82
CA ASP B 86 11.06 -20.38 13.87
C ASP B 86 10.17 -19.20 13.50
N ASP B 87 9.80 -19.05 12.23
CA ASP B 87 9.02 -17.92 11.77
C ASP B 87 7.53 -18.02 12.12
N ALA B 88 7.10 -19.13 12.71
CA ALA B 88 5.69 -19.29 13.07
C ALA B 88 5.34 -18.33 14.20
N ALA B 89 4.61 -17.28 13.88
CA ALA B 89 4.24 -16.25 14.84
C ALA B 89 3.15 -15.38 14.20
N THR B 90 2.79 -14.31 14.89
CA THR B 90 1.85 -13.31 14.39
C THR B 90 2.61 -12.04 14.08
N TYR B 91 2.38 -11.47 12.90
CA TYR B 91 3.09 -10.29 12.44
C TYR B 91 2.12 -9.12 12.32
N SER B 92 2.54 -7.95 12.79
CA SER B 92 1.70 -6.76 12.83
C SER B 92 2.43 -5.59 12.21
N CYS B 93 1.69 -4.73 11.52
CA CYS B 93 2.22 -3.49 11.00
C CYS B 93 1.77 -2.33 11.89
N LEU B 94 2.68 -1.37 12.12
CA LEU B 94 2.43 -0.22 12.97
C LEU B 94 2.52 1.05 12.14
N LYS B 95 1.53 1.93 12.31
CA LYS B 95 1.48 3.22 11.62
C LYS B 95 1.63 4.33 12.66
N ASN B 96 2.64 5.19 12.48
CA ASN B 96 2.93 6.22 13.46
C ASN B 96 3.30 7.55 12.80
N ASN B 97 2.75 7.84 11.63
CA ASN B 97 3.03 9.12 10.98
C ASN B 97 2.27 10.26 11.67
N GLU B 98 1.02 10.02 12.05
CA GLU B 98 0.18 11.02 12.69
C GLU B 98 -0.75 10.34 13.67
N ASP B 99 -1.50 11.15 14.41
CA ASP B 99 -2.55 10.62 15.27
C ASP B 99 -3.67 10.06 14.40
N PRO B 100 -4.20 8.87 14.70
CA PRO B 100 -3.80 8.01 15.82
C PRO B 100 -2.81 6.91 15.44
N TRP B 101 -1.87 6.62 16.35
CA TRP B 101 -0.98 5.49 16.15
C TRP B 101 -1.75 4.20 16.38
N THR B 102 -1.80 3.34 15.36
CA THR B 102 -2.61 2.13 15.41
C THR B 102 -1.77 0.93 14.99
N PHE B 103 -2.23 -0.25 15.41
CA PHE B 103 -1.65 -1.52 14.99
C PHE B 103 -2.63 -2.24 14.07
N GLY B 104 -2.07 -3.07 13.19
CA GLY B 104 -2.91 -3.90 12.36
C GLY B 104 -3.48 -5.07 13.12
N GLY B 105 -4.50 -5.69 12.54
CA GLY B 105 -5.10 -6.85 13.18
C GLY B 105 -4.14 -8.00 13.34
N GLY B 106 -3.12 -8.07 12.49
CA GLY B 106 -2.13 -9.10 12.56
C GLY B 106 -2.34 -10.17 11.50
N THR B 107 -1.24 -10.87 11.18
CA THR B 107 -1.26 -11.98 10.23
C THR B 107 -0.68 -13.19 10.95
N LYS B 108 -1.51 -14.22 11.13
CA LYS B 108 -1.07 -15.44 11.81
C LYS B 108 -0.50 -16.39 10.76
N LEU B 109 0.80 -16.64 10.84
CA LEU B 109 1.50 -17.50 9.90
C LEU B 109 1.72 -18.87 10.53
N GLU B 110 1.27 -19.91 9.83
CA GLU B 110 1.40 -21.28 10.30
C GLU B 110 2.28 -22.07 9.35
N ILE B 111 3.15 -22.90 9.91
CA ILE B 111 4.07 -23.74 9.14
C ILE B 111 3.36 -25.03 8.76
N THR B 112 3.59 -25.50 7.54
CA THR B 112 3.05 -26.76 7.05
C THR B 112 4.15 -27.81 7.03
N ARG B 113 3.83 -29.00 7.53
CA ARG B 113 4.78 -30.10 7.58
C ARG B 113 4.02 -31.39 7.30
N ALA B 114 4.76 -32.50 7.27
CA ALA B 114 4.15 -33.80 7.11
C ALA B 114 3.29 -34.12 8.33
N ASP B 115 2.25 -34.92 8.11
CA ASP B 115 1.35 -35.28 9.20
C ASP B 115 2.09 -36.04 10.29
N ALA B 116 1.75 -35.75 11.54
CA ALA B 116 2.29 -36.43 12.69
C ALA B 116 1.14 -36.88 13.57
N ALA B 117 1.07 -38.19 13.82
CA ALA B 117 -0.03 -38.70 14.62
C ALA B 117 0.16 -38.33 16.09
N PRO B 118 -0.91 -37.98 16.80
CA PRO B 118 -0.77 -37.65 18.22
C PRO B 118 -0.58 -38.89 19.07
N THR B 119 0.22 -38.75 20.11
CA THR B 119 0.39 -39.80 21.12
C THR B 119 -0.59 -39.54 22.25
N VAL B 120 -1.57 -40.42 22.40
CA VAL B 120 -2.71 -40.17 23.28
C VAL B 120 -2.41 -40.77 24.65
N SER B 121 -2.72 -40.00 25.70
CA SER B 121 -2.59 -40.45 27.08
C SER B 121 -3.80 -39.98 27.85
N ILE B 122 -4.19 -40.75 28.87
CA ILE B 122 -5.29 -40.41 29.75
C ILE B 122 -4.83 -40.54 31.19
N PHE B 123 -5.29 -39.64 32.05
CA PHE B 123 -4.87 -39.60 33.44
C PHE B 123 -6.11 -39.62 34.33
N PRO B 124 -6.28 -40.62 35.19
CA PRO B 124 -7.39 -40.61 36.15
C PRO B 124 -7.22 -39.50 37.17
N PRO B 125 -8.30 -39.05 37.81
CA PRO B 125 -8.17 -38.01 38.83
C PRO B 125 -7.40 -38.52 40.04
N SER B 126 -6.58 -37.64 40.61
CA SER B 126 -5.75 -37.99 41.75
C SER B 126 -6.61 -38.18 43.00
N SER B 127 -6.08 -38.98 43.94
CA SER B 127 -6.81 -39.23 45.18
C SER B 127 -6.94 -37.97 46.04
N GLU B 128 -5.97 -37.06 45.98
CA GLU B 128 -6.06 -35.83 46.75
C GLU B 128 -7.23 -34.97 46.29
N GLN B 129 -7.51 -34.95 44.99
CA GLN B 129 -8.62 -34.15 44.46
C GLN B 129 -9.96 -34.83 44.71
N LEU B 130 -10.02 -36.16 44.63
CA LEU B 130 -11.28 -36.85 44.90
C LEU B 130 -11.75 -36.61 46.33
N THR B 131 -10.82 -36.46 47.27
CA THR B 131 -11.19 -36.15 48.65
C THR B 131 -11.87 -34.79 48.74
N SER B 132 -11.48 -33.84 47.88
CA SER B 132 -12.09 -32.52 47.91
C SER B 132 -13.54 -32.54 47.43
N GLY B 133 -13.85 -33.39 46.46
CA GLY B 133 -15.21 -33.50 45.98
C GLY B 133 -15.40 -33.14 44.52
N THR B 134 -14.32 -33.23 43.75
CA THR B 134 -14.34 -32.94 42.32
C THR B 134 -13.35 -33.87 41.64
N ALA B 135 -13.71 -34.35 40.44
CA ALA B 135 -12.85 -35.23 39.67
C ALA B 135 -12.52 -34.58 38.33
N SER B 136 -11.24 -34.56 37.99
CA SER B 136 -10.77 -34.01 36.72
C SER B 136 -10.04 -35.10 35.95
N VAL B 137 -10.59 -35.46 34.79
CA VAL B 137 -10.00 -36.46 33.91
C VAL B 137 -9.32 -35.73 32.76
N VAL B 138 -8.03 -36.00 32.55
CA VAL B 138 -7.21 -35.27 31.59
C VAL B 138 -6.82 -36.22 30.46
N CYS B 139 -7.08 -35.80 29.23
CA CYS B 139 -6.65 -36.52 28.03
C CYS B 139 -5.63 -35.67 27.30
N LEU B 140 -4.51 -36.28 26.90
CA LEU B 140 -3.39 -35.56 26.32
C LEU B 140 -3.16 -36.03 24.88
N LEU B 141 -3.09 -35.08 23.96
CA LEU B 141 -2.66 -35.33 22.58
C LEU B 141 -1.33 -34.60 22.38
N ASN B 142 -0.28 -35.38 22.09
CA ASN B 142 1.08 -34.86 22.13
C ASN B 142 1.72 -34.85 20.75
N ASN B 143 2.21 -33.68 20.34
CA ASN B 143 3.06 -33.50 19.16
C ASN B 143 2.41 -34.09 17.90
N PHE B 144 1.36 -33.40 17.46
CA PHE B 144 0.63 -33.79 16.27
C PHE B 144 0.52 -32.62 15.29
N TYR B 145 0.30 -32.97 14.02
CA TYR B 145 0.02 -32.00 12.96
C TYR B 145 -0.84 -32.71 11.92
N PRO B 146 -1.86 -32.04 11.36
CA PRO B 146 -2.25 -30.64 11.60
C PRO B 146 -2.95 -30.37 12.93
N ARG B 147 -3.31 -29.11 13.14
CA ARG B 147 -3.93 -28.71 14.40
C ARG B 147 -5.30 -29.35 14.58
N GLU B 148 -6.04 -29.51 13.49
CA GLU B 148 -7.41 -30.00 13.57
C GLU B 148 -7.45 -31.42 14.11
N ALA B 149 -8.21 -31.61 15.18
CA ALA B 149 -8.38 -32.92 15.79
C ALA B 149 -9.68 -32.90 16.58
N LYS B 150 -10.29 -34.08 16.70
CA LYS B 150 -11.55 -34.23 17.41
C LYS B 150 -11.33 -35.10 18.64
N VAL B 151 -11.73 -34.59 19.79
CA VAL B 151 -11.64 -35.31 21.06
C VAL B 151 -13.04 -35.43 21.64
N GLN B 152 -13.45 -36.66 21.94
CA GLN B 152 -14.78 -36.94 22.46
C GLN B 152 -14.65 -37.83 23.68
N TRP B 153 -15.32 -37.44 24.77
CA TRP B 153 -15.30 -38.22 25.99
C TRP B 153 -16.43 -39.24 25.96
N LYS B 154 -16.11 -40.48 26.34
CA LYS B 154 -17.09 -41.55 26.42
C LYS B 154 -17.07 -42.13 27.82
N VAL B 155 -18.16 -41.90 28.56
CA VAL B 155 -18.30 -42.35 29.94
C VAL B 155 -19.47 -43.33 29.97
N ASP B 156 -19.19 -44.59 30.35
CA ASP B 156 -20.18 -45.66 30.27
C ASP B 156 -20.78 -45.74 28.88
N ASN B 157 -19.92 -45.60 27.87
CA ASN B 157 -20.27 -45.67 26.45
C ASN B 157 -21.13 -44.49 26.02
N ALA B 158 -21.60 -43.71 26.98
CA ALA B 158 -22.31 -42.47 26.68
C ALA B 158 -21.31 -41.33 26.42
N LEU B 159 -21.69 -40.42 25.52
CA LEU B 159 -20.79 -39.36 25.08
C LEU B 159 -21.16 -38.07 25.79
N GLN B 160 -20.20 -37.49 26.49
CA GLN B 160 -20.42 -36.31 27.31
C GLN B 160 -20.44 -35.05 26.46
N SER B 161 -21.07 -34.01 27.00
CA SER B 161 -21.17 -32.72 26.32
C SER B 161 -21.33 -31.62 27.35
N GLY B 162 -20.57 -30.53 27.17
CA GLY B 162 -20.68 -29.37 28.02
C GLY B 162 -19.96 -29.45 29.35
N ASN B 163 -19.35 -30.60 29.67
CA ASN B 163 -18.63 -30.76 30.92
C ASN B 163 -17.13 -30.95 30.70
N SER B 164 -16.61 -30.49 29.56
CA SER B 164 -15.20 -30.63 29.25
C SER B 164 -14.68 -29.34 28.63
N GLN B 165 -13.41 -29.06 28.86
CA GLN B 165 -12.72 -27.93 28.28
C GLN B 165 -11.35 -28.39 27.79
N GLU B 166 -10.84 -27.73 26.75
CA GLU B 166 -9.56 -28.10 26.17
C GLU B 166 -8.81 -26.85 25.77
N SER B 167 -7.48 -26.95 25.76
CA SER B 167 -6.62 -25.88 25.30
C SER B 167 -5.50 -26.48 24.48
N VAL B 168 -5.01 -25.70 23.51
CA VAL B 168 -3.98 -26.14 22.57
C VAL B 168 -2.75 -25.27 22.75
N THR B 169 -1.58 -25.89 22.74
CA THR B 169 -0.36 -25.12 22.77
C THR B 169 -0.16 -24.43 21.43
N GLU B 170 0.71 -23.43 21.42
CA GLU B 170 1.07 -22.77 20.19
C GLU B 170 1.96 -23.67 19.34
N GLN B 171 2.06 -23.33 18.05
CA GLN B 171 2.86 -24.15 17.14
C GLN B 171 4.31 -24.16 17.58
N ASP B 172 4.88 -25.35 17.68
CA ASP B 172 6.24 -25.49 18.19
C ASP B 172 7.23 -24.82 17.25
N SER B 173 8.23 -24.17 17.84
CA SER B 173 9.21 -23.44 17.03
C SER B 173 10.16 -24.37 16.29
N LYS B 174 10.35 -25.59 16.78
CA LYS B 174 11.33 -26.49 16.17
C LYS B 174 10.70 -27.44 15.14
N ASP B 175 9.71 -28.22 15.57
CA ASP B 175 9.14 -29.27 14.72
C ASP B 175 7.73 -28.95 14.23
N SER B 176 7.24 -27.74 14.50
CA SER B 176 5.97 -27.25 13.94
C SER B 176 4.80 -28.16 14.28
N THR B 177 4.77 -28.68 15.51
CA THR B 177 3.70 -29.55 15.96
C THR B 177 2.83 -28.86 16.99
N TYR B 178 1.68 -29.48 17.27
CA TYR B 178 0.74 -29.00 18.27
C TYR B 178 0.55 -30.04 19.36
N SER B 179 0.17 -29.58 20.55
CA SER B 179 -0.18 -30.44 21.66
C SER B 179 -1.50 -29.97 22.25
N LEU B 180 -2.38 -30.92 22.55
CA LEU B 180 -3.71 -30.60 23.04
C LEU B 180 -3.99 -31.41 24.31
N SER B 181 -4.73 -30.80 25.24
CA SER B 181 -5.13 -31.45 26.48
C SER B 181 -6.61 -31.19 26.68
N SER B 182 -7.36 -32.25 26.96
CA SER B 182 -8.80 -32.17 27.23
C SER B 182 -9.05 -32.58 28.67
N THR B 183 -9.78 -31.75 29.41
CA THR B 183 -10.05 -31.97 30.82
C THR B 183 -11.54 -32.17 31.01
N LEU B 184 -11.93 -33.32 31.56
CA LEU B 184 -13.31 -33.62 31.88
C LEU B 184 -13.51 -33.44 33.39
N THR B 185 -14.38 -32.49 33.76
CA THR B 185 -14.59 -32.14 35.16
C THR B 185 -15.96 -32.61 35.61
N LEU B 186 -15.98 -33.41 36.68
CA LEU B 186 -17.21 -33.90 37.28
C LEU B 186 -17.13 -33.80 38.79
N SER B 187 -18.29 -33.76 39.43
CA SER B 187 -18.32 -33.84 40.88
C SER B 187 -17.92 -35.25 41.33
N LYS B 188 -17.53 -35.35 42.60
CA LYS B 188 -17.15 -36.66 43.14
C LYS B 188 -18.32 -37.64 43.03
N ALA B 189 -19.54 -37.16 43.22
CA ALA B 189 -20.71 -38.04 43.11
C ALA B 189 -20.86 -38.58 41.70
N ASP B 190 -20.76 -37.72 40.69
CA ASP B 190 -20.89 -38.17 39.30
C ASP B 190 -19.76 -39.11 38.91
N TYR B 191 -18.55 -38.88 39.43
CA TYR B 191 -17.43 -39.73 39.06
C TYR B 191 -17.63 -41.15 39.58
N GLU B 192 -18.20 -41.29 40.77
CA GLU B 192 -18.40 -42.60 41.39
C GLU B 192 -19.64 -43.32 40.85
N LYS B 193 -20.35 -42.72 39.89
CA LYS B 193 -21.51 -43.34 39.26
C LYS B 193 -21.16 -44.10 38.00
N HIS B 194 -19.91 -44.04 37.56
CA HIS B 194 -19.49 -44.65 36.31
C HIS B 194 -18.18 -45.39 36.54
N LYS B 195 -17.92 -46.37 35.68
CA LYS B 195 -16.73 -47.19 35.81
C LYS B 195 -15.71 -46.96 34.71
N VAL B 196 -16.15 -46.78 33.47
CA VAL B 196 -15.27 -46.66 32.31
C VAL B 196 -15.26 -45.21 31.84
N TYR B 197 -14.06 -44.66 31.68
CA TYR B 197 -13.85 -43.32 31.15
C TYR B 197 -12.92 -43.41 29.96
N ALA B 198 -13.40 -43.01 28.79
CA ALA B 198 -12.69 -43.20 27.53
C ALA B 198 -12.51 -41.86 26.82
N CYS B 199 -11.34 -41.70 26.20
CA CYS B 199 -11.02 -40.53 25.40
C CYS B 199 -10.82 -40.99 23.95
N GLU B 200 -11.76 -40.63 23.08
CA GLU B 200 -11.72 -41.01 21.68
C GLU B 200 -11.13 -39.86 20.87
N VAL B 201 -10.09 -40.16 20.09
CA VAL B 201 -9.33 -39.16 19.35
C VAL B 201 -9.44 -39.45 17.86
N THR B 202 -9.85 -38.44 17.10
CA THR B 202 -9.93 -38.51 15.65
C THR B 202 -8.96 -37.49 15.07
N HIS B 203 -8.08 -37.94 14.18
CA HIS B 203 -7.09 -37.05 13.59
C HIS B 203 -6.77 -37.52 12.18
N GLN B 204 -6.30 -36.58 11.37
CA GLN B 204 -5.97 -36.88 9.98
C GLN B 204 -4.84 -37.88 9.87
N GLY B 205 -3.84 -37.78 10.74
CA GLY B 205 -2.69 -38.66 10.73
C GLY B 205 -2.91 -40.04 11.32
N LEU B 206 -4.12 -40.36 11.74
CA LEU B 206 -4.45 -41.67 12.29
C LEU B 206 -5.37 -42.41 11.34
N SER B 207 -5.09 -43.71 11.14
CA SER B 207 -5.92 -44.52 10.26
C SER B 207 -7.33 -44.66 10.81
N SER B 208 -7.45 -44.97 12.09
CA SER B 208 -8.72 -45.13 12.78
C SER B 208 -8.68 -44.38 14.10
N PRO B 209 -9.84 -43.99 14.63
CA PRO B 209 -9.86 -43.28 15.91
C PRO B 209 -9.22 -44.09 17.02
N VAL B 210 -8.43 -43.42 17.85
CA VAL B 210 -7.70 -44.06 18.95
C VAL B 210 -8.45 -43.77 20.24
N THR B 211 -8.79 -44.84 20.96
CA THR B 211 -9.53 -44.74 22.22
C THR B 211 -8.62 -45.14 23.36
N LYS B 212 -8.28 -44.18 24.22
CA LYS B 212 -7.50 -44.43 25.42
C LYS B 212 -8.44 -44.33 26.62
N SER B 213 -8.53 -45.41 27.39
CA SER B 213 -9.52 -45.50 28.46
C SER B 213 -8.93 -46.17 29.69
N PHE B 214 -9.65 -46.06 30.81
CA PHE B 214 -9.28 -46.74 32.04
C PHE B 214 -10.54 -47.12 32.79
N ASN B 215 -10.39 -48.02 33.76
CA ASN B 215 -11.49 -48.49 34.59
C ASN B 215 -11.30 -47.95 36.00
N ARG B 216 -12.36 -47.37 36.56
CA ARG B 216 -12.27 -46.78 37.89
C ARG B 216 -11.98 -47.87 38.93
N GLY B 217 -11.03 -47.58 39.82
CA GLY B 217 -10.63 -48.53 40.84
C GLY B 217 -9.53 -49.48 40.42
N GLU B 218 -9.19 -49.54 39.14
CA GLU B 218 -8.20 -50.49 38.64
C GLU B 218 -6.98 -49.77 38.07
N GLU C 1 -2.03 11.24 37.11
CA GLU C 1 -1.78 12.67 37.14
C GLU C 1 -2.66 13.42 36.14
N VAL C 2 -3.57 14.24 36.65
CA VAL C 2 -4.41 15.05 35.79
C VAL C 2 -3.57 16.13 35.14
N GLN C 3 -3.72 16.30 33.84
CA GLN C 3 -2.96 17.26 33.06
C GLN C 3 -3.91 18.14 32.26
N LEU C 4 -3.74 19.45 32.36
CA LEU C 4 -4.60 20.42 31.69
C LEU C 4 -3.77 21.29 30.76
N SER C 5 -4.07 21.23 29.47
CA SER C 5 -3.38 22.01 28.46
C SER C 5 -4.35 23.01 27.84
N GLU C 6 -3.92 24.26 27.72
CA GLU C 6 -4.75 25.35 27.23
C GLU C 6 -4.24 25.84 25.88
N SER C 7 -5.15 26.07 24.95
CA SER C 7 -4.81 26.49 23.61
C SER C 7 -5.80 27.57 23.15
N GLY C 8 -5.36 28.38 22.20
CA GLY C 8 -6.16 29.45 21.66
C GLY C 8 -5.34 30.67 21.29
N PRO C 9 -5.97 31.64 20.64
CA PRO C 9 -5.24 32.84 20.23
C PRO C 9 -4.87 33.69 21.45
N SER C 10 -3.74 34.39 21.32
CA SER C 10 -3.25 35.27 22.38
C SER C 10 -3.52 36.73 22.10
N LEU C 11 -4.16 37.04 20.97
CA LEU C 11 -4.49 38.41 20.60
C LEU C 11 -5.90 38.42 20.02
N VAL C 12 -6.77 39.24 20.62
CA VAL C 12 -8.17 39.35 20.21
C VAL C 12 -8.48 40.82 20.03
N LYS C 13 -9.12 41.16 18.91
CA LYS C 13 -9.51 42.55 18.68
C LYS C 13 -10.69 42.92 19.60
N PRO C 14 -10.80 44.19 19.97
CA PRO C 14 -11.93 44.60 20.82
C PRO C 14 -13.27 44.37 20.16
N SER C 15 -14.26 44.04 20.99
CA SER C 15 -15.64 43.73 20.58
C SER C 15 -15.75 42.33 19.96
N GLN C 16 -14.63 41.70 19.62
CA GLN C 16 -14.68 40.35 19.07
C GLN C 16 -14.85 39.33 20.19
N THR C 17 -14.87 38.05 19.81
CA THR C 17 -15.10 36.95 20.74
C THR C 17 -13.78 36.28 21.10
N LEU C 18 -13.54 36.11 22.40
CA LEU C 18 -12.39 35.36 22.88
C LEU C 18 -12.78 33.90 23.06
N SER C 19 -12.00 33.00 22.46
CA SER C 19 -12.25 31.57 22.52
C SER C 19 -10.99 30.84 22.96
N LEU C 20 -11.09 30.04 24.00
CA LEU C 20 -9.98 29.22 24.47
C LEU C 20 -10.45 27.79 24.70
N THR C 21 -9.51 26.86 24.58
CA THR C 21 -9.77 25.44 24.73
C THR C 21 -8.88 24.87 25.83
N CYS C 22 -9.46 24.00 26.66
CA CYS C 22 -8.73 23.32 27.73
C CYS C 22 -8.84 21.82 27.48
N SER C 23 -7.71 21.18 27.24
CA SER C 23 -7.65 19.74 27.03
C SER C 23 -7.25 19.08 28.34
N VAL C 24 -8.07 18.16 28.83
CA VAL C 24 -7.84 17.50 30.10
C VAL C 24 -7.47 16.04 29.85
N THR C 25 -6.56 15.53 30.66
CA THR C 25 -6.06 14.16 30.56
C THR C 25 -5.88 13.63 31.97
N GLY C 26 -6.27 12.38 32.19
CA GLY C 26 -6.12 11.81 33.51
C GLY C 26 -7.44 11.61 34.20
N ASP C 27 -8.28 12.64 34.15
CA ASP C 27 -9.62 12.59 34.71
C ASP C 27 -10.64 12.89 33.63
N SER C 28 -11.85 12.37 33.81
CA SER C 28 -12.93 12.57 32.86
C SER C 28 -13.71 13.85 33.18
N ILE C 29 -14.20 14.52 32.14
CA ILE C 29 -15.04 15.70 32.37
C ILE C 29 -16.47 15.33 32.73
N THR C 30 -16.82 14.05 32.69
CA THR C 30 -18.10 13.58 33.21
C THR C 30 -18.10 13.45 34.73
N SER C 31 -17.01 13.85 35.39
CA SER C 31 -16.92 13.82 36.84
C SER C 31 -16.33 15.14 37.32
N GLY C 32 -16.91 15.69 38.39
CA GLY C 32 -16.39 16.91 38.97
C GLY C 32 -16.85 18.16 38.25
N TYR C 33 -16.13 19.25 38.50
CA TYR C 33 -16.44 20.56 37.95
C TYR C 33 -15.18 21.13 37.31
N TRP C 34 -15.35 21.77 36.14
CA TRP C 34 -14.22 22.22 35.33
C TRP C 34 -14.36 23.72 35.10
N ASN C 35 -13.41 24.48 35.66
CA ASN C 35 -13.56 25.91 35.83
C ASN C 35 -12.59 26.68 34.93
N TRP C 36 -12.87 27.97 34.79
CA TRP C 36 -11.99 28.94 34.14
C TRP C 36 -11.73 30.07 35.11
N ILE C 37 -10.45 30.40 35.32
CA ILE C 37 -10.05 31.49 36.21
C ILE C 37 -9.03 32.35 35.46
N ARG C 38 -9.14 33.66 35.62
CA ARG C 38 -8.22 34.58 34.96
C ARG C 38 -7.54 35.48 35.98
N LYS C 39 -6.35 35.97 35.60
CA LYS C 39 -5.49 36.77 36.46
C LYS C 39 -5.21 38.08 35.76
N PHE C 40 -5.71 39.18 36.32
CA PHE C 40 -5.54 40.50 35.71
C PHE C 40 -4.11 40.99 35.89
N PRO C 41 -3.69 41.97 35.09
CA PRO C 41 -2.32 42.52 35.27
C PRO C 41 -2.05 43.02 36.68
N GLY C 42 -3.07 43.44 37.41
CA GLY C 42 -2.92 43.80 38.81
C GLY C 42 -2.65 42.65 39.75
N ASN C 43 -2.58 41.43 39.23
CA ASN C 43 -2.37 40.16 39.94
C ASN C 43 -3.65 39.68 40.63
N LYS C 44 -4.78 40.33 40.40
CA LYS C 44 -6.03 39.92 41.02
C LYS C 44 -6.63 38.72 40.29
N LEU C 45 -7.17 37.79 41.06
CA LEU C 45 -7.79 36.59 40.52
C LEU C 45 -9.30 36.78 40.47
N GLU C 46 -9.90 36.49 39.32
CA GLU C 46 -11.35 36.53 39.14
C GLU C 46 -11.83 35.17 38.69
N TYR C 47 -12.84 34.64 39.39
CA TYR C 47 -13.46 33.38 38.97
C TYR C 47 -14.49 33.66 37.89
N MET C 48 -14.44 32.89 36.80
CA MET C 48 -15.32 33.11 35.66
C MET C 48 -16.53 32.18 35.68
N GLY C 49 -16.29 30.88 35.74
CA GLY C 49 -17.39 29.94 35.77
C GLY C 49 -16.90 28.53 35.56
N TYR C 50 -17.86 27.61 35.49
CA TYR C 50 -17.53 26.21 35.27
C TYR C 50 -18.60 25.57 34.40
N ILE C 51 -18.28 24.39 33.89
CA ILE C 51 -19.25 23.45 33.36
C ILE C 51 -19.19 22.19 34.23
N SER C 52 -20.34 21.68 34.59
CA SER C 52 -20.41 20.61 35.57
C SER C 52 -20.17 19.25 34.92
N TYR C 53 -20.20 18.20 35.73
CA TYR C 53 -20.06 16.85 35.20
C TYR C 53 -21.23 16.45 34.31
N SER C 54 -22.43 16.94 34.64
CA SER C 54 -23.63 16.65 33.87
C SER C 54 -23.91 17.68 32.77
N GLY C 55 -23.02 18.66 32.60
CA GLY C 55 -23.23 19.70 31.62
C GLY C 55 -23.86 20.97 32.15
N GLY C 56 -24.15 21.03 33.45
CA GLY C 56 -24.68 22.25 34.03
C GLY C 56 -23.65 23.34 34.10
N ASN C 57 -24.14 24.58 34.14
CA ASN C 57 -23.29 25.76 34.09
C ASN C 57 -23.55 26.65 35.29
N TYR C 58 -22.48 27.26 35.79
CA TYR C 58 -22.58 28.35 36.76
C TYR C 58 -21.54 29.38 36.39
N TYR C 59 -21.97 30.62 36.22
CA TYR C 59 -21.09 31.70 35.79
C TYR C 59 -21.09 32.83 36.81
N ASN C 60 -20.00 33.58 36.81
CA ASN C 60 -19.93 34.77 37.64
C ASN C 60 -20.99 35.78 37.18
N PRO C 61 -21.71 36.41 38.10
CA PRO C 61 -22.78 37.33 37.68
C PRO C 61 -22.28 38.47 36.81
N SER C 62 -21.06 38.98 37.05
CA SER C 62 -20.54 40.08 36.27
C SER C 62 -20.16 39.70 34.85
N LEU C 63 -20.09 38.41 34.53
CA LEU C 63 -19.75 37.94 33.20
C LEU C 63 -20.90 37.20 32.54
N ARG C 64 -22.04 37.05 33.23
CA ARG C 64 -23.12 36.21 32.75
C ARG C 64 -23.69 36.69 31.43
N SER C 65 -23.52 37.97 31.09
CA SER C 65 -24.10 38.51 29.88
C SER C 65 -23.32 38.12 28.63
N ARG C 66 -22.02 37.85 28.75
CA ARG C 66 -21.19 37.63 27.57
C ARG C 66 -20.28 36.40 27.70
N ILE C 67 -20.56 35.48 28.61
CA ILE C 67 -19.72 34.31 28.81
C ILE C 67 -20.46 33.07 28.35
N SER C 68 -19.69 32.03 28.03
CA SER C 68 -20.22 30.75 27.61
C SER C 68 -19.15 29.68 27.81
N ILE C 69 -19.52 28.57 28.44
CA ILE C 69 -18.59 27.45 28.67
C ILE C 69 -19.29 26.18 28.20
N THR C 70 -18.77 25.57 27.14
CA THR C 70 -19.29 24.34 26.57
C THR C 70 -18.23 23.25 26.64
N ARG C 71 -18.58 22.05 26.20
CA ARG C 71 -17.68 20.91 26.33
C ARG C 71 -17.86 19.96 25.16
N ASP C 72 -16.91 19.03 25.06
CA ASP C 72 -16.93 17.95 24.07
C ASP C 72 -16.41 16.71 24.78
N THR C 73 -17.33 15.84 25.22
CA THR C 73 -16.94 14.71 26.05
C THR C 73 -16.13 13.66 25.29
N SER C 74 -16.41 13.48 23.99
CA SER C 74 -15.66 12.51 23.21
C SER C 74 -14.19 12.90 23.11
N LYS C 75 -13.93 14.18 22.86
CA LYS C 75 -12.57 14.68 22.85
C LYS C 75 -12.03 14.96 24.25
N ASN C 76 -12.90 14.92 25.27
CA ASN C 76 -12.53 15.26 26.64
C ASN C 76 -11.97 16.68 26.73
N HIS C 77 -12.64 17.60 26.03
CA HIS C 77 -12.30 19.01 26.04
C HIS C 77 -13.50 19.82 26.51
N TYR C 78 -13.23 20.98 27.11
CA TYR C 78 -14.28 21.96 27.36
C TYR C 78 -13.74 23.33 26.99
N TYR C 79 -14.65 24.21 26.58
CA TYR C 79 -14.29 25.44 25.90
C TYR C 79 -14.81 26.66 26.65
N LEU C 80 -14.14 27.79 26.42
CA LEU C 80 -14.53 29.07 26.98
C LEU C 80 -14.75 30.06 25.86
N GLN C 81 -15.85 30.80 25.95
CA GLN C 81 -16.17 31.85 24.99
C GLN C 81 -16.52 33.12 25.75
N LEU C 82 -15.91 34.24 25.35
CA LEU C 82 -16.18 35.54 25.95
C LEU C 82 -16.43 36.53 24.83
N ASN C 83 -17.65 37.06 24.76
CA ASN C 83 -18.05 37.95 23.69
C ASN C 83 -17.81 39.41 24.06
N SER C 84 -17.65 40.25 23.03
CA SER C 84 -17.54 41.69 23.17
C SER C 84 -16.44 42.08 24.17
N VAL C 85 -15.24 41.53 23.94
CA VAL C 85 -14.13 41.78 24.85
C VAL C 85 -13.65 43.21 24.71
N THR C 86 -13.14 43.75 25.82
CA THR C 86 -12.55 45.09 25.87
C THR C 86 -11.16 44.96 26.49
N THR C 87 -10.47 46.10 26.64
CA THR C 87 -9.14 46.07 27.23
C THR C 87 -9.16 45.55 28.66
N GLU C 88 -10.30 45.67 29.35
CA GLU C 88 -10.42 45.14 30.71
C GLU C 88 -10.39 43.62 30.75
N ASP C 89 -10.44 42.95 29.60
CA ASP C 89 -10.38 41.49 29.55
C ASP C 89 -8.98 40.96 29.28
N THR C 90 -7.99 41.84 29.16
CA THR C 90 -6.61 41.40 29.03
C THR C 90 -6.15 40.76 30.33
N ALA C 91 -5.87 39.47 30.31
CA ALA C 91 -5.52 38.74 31.52
C ALA C 91 -4.88 37.42 31.13
N THR C 92 -4.42 36.68 32.14
CA THR C 92 -3.89 35.34 31.96
C THR C 92 -4.98 34.35 32.38
N TYR C 93 -5.44 33.54 31.42
CA TYR C 93 -6.60 32.68 31.63
C TYR C 93 -6.14 31.27 31.99
N TYR C 94 -6.70 30.73 33.06
CA TYR C 94 -6.38 29.40 33.54
C TYR C 94 -7.62 28.52 33.47
N CYS C 95 -7.41 27.22 33.23
CA CYS C 95 -8.46 26.23 33.40
C CYS C 95 -8.03 25.28 34.52
N ALA C 96 -8.96 24.97 35.43
CA ALA C 96 -8.65 24.19 36.61
C ALA C 96 -9.84 23.30 36.96
N ARG C 97 -9.54 22.17 37.59
CA ARG C 97 -10.54 21.22 38.03
C ARG C 97 -10.90 21.46 39.48
N LEU C 98 -12.19 21.38 39.80
CA LEU C 98 -12.67 21.44 41.17
C LEU C 98 -12.95 20.02 41.65
N SER C 99 -12.23 19.58 42.67
CA SER C 99 -12.32 18.21 43.14
C SER C 99 -13.60 17.97 43.93
N ASP C 100 -14.15 16.76 43.79
CA ASP C 100 -15.29 16.36 44.60
C ASP C 100 -14.92 16.24 46.08
N SER C 101 -13.73 15.70 46.36
CA SER C 101 -13.30 15.50 47.73
C SER C 101 -12.85 16.80 48.37
N LEU C 102 -12.01 17.56 47.67
CA LEU C 102 -11.46 18.79 48.24
C LEU C 102 -12.47 19.93 48.25
N TYR C 103 -13.39 19.96 47.28
CA TYR C 103 -14.30 21.07 47.06
C TYR C 103 -13.58 22.36 46.69
N ALA C 104 -12.31 22.27 46.31
CA ALA C 104 -11.52 23.39 45.85
C ALA C 104 -10.81 22.99 44.57
N MET C 105 -10.19 23.97 43.91
CA MET C 105 -9.50 23.73 42.65
C MET C 105 -8.07 23.30 42.97
N ASP C 106 -7.75 22.05 42.66
CA ASP C 106 -6.48 21.44 43.06
C ASP C 106 -5.53 21.19 41.89
N CYS C 107 -6.03 21.10 40.66
CA CYS C 107 -5.18 20.87 39.50
C CYS C 107 -5.44 21.98 38.50
N TRP C 108 -4.37 22.67 38.08
CA TRP C 108 -4.48 23.83 37.22
C TRP C 108 -3.62 23.64 35.98
N GLY C 109 -3.94 24.40 34.93
CA GLY C 109 -3.06 24.53 33.81
C GLY C 109 -2.10 25.70 34.00
N GLN C 110 -1.05 25.73 33.18
CA GLN C 110 -0.05 26.80 33.29
C GLN C 110 -0.63 28.16 32.92
N GLY C 111 -1.75 28.20 32.22
CA GLY C 111 -2.34 29.48 31.85
C GLY C 111 -1.90 29.96 30.48
N THR C 112 -2.76 30.77 29.87
CA THR C 112 -2.49 31.35 28.56
C THR C 112 -2.79 32.84 28.63
N SER C 113 -1.88 33.65 28.10
CA SER C 113 -2.02 35.10 28.11
C SER C 113 -2.84 35.54 26.90
N VAL C 114 -3.87 36.34 27.15
CA VAL C 114 -4.71 36.91 26.10
C VAL C 114 -4.70 38.42 26.24
N THR C 115 -4.43 39.11 25.14
CA THR C 115 -4.39 40.57 25.10
C THR C 115 -5.47 41.06 24.16
N VAL C 116 -6.22 42.08 24.59
CA VAL C 116 -7.27 42.68 23.78
C VAL C 116 -6.72 43.98 23.21
N SER C 117 -6.51 44.00 21.89
CA SER C 117 -5.98 45.17 21.21
C SER C 117 -6.23 45.03 19.72
N SER C 118 -6.23 46.16 19.04
CA SER C 118 -6.40 46.19 17.59
C SER C 118 -5.07 46.18 16.84
N ALA C 119 -3.95 46.23 17.55
CA ALA C 119 -2.63 46.20 16.93
C ALA C 119 -2.26 44.77 16.52
N SER C 120 -1.54 44.66 15.42
CA SER C 120 -1.17 43.36 14.88
C SER C 120 0.03 42.77 15.63
N THR C 121 0.22 41.46 15.45
CA THR C 121 1.35 40.75 16.05
C THR C 121 2.65 41.18 15.39
N LYS C 122 3.76 41.02 16.11
CA LYS C 122 5.07 41.37 15.61
C LYS C 122 6.13 40.57 16.36
N GLY C 123 7.03 39.94 15.62
CA GLY C 123 8.08 39.13 16.21
C GLY C 123 9.16 39.99 16.83
N PRO C 124 9.89 39.41 17.79
CA PRO C 124 10.93 40.17 18.48
C PRO C 124 12.30 40.06 17.85
N SER C 125 13.04 41.16 17.87
CA SER C 125 14.46 41.16 17.56
C SER C 125 15.26 40.86 18.82
N VAL C 126 16.28 40.01 18.69
CA VAL C 126 17.08 39.57 19.82
C VAL C 126 18.51 40.07 19.61
N PHE C 127 18.96 40.97 20.50
CA PHE C 127 20.29 41.53 20.42
C PHE C 127 21.13 41.10 21.62
N PRO C 128 22.44 40.91 21.44
CA PRO C 128 23.28 40.47 22.55
C PRO C 128 23.70 41.62 23.45
N LEU C 129 23.83 41.31 24.73
CA LEU C 129 24.43 42.20 25.73
C LEU C 129 25.77 41.58 26.09
N ALA C 130 26.79 41.90 25.29
CA ALA C 130 28.08 41.26 25.44
C ALA C 130 28.73 41.64 26.77
N PRO C 131 29.38 40.69 27.44
CA PRO C 131 30.10 41.01 28.68
C PRO C 131 31.40 41.72 28.39
N SER C 132 31.78 42.63 29.29
CA SER C 132 33.00 43.41 29.16
C SER C 132 33.47 43.80 30.56
N SER C 133 34.51 44.64 30.62
CA SER C 133 35.00 45.10 31.92
C SER C 133 33.98 45.94 32.66
N LYS C 134 33.02 46.53 31.95
CA LYS C 134 31.95 47.29 32.58
C LYS C 134 30.87 46.40 33.19
N SER C 135 30.88 45.11 32.91
CA SER C 135 29.93 44.17 33.49
C SER C 135 30.61 43.13 34.38
N THR C 136 31.90 43.29 34.67
CA THR C 136 32.64 42.38 35.52
C THR C 136 32.92 43.03 36.87
N SER C 137 32.89 42.22 37.93
CA SER C 137 33.20 42.68 39.28
C SER C 137 33.68 41.47 40.07
N GLY C 138 34.96 41.46 40.42
CA GLY C 138 35.51 40.28 41.09
C GLY C 138 35.69 39.16 40.09
N GLY C 139 35.12 38.00 40.39
CA GLY C 139 35.22 36.86 39.51
C GLY C 139 33.93 36.54 38.79
N THR C 140 33.06 37.55 38.64
CA THR C 140 31.76 37.38 38.02
C THR C 140 31.60 38.36 36.88
N ALA C 141 30.96 37.91 35.80
CA ALA C 141 30.71 38.72 34.62
C ALA C 141 29.22 38.70 34.31
N ALA C 142 28.71 39.85 33.83
CA ALA C 142 27.30 40.01 33.52
C ALA C 142 27.11 40.03 32.00
N LEU C 143 26.09 39.31 31.54
CA LEU C 143 25.77 39.25 30.13
C LEU C 143 24.27 38.98 29.99
N GLY C 144 23.75 39.20 28.79
CA GLY C 144 22.34 38.94 28.59
C GLY C 144 21.93 39.10 27.14
N CYS C 145 20.62 39.10 26.93
CA CYS C 145 20.01 39.29 25.62
C CYS C 145 18.91 40.34 25.72
N LEU C 146 18.84 41.20 24.71
CA LEU C 146 17.82 42.24 24.63
C LEU C 146 16.72 41.77 23.68
N VAL C 147 15.54 41.48 24.24
CA VAL C 147 14.39 41.07 23.46
C VAL C 147 13.52 42.31 23.28
N LYS C 148 13.61 42.92 22.11
CA LYS C 148 13.03 44.24 21.87
C LYS C 148 12.00 44.20 20.75
N ASP C 149 10.95 45.00 20.89
CA ASP C 149 9.98 45.28 19.84
C ASP C 149 9.19 44.02 19.45
N TYR C 150 8.39 43.54 20.40
CA TYR C 150 7.45 42.46 20.13
C TYR C 150 6.08 42.84 20.67
N PHE C 151 5.06 42.16 20.15
CA PHE C 151 3.68 42.37 20.58
C PHE C 151 2.85 41.20 20.13
N PRO C 152 1.98 40.64 20.98
CA PRO C 152 1.84 41.05 22.37
C PRO C 152 2.64 40.16 23.32
N GLU C 153 2.32 40.25 24.61
CA GLU C 153 2.88 39.35 25.61
C GLU C 153 2.44 37.91 25.32
N PRO C 154 3.20 36.92 25.80
CA PRO C 154 4.47 37.00 26.52
C PRO C 154 5.67 36.49 25.72
N VAL C 155 6.86 36.65 26.29
CA VAL C 155 8.09 36.09 25.75
C VAL C 155 8.78 35.30 26.86
N THR C 156 9.13 34.06 26.58
CA THR C 156 9.87 33.23 27.52
C THR C 156 11.31 33.13 27.07
N VAL C 157 12.24 33.28 28.00
CA VAL C 157 13.67 33.26 27.72
C VAL C 157 14.34 32.22 28.60
N SER C 158 15.08 31.30 27.99
CA SER C 158 15.92 30.34 28.69
C SER C 158 17.36 30.51 28.23
N TRP C 159 18.28 29.92 28.99
CA TRP C 159 19.71 30.02 28.71
C TRP C 159 20.29 28.62 28.53
N ASN C 160 20.96 28.41 27.39
CA ASN C 160 21.58 27.13 27.05
C ASN C 160 20.58 25.98 27.15
N SER C 161 19.40 26.20 26.56
CA SER C 161 18.35 25.19 26.50
C SER C 161 17.94 24.70 27.88
N GLY C 162 17.95 25.58 28.87
CA GLY C 162 17.57 25.24 30.22
C GLY C 162 18.69 24.73 31.10
N ALA C 163 19.88 24.53 30.56
CA ALA C 163 21.00 24.05 31.38
C ALA C 163 21.50 25.12 32.35
N LEU C 164 21.41 26.40 31.97
CA LEU C 164 21.89 27.50 32.80
C LEU C 164 20.68 28.18 33.46
N THR C 165 20.54 27.98 34.77
CA THR C 165 19.44 28.57 35.53
C THR C 165 19.90 29.47 36.68
N SER C 166 21.05 29.18 37.29
CA SER C 166 21.51 30.00 38.41
C SER C 166 21.94 31.38 37.93
N GLY C 167 21.48 32.41 38.64
CA GLY C 167 21.86 33.77 38.35
C GLY C 167 21.13 34.42 37.20
N VAL C 168 20.07 33.81 36.69
CA VAL C 168 19.31 34.34 35.57
C VAL C 168 18.24 35.30 36.08
N HIS C 169 18.18 36.49 35.49
CA HIS C 169 17.16 37.49 35.82
C HIS C 169 16.48 37.91 34.52
N THR C 170 15.27 37.40 34.29
CA THR C 170 14.45 37.81 33.16
C THR C 170 13.48 38.88 33.66
N PHE C 171 13.67 40.11 33.21
CA PHE C 171 12.89 41.22 33.74
C PHE C 171 11.46 41.21 33.20
N PRO C 172 10.51 41.76 33.95
CA PRO C 172 9.17 41.96 33.38
C PRO C 172 9.23 42.92 32.21
N ALA C 173 8.43 42.63 31.20
CA ALA C 173 8.44 43.45 29.99
C ALA C 173 7.89 44.84 30.28
N VAL C 174 8.33 45.81 29.49
CA VAL C 174 7.85 47.18 29.59
C VAL C 174 7.14 47.53 28.30
N LEU C 175 6.13 48.38 28.41
CA LEU C 175 5.37 48.83 27.25
C LEU C 175 5.99 50.14 26.78
N GLN C 176 6.58 50.11 25.59
CA GLN C 176 7.22 51.29 25.03
C GLN C 176 6.19 52.26 24.48
N SER C 177 6.64 53.47 24.15
CA SER C 177 5.74 54.50 23.65
C SER C 177 5.22 54.16 22.24
N SER C 178 5.84 53.21 21.55
CA SER C 178 5.40 52.81 20.23
C SER C 178 4.33 51.73 20.26
N GLY C 179 3.99 51.20 21.45
CA GLY C 179 3.03 50.14 21.58
C GLY C 179 3.64 48.75 21.62
N LEU C 180 4.95 48.61 21.40
CA LEU C 180 5.61 47.32 21.43
C LEU C 180 6.28 47.09 22.79
N TYR C 181 6.43 45.82 23.15
CA TYR C 181 7.07 45.46 24.40
C TYR C 181 8.56 45.19 24.20
N SER C 182 9.32 45.39 25.27
CA SER C 182 10.75 45.12 25.27
C SER C 182 11.15 44.60 26.65
N LEU C 183 12.01 43.59 26.66
CA LEU C 183 12.45 42.97 27.90
C LEU C 183 13.94 42.67 27.80
N SER C 184 14.54 42.43 28.95
CA SER C 184 15.95 42.05 29.04
C SER C 184 16.08 40.84 29.96
N SER C 185 16.90 39.89 29.55
CA SER C 185 17.19 38.70 30.35
C SER C 185 18.69 38.61 30.51
N VAL C 186 19.17 38.62 31.74
CA VAL C 186 20.59 38.64 32.05
C VAL C 186 20.94 37.45 32.93
N VAL C 187 22.24 37.18 33.02
CA VAL C 187 22.76 36.10 33.85
C VAL C 187 24.20 36.45 34.23
N THR C 188 24.55 36.18 35.48
CA THR C 188 25.89 36.44 35.99
C THR C 188 26.66 35.12 36.08
N VAL C 189 27.82 35.06 35.43
CA VAL C 189 28.59 33.82 35.30
C VAL C 189 30.01 34.10 35.76
N PRO C 190 30.76 33.06 36.11
CA PRO C 190 32.18 33.25 36.43
C PRO C 190 32.97 33.71 35.21
N SER C 191 33.82 34.70 35.41
CA SER C 191 34.58 35.27 34.30
C SER C 191 35.67 34.35 33.80
N SER C 192 36.06 33.34 34.58
CA SER C 192 37.09 32.41 34.15
C SER C 192 36.63 31.48 33.03
N SER C 193 35.31 31.39 32.78
CA SER C 193 34.77 30.52 31.76
C SER C 193 34.28 31.29 30.53
N LEU C 194 34.70 32.55 30.38
CA LEU C 194 34.26 33.35 29.24
C LEU C 194 34.85 32.87 27.93
N GLY C 195 35.97 32.15 27.97
CA GLY C 195 36.61 31.68 26.76
C GLY C 195 36.31 30.23 26.43
N THR C 196 35.86 29.48 27.43
CA THR C 196 35.56 28.06 27.25
C THR C 196 34.07 27.77 27.15
N GLN C 197 33.25 28.44 27.95
CA GLN C 197 31.82 28.16 28.00
C GLN C 197 31.07 29.03 27.01
N THR C 198 30.14 28.42 26.28
CA THR C 198 29.28 29.12 25.34
C THR C 198 27.95 29.43 26.00
N TYR C 199 27.48 30.66 25.85
CA TYR C 199 26.22 31.11 26.43
C TYR C 199 25.27 31.50 25.30
N ILE C 200 24.11 30.84 25.26
CA ILE C 200 23.11 31.07 24.23
C ILE C 200 21.76 31.25 24.90
N CYS C 201 21.09 32.36 24.59
CA CYS C 201 19.75 32.60 25.10
C CYS C 201 18.72 32.10 24.09
N ASN C 202 17.69 31.43 24.60
CA ASN C 202 16.62 30.87 23.77
C ASN C 202 15.38 31.72 23.98
N VAL C 203 15.05 32.54 22.98
CA VAL C 203 13.90 33.44 23.05
C VAL C 203 12.75 32.83 22.26
N ASN C 204 11.61 32.70 22.90
CA ASN C 204 10.41 32.15 22.29
C ASN C 204 9.27 33.14 22.43
N HIS C 205 8.63 33.47 21.30
CA HIS C 205 7.49 34.37 21.26
C HIS C 205 6.37 33.62 20.54
N LYS C 206 5.60 32.85 21.30
CA LYS C 206 4.52 32.06 20.72
C LYS C 206 3.47 32.88 19.99
N PRO C 207 3.07 34.07 20.44
CA PRO C 207 2.09 34.84 19.66
C PRO C 207 2.48 35.09 18.21
N SER C 208 3.77 35.11 17.89
CA SER C 208 4.23 35.30 16.53
C SER C 208 4.92 34.06 15.96
N ASN C 209 4.92 32.95 16.69
CA ASN C 209 5.56 31.71 16.26
C ASN C 209 7.04 31.94 15.94
N THR C 210 7.71 32.66 16.82
CA THR C 210 9.11 33.03 16.63
C THR C 210 9.97 32.38 17.70
N LYS C 211 11.07 31.76 17.27
CA LYS C 211 12.03 31.15 18.18
C LYS C 211 13.43 31.53 17.71
N VAL C 212 14.18 32.23 18.56
CA VAL C 212 15.49 32.75 18.22
C VAL C 212 16.49 32.33 19.29
N ASP C 213 17.58 31.70 18.87
CA ASP C 213 18.72 31.39 19.72
C ASP C 213 19.83 32.37 19.40
N LYS C 214 20.28 33.14 20.40
CA LYS C 214 21.27 34.18 20.21
C LYS C 214 22.49 33.87 21.06
N LYS C 215 23.66 33.81 20.42
CA LYS C 215 24.91 33.53 21.10
C LYS C 215 25.52 34.83 21.60
N VAL C 216 25.91 34.83 22.88
CA VAL C 216 26.52 35.99 23.53
C VAL C 216 28.00 35.72 23.71
N GLU C 217 28.81 36.40 22.92
CA GLU C 217 30.26 36.32 22.96
C GLU C 217 30.85 37.58 23.59
N PRO C 218 32.02 37.47 24.24
CA PRO C 218 32.66 38.63 24.88
C PRO C 218 33.08 39.72 23.90
N VAL D 4 -18.90 38.90 48.83
CA VAL D 4 -17.79 39.82 48.99
C VAL D 4 -16.76 39.25 49.96
N LEU D 5 -15.48 39.46 49.63
CA LEU D 5 -14.36 39.00 50.43
C LEU D 5 -13.34 40.12 50.53
N THR D 6 -13.00 40.49 51.76
CA THR D 6 -11.98 41.49 52.02
C THR D 6 -10.79 40.79 52.67
N GLN D 7 -9.61 40.94 52.07
CA GLN D 7 -8.38 40.36 52.61
C GLN D 7 -7.58 41.41 53.36
N SER D 8 -6.89 40.95 54.41
CA SER D 8 -5.98 41.78 55.18
C SER D 8 -4.79 40.93 55.60
N PRO D 9 -3.57 41.47 55.50
CA PRO D 9 -3.34 42.81 54.96
C PRO D 9 -3.29 42.84 53.44
N ALA D 10 -3.31 44.04 52.85
CA ALA D 10 -3.12 44.15 51.42
C ALA D 10 -1.68 43.80 51.03
N SER D 11 -0.73 44.32 51.80
CA SER D 11 0.69 44.04 51.60
C SER D 11 1.31 43.75 52.96
N LEU D 12 2.37 42.95 52.96
CA LEU D 12 2.96 42.43 54.19
C LEU D 12 4.46 42.33 54.02
N THR D 13 5.20 42.64 55.09
CA THR D 13 6.66 42.61 55.08
C THR D 13 7.15 41.92 56.34
N VAL D 14 7.65 40.69 56.18
CA VAL D 14 8.02 39.82 57.30
C VAL D 14 9.46 39.37 57.11
N SER D 15 10.19 39.27 58.21
CA SER D 15 11.56 38.77 58.19
C SER D 15 11.57 37.23 58.15
N LEU D 16 12.73 36.68 57.79
CA LEU D 16 12.86 35.24 57.71
C LEU D 16 12.72 34.61 59.10
N GLY D 17 12.16 33.40 59.14
CA GLY D 17 12.01 32.68 60.38
C GLY D 17 10.95 33.21 61.31
N GLN D 18 10.17 34.21 60.89
CA GLN D 18 9.17 34.85 61.73
C GLN D 18 7.77 34.39 61.33
N ARG D 19 6.77 35.07 61.85
CA ARG D 19 5.38 34.70 61.67
C ARG D 19 4.68 35.68 60.74
N ALA D 20 3.96 35.14 59.75
CA ALA D 20 3.15 35.93 58.85
C ALA D 20 1.69 35.54 59.03
N THR D 21 0.82 36.53 59.22
CA THR D 21 -0.60 36.29 59.48
C THR D 21 -1.43 37.11 58.50
N MET D 22 -2.38 36.45 57.85
CA MET D 22 -3.30 37.09 56.93
C MET D 22 -4.72 36.69 57.30
N SER D 23 -5.67 37.57 56.98
CA SER D 23 -7.06 37.36 57.35
C SER D 23 -7.95 37.57 56.13
N CYS D 24 -9.04 36.80 56.07
CA CYS D 24 -10.04 36.90 55.02
C CYS D 24 -11.41 36.99 55.68
N ARG D 25 -12.14 38.08 55.42
CA ARG D 25 -13.44 38.30 56.02
C ARG D 25 -14.55 38.12 54.98
N SER D 26 -15.57 37.35 55.35
CA SER D 26 -16.58 36.87 54.42
C SER D 26 -17.81 37.77 54.32
N SER D 27 -18.11 38.57 55.35
CA SER D 27 -19.29 39.43 55.40
C SER D 27 -20.59 38.65 55.56
N GLU D 28 -20.55 37.34 55.28
CA GLU D 28 -21.67 36.45 55.56
C GLU D 28 -21.16 35.02 55.47
N SER D 29 -21.76 34.15 56.29
CA SER D 29 -21.19 32.84 56.55
C SER D 29 -20.98 32.05 55.27
N VAL D 30 -19.84 31.37 55.20
CA VAL D 30 -19.54 30.44 54.12
C VAL D 30 -19.66 29.00 54.60
N ASP D 31 -20.36 28.78 55.71
CA ASP D 31 -20.51 27.45 56.27
C ASP D 31 -21.77 26.79 55.70
N ALA D 32 -21.63 25.51 55.34
CA ALA D 32 -22.76 24.73 54.84
C ALA D 32 -22.43 23.26 54.99
N HIS D 33 -23.38 22.50 55.53
CA HIS D 33 -23.25 21.05 55.69
C HIS D 33 -22.02 20.69 56.52
N GLY D 34 -21.71 21.53 57.51
CA GLY D 34 -20.58 21.28 58.38
C GLY D 34 -19.21 21.55 57.78
N TYR D 35 -19.15 22.28 56.67
CA TYR D 35 -17.88 22.62 56.04
C TYR D 35 -17.77 24.14 55.89
N SER D 36 -16.53 24.62 55.96
CA SER D 36 -16.20 26.02 55.72
C SER D 36 -15.59 26.13 54.33
N PHE D 37 -16.37 26.64 53.38
CA PHE D 37 -15.95 26.69 51.98
C PHE D 37 -15.06 27.92 51.74
N LEU D 38 -13.86 27.87 52.33
CA LEU D 38 -12.87 28.90 52.10
C LEU D 38 -11.51 28.24 51.93
N HIS D 39 -10.80 28.62 50.88
CA HIS D 39 -9.53 28.01 50.51
C HIS D 39 -8.48 29.08 50.29
N TRP D 40 -7.23 28.74 50.58
CA TRP D 40 -6.10 29.65 50.43
C TRP D 40 -5.22 29.19 49.28
N TYR D 41 -4.86 30.13 48.41
CA TYR D 41 -4.03 29.84 47.25
C TYR D 41 -2.77 30.70 47.27
N GLN D 42 -1.66 30.11 46.83
CA GLN D 42 -0.40 30.82 46.66
C GLN D 42 -0.10 30.93 45.17
N GLN D 43 0.17 32.15 44.70
CA GLN D 43 0.49 32.37 43.30
C GLN D 43 1.80 33.11 43.17
N LYS D 44 2.71 32.57 42.38
CA LYS D 44 3.99 33.16 42.07
C LYS D 44 3.97 33.66 40.62
N PRO D 45 4.86 34.59 40.28
CA PRO D 45 4.90 35.08 38.88
C PRO D 45 5.26 33.96 37.92
N GLY D 46 4.56 33.92 36.80
CA GLY D 46 4.76 32.88 35.80
C GLY D 46 4.41 31.49 36.30
N GLN D 47 3.42 31.40 37.20
CA GLN D 47 2.97 30.13 37.75
C GLN D 47 1.48 30.22 38.03
N PRO D 48 0.75 29.12 37.93
CA PRO D 48 -0.66 29.13 38.28
C PRO D 48 -0.84 29.17 39.79
N PRO D 49 -2.00 29.58 40.29
CA PRO D 49 -2.24 29.53 41.73
C PRO D 49 -2.16 28.11 42.24
N LYS D 50 -1.54 27.95 43.41
CA LYS D 50 -1.33 26.65 44.02
C LYS D 50 -2.16 26.54 45.30
N LEU D 51 -2.95 25.47 45.41
CA LEU D 51 -3.81 25.27 46.56
C LEU D 51 -2.97 24.90 47.77
N LEU D 52 -3.08 25.70 48.83
CA LEU D 52 -2.39 25.45 50.09
C LEU D 52 -3.34 24.83 51.11
N ILE D 53 -4.39 25.56 51.48
CA ILE D 53 -5.36 25.11 52.46
C ILE D 53 -6.72 25.04 51.78
N TYR D 54 -7.37 23.89 51.90
CA TYR D 54 -8.75 23.71 51.45
C TYR D 54 -9.63 23.45 52.66
N LEU D 55 -10.85 23.98 52.63
CA LEU D 55 -11.83 23.79 53.71
C LEU D 55 -11.28 24.32 55.04
N ALA D 56 -10.78 25.55 55.01
CA ALA D 56 -10.38 26.33 56.18
C ALA D 56 -9.15 25.81 56.91
N SER D 57 -9.03 24.50 57.10
CA SER D 57 -7.98 24.01 58.00
C SER D 57 -7.23 22.78 57.50
N ASN D 58 -7.49 22.28 56.30
CA ASN D 58 -6.86 21.07 55.82
C ASN D 58 -5.71 21.40 54.89
N LEU D 59 -4.57 20.76 55.13
CA LEU D 59 -3.35 21.00 54.38
C LEU D 59 -3.33 20.15 53.11
N GLU D 60 -3.09 20.80 51.98
CA GLU D 60 -3.03 20.09 50.71
C GLU D 60 -1.76 19.25 50.63
N SER D 61 -1.85 18.15 49.89
CA SER D 61 -0.71 17.25 49.72
C SER D 61 0.46 17.99 49.09
N GLY D 62 1.66 17.74 49.63
CA GLY D 62 2.87 18.38 49.15
C GLY D 62 3.14 19.76 49.69
N VAL D 63 2.24 20.31 50.51
CA VAL D 63 2.44 21.64 51.09
C VAL D 63 3.11 21.50 52.44
N PRO D 64 4.16 22.27 52.71
CA PRO D 64 4.87 22.13 53.99
C PRO D 64 3.98 22.47 55.18
N ALA D 65 4.35 21.91 56.34
CA ALA D 65 3.61 22.16 57.57
C ALA D 65 3.75 23.59 58.06
N ARG D 66 4.65 24.38 57.47
CA ARG D 66 4.76 25.78 57.84
C ARG D 66 3.48 26.54 57.55
N PHE D 67 2.68 26.06 56.59
CA PHE D 67 1.39 26.64 56.27
C PHE D 67 0.30 26.00 57.12
N SER D 68 -0.56 26.82 57.69
CA SER D 68 -1.67 26.33 58.49
C SER D 68 -2.83 27.30 58.36
N GLY D 69 -4.04 26.78 58.49
CA GLY D 69 -5.24 27.59 58.36
C GLY D 69 -6.24 27.28 59.44
N SER D 70 -7.05 28.28 59.76
CA SER D 70 -8.11 28.16 60.76
C SER D 70 -9.19 29.19 60.40
N GLY D 71 -10.25 29.22 61.20
CA GLY D 71 -11.34 30.13 60.94
C GLY D 71 -12.70 29.46 61.04
N SER D 72 -13.72 30.30 61.09
CA SER D 72 -15.10 29.86 61.20
C SER D 72 -15.96 30.75 60.30
N ARG D 73 -17.27 30.75 60.58
CA ARG D 73 -18.34 31.31 59.76
C ARG D 73 -17.94 32.45 58.81
N THR D 74 -17.40 33.54 59.33
CA THR D 74 -17.09 34.70 58.49
C THR D 74 -15.64 35.18 58.61
N ASP D 75 -14.85 34.61 59.50
CA ASP D 75 -13.49 35.05 59.72
C ASP D 75 -12.54 33.88 59.53
N PHE D 76 -11.56 34.04 58.63
CA PHE D 76 -10.57 33.03 58.36
C PHE D 76 -9.18 33.65 58.39
N THR D 77 -8.19 32.84 58.76
CA THR D 77 -6.83 33.33 58.87
C THR D 77 -5.86 32.26 58.35
N LEU D 78 -4.89 32.71 57.56
CA LEU D 78 -3.83 31.86 57.04
C LEU D 78 -2.51 32.27 57.69
N THR D 79 -1.80 31.29 58.25
CA THR D 79 -0.60 31.54 59.02
C THR D 79 0.59 30.83 58.38
N ILE D 80 1.68 31.56 58.18
CA ILE D 80 2.94 31.01 57.69
C ILE D 80 3.97 31.19 58.80
N ASP D 81 4.46 30.07 59.33
CA ASP D 81 5.36 30.10 60.49
C ASP D 81 6.19 28.82 60.53
N PRO D 82 7.52 28.92 60.35
CA PRO D 82 8.26 30.15 60.09
C PRO D 82 8.33 30.50 58.61
N VAL D 83 8.45 31.81 58.31
CA VAL D 83 8.49 32.26 56.93
C VAL D 83 9.83 31.89 56.30
N GLU D 84 9.79 31.43 55.06
CA GLU D 84 10.98 31.11 54.29
C GLU D 84 11.10 32.09 53.12
N ALA D 85 12.29 32.11 52.52
CA ALA D 85 12.52 33.00 51.39
C ALA D 85 11.64 32.64 50.20
N ASP D 86 11.31 31.35 50.05
CA ASP D 86 10.47 30.90 48.95
C ASP D 86 9.03 31.34 49.09
N ASP D 87 8.61 31.79 50.27
CA ASP D 87 7.22 32.16 50.53
C ASP D 87 6.83 33.53 49.98
N ALA D 88 7.77 34.28 49.40
CA ALA D 88 7.47 35.60 48.86
C ALA D 88 6.60 35.45 47.62
N ALA D 89 5.31 35.76 47.75
CA ALA D 89 4.34 35.62 46.66
C ALA D 89 3.07 36.35 47.07
N THR D 90 2.02 36.21 46.26
CA THR D 90 0.71 36.77 46.54
C THR D 90 -0.26 35.65 46.89
N TYR D 91 -0.99 35.81 47.99
CA TYR D 91 -1.90 34.79 48.49
C TYR D 91 -3.34 35.29 48.44
N SER D 92 -4.25 34.42 47.99
CA SER D 92 -5.65 34.79 47.83
C SER D 92 -6.54 33.75 48.50
N CYS D 93 -7.65 34.21 49.06
CA CYS D 93 -8.67 33.34 49.62
C CYS D 93 -9.83 33.19 48.64
N LEU D 94 -10.36 31.98 48.53
CA LEU D 94 -11.47 31.69 47.62
C LEU D 94 -12.69 31.25 48.43
N LYS D 95 -13.84 31.83 48.12
CA LYS D 95 -15.11 31.49 48.75
C LYS D 95 -16.01 30.88 47.69
N ASN D 96 -16.47 29.65 47.93
CA ASN D 96 -17.28 28.95 46.94
C ASN D 96 -18.43 28.17 47.57
N ASN D 97 -18.99 28.66 48.67
CA ASN D 97 -20.14 28.00 49.27
C ASN D 97 -21.41 28.29 48.48
N GLU D 98 -21.59 29.53 48.03
CA GLU D 98 -22.78 29.93 47.30
C GLU D 98 -22.39 31.00 46.28
N ASP D 99 -23.36 31.38 45.45
CA ASP D 99 -23.15 32.49 44.54
C ASP D 99 -23.05 33.79 45.35
N PRO D 100 -22.06 34.65 45.07
CA PRO D 100 -21.06 34.44 44.02
C PRO D 100 -19.73 33.86 44.53
N TRP D 101 -19.11 33.00 43.73
CA TRP D 101 -17.78 32.52 44.04
C TRP D 101 -16.78 33.65 43.77
N THR D 102 -16.04 34.05 44.79
CA THR D 102 -15.16 35.21 44.69
C THR D 102 -13.77 34.86 45.20
N PHE D 103 -12.81 35.67 44.79
CA PHE D 103 -11.45 35.63 45.27
C PHE D 103 -11.18 36.88 46.10
N GLY D 104 -10.25 36.76 47.05
CA GLY D 104 -9.84 37.92 47.80
C GLY D 104 -8.95 38.83 46.97
N GLY D 105 -8.78 40.06 47.45
CA GLY D 105 -7.92 41.00 46.76
C GLY D 105 -6.47 40.53 46.70
N GLY D 106 -6.05 39.71 47.64
CA GLY D 106 -4.71 39.20 47.69
C GLY D 106 -3.86 39.89 48.74
N THR D 107 -2.83 39.18 49.18
CA THR D 107 -1.87 39.70 50.15
C THR D 107 -0.47 39.52 49.58
N LYS D 108 0.23 40.63 49.34
CA LYS D 108 1.59 40.58 48.83
C LYS D 108 2.55 40.49 50.00
N LEU D 109 3.26 39.37 50.13
CA LEU D 109 4.19 39.13 51.22
C LEU D 109 5.61 39.38 50.74
N GLU D 110 6.32 40.27 51.43
CA GLU D 110 7.69 40.63 51.11
C GLU D 110 8.62 40.20 52.23
N ILE D 111 9.78 39.67 51.87
CA ILE D 111 10.80 39.26 52.82
C ILE D 111 11.69 40.44 53.16
N THR D 112 12.04 40.58 54.44
CA THR D 112 12.97 41.60 54.91
C THR D 112 14.29 40.94 55.27
N ARG D 113 15.40 41.53 54.80
CA ARG D 113 16.72 41.00 55.04
C ARG D 113 17.69 42.15 55.26
N ALA D 114 18.95 41.80 55.52
CA ALA D 114 19.99 42.81 55.66
C ALA D 114 20.22 43.52 54.33
N ASP D 115 20.67 44.77 54.42
CA ASP D 115 20.91 45.56 53.22
C ASP D 115 21.98 44.91 52.35
N ALA D 116 21.75 44.95 51.03
CA ALA D 116 22.70 44.44 50.05
C ALA D 116 22.91 45.51 48.99
N ALA D 117 24.16 45.92 48.81
CA ALA D 117 24.45 46.96 47.84
C ALA D 117 24.36 46.41 46.43
N PRO D 118 23.82 47.17 45.48
CA PRO D 118 23.73 46.68 44.10
C PRO D 118 25.08 46.71 43.40
N THR D 119 25.32 45.69 42.59
CA THR D 119 26.50 45.63 41.72
C THR D 119 26.09 46.19 40.36
N VAL D 120 26.67 47.32 39.98
CA VAL D 120 26.21 48.09 38.83
C VAL D 120 27.00 47.68 37.59
N SER D 121 26.28 47.47 36.49
CA SER D 121 26.87 47.16 35.19
C SER D 121 26.16 47.95 34.12
N ILE D 122 26.88 48.29 33.06
CA ILE D 122 26.32 49.01 31.92
C ILE D 122 26.68 48.28 30.63
N PHE D 123 25.76 48.29 29.68
CA PHE D 123 25.95 47.58 28.42
C PHE D 123 25.72 48.56 27.26
N PRO D 124 26.73 48.79 26.42
CA PRO D 124 26.52 49.62 25.23
C PRO D 124 25.59 48.93 24.26
N PRO D 125 24.94 49.67 23.36
CA PRO D 125 24.06 49.02 22.39
C PRO D 125 24.89 48.16 21.45
N SER D 126 24.35 46.98 21.12
CA SER D 126 25.08 46.04 20.29
C SER D 126 25.21 46.56 18.86
N SER D 127 26.25 46.10 18.18
CA SER D 127 26.44 46.49 16.79
C SER D 127 25.34 45.93 15.90
N GLU D 128 24.76 44.78 16.27
CA GLU D 128 23.66 44.20 15.51
C GLU D 128 22.44 45.11 15.52
N GLN D 129 22.18 45.76 16.66
CA GLN D 129 21.04 46.66 16.75
C GLN D 129 21.30 48.00 16.09
N LEU D 130 22.55 48.49 16.13
CA LEU D 130 22.85 49.78 15.51
C LEU D 130 22.53 49.80 14.03
N THR D 131 22.67 48.66 13.34
CA THR D 131 22.28 48.61 11.93
C THR D 131 20.78 48.87 11.76
N SER D 132 19.97 48.44 12.72
CA SER D 132 18.53 48.64 12.67
C SER D 132 18.12 50.11 12.84
N GLY D 133 19.05 50.98 13.22
CA GLY D 133 18.75 52.38 13.41
C GLY D 133 18.29 52.78 14.79
N THR D 134 18.42 51.89 15.78
CA THR D 134 17.99 52.16 17.14
C THR D 134 19.10 51.76 18.10
N ALA D 135 19.30 52.56 19.14
CA ALA D 135 20.32 52.31 20.14
C ALA D 135 19.66 52.17 21.51
N SER D 136 19.97 51.08 22.21
CA SER D 136 19.46 50.84 23.56
C SER D 136 20.64 50.67 24.50
N VAL D 137 20.76 51.59 25.47
CA VAL D 137 21.81 51.53 26.49
C VAL D 137 21.17 51.01 27.76
N VAL D 138 21.70 49.91 28.29
CA VAL D 138 21.11 49.19 29.42
C VAL D 138 22.04 49.31 30.62
N CYS D 139 21.48 49.71 31.75
CA CYS D 139 22.19 49.74 33.03
C CYS D 139 21.53 48.72 33.95
N LEU D 140 22.34 47.88 34.59
CA LEU D 140 21.85 46.76 35.37
C LEU D 140 22.22 46.93 36.83
N LEU D 141 21.23 46.80 37.70
CA LEU D 141 21.42 46.74 39.15
C LEU D 141 21.04 45.34 39.60
N ASN D 142 22.02 44.60 40.14
CA ASN D 142 21.87 43.17 40.38
C ASN D 142 21.91 42.86 41.87
N ASN D 143 20.88 42.15 42.35
CA ASN D 143 20.85 41.54 43.68
C ASN D 143 21.11 42.57 44.77
N PHE D 144 20.12 43.45 44.96
CA PHE D 144 20.19 44.48 45.98
C PHE D 144 18.94 44.44 46.87
N TYR D 145 19.08 44.99 48.07
CA TYR D 145 17.98 45.15 48.99
C TYR D 145 18.28 46.36 49.86
N PRO D 146 17.29 47.22 50.15
CA PRO D 146 15.86 47.14 49.79
C PRO D 146 15.57 47.48 48.32
N ARG D 147 14.27 47.46 47.99
CA ARG D 147 13.85 47.66 46.60
C ARG D 147 14.14 49.08 46.11
N GLU D 148 14.01 50.08 46.99
CA GLU D 148 14.12 51.48 46.58
C GLU D 148 15.54 51.80 46.11
N ALA D 149 15.65 52.32 44.89
CA ALA D 149 16.93 52.73 44.33
C ALA D 149 16.66 53.73 43.22
N LYS D 150 17.60 54.65 43.02
CA LYS D 150 17.49 55.69 42.01
C LYS D 150 18.58 55.51 40.97
N VAL D 151 18.21 55.52 39.70
CA VAL D 151 19.14 55.41 38.58
C VAL D 151 18.99 56.66 37.73
N GLN D 152 20.12 57.32 37.45
CA GLN D 152 20.13 58.57 36.70
C GLN D 152 21.10 58.47 35.53
N TRP D 153 20.61 58.77 34.34
CA TRP D 153 21.41 58.73 33.12
C TRP D 153 22.03 60.09 32.83
N LYS D 154 23.32 60.10 32.51
CA LYS D 154 24.03 61.29 32.08
C LYS D 154 24.71 61.01 30.75
N VAL D 155 24.48 61.87 29.76
CA VAL D 155 25.11 61.75 28.45
C VAL D 155 25.85 63.06 28.19
N ASP D 156 27.19 63.00 28.22
CA ASP D 156 28.03 64.19 28.10
C ASP D 156 27.68 65.21 29.18
N ASN D 157 27.47 64.73 30.40
CA ASN D 157 27.13 65.54 31.57
C ASN D 157 25.73 66.12 31.47
N ALA D 158 25.07 65.95 30.34
CA ALA D 158 23.67 66.33 30.21
C ALA D 158 22.78 65.26 30.83
N LEU D 159 21.69 65.70 31.43
CA LEU D 159 20.82 64.82 32.21
C LEU D 159 19.59 64.47 31.36
N GLN D 160 19.39 63.18 31.14
CA GLN D 160 18.30 62.71 30.29
C GLN D 160 16.98 62.70 31.06
N SER D 161 15.89 62.79 30.30
CA SER D 161 14.55 62.75 30.87
C SER D 161 13.57 62.26 29.83
N GLY D 162 12.70 61.34 30.23
CA GLY D 162 11.65 60.85 29.35
C GLY D 162 12.08 59.86 28.30
N ASN D 163 13.38 59.55 28.21
CA ASN D 163 13.89 58.61 27.22
C ASN D 163 14.45 57.34 27.87
N SER D 164 13.99 57.01 29.07
CA SER D 164 14.46 55.82 29.77
C SER D 164 13.29 55.09 30.39
N GLN D 165 13.40 53.76 30.46
CA GLN D 165 12.40 52.92 31.09
C GLN D 165 13.12 51.87 31.92
N GLU D 166 12.48 51.47 33.01
CA GLU D 166 13.08 50.50 33.91
C GLU D 166 12.02 49.56 34.45
N SER D 167 12.46 48.34 34.78
CA SER D 167 11.60 47.34 35.39
C SER D 167 12.40 46.62 36.46
N VAL D 168 11.69 46.11 37.46
CA VAL D 168 12.30 45.45 38.60
C VAL D 168 11.81 44.01 38.63
N THR D 169 12.73 43.08 38.87
CA THR D 169 12.35 41.68 39.01
C THR D 169 11.61 41.46 40.32
N GLU D 170 10.93 40.33 40.40
CA GLU D 170 10.26 39.96 41.64
C GLU D 170 11.30 39.55 42.68
N GLN D 171 10.88 39.53 43.94
CA GLN D 171 11.81 39.19 45.01
C GLN D 171 12.32 37.77 44.83
N ASP D 172 13.64 37.61 44.87
CA ASP D 172 14.23 36.31 44.57
C ASP D 172 13.82 35.27 45.60
N SER D 173 13.56 34.06 45.11
CA SER D 173 13.11 32.98 45.97
C SER D 173 14.22 32.44 46.87
N LYS D 174 15.48 32.62 46.48
CA LYS D 174 16.60 32.06 47.24
C LYS D 174 17.18 33.05 48.24
N ASP D 175 17.64 34.21 47.77
CA ASP D 175 18.33 35.17 48.62
C ASP D 175 17.52 36.44 48.88
N SER D 176 16.26 36.49 48.43
CA SER D 176 15.35 37.58 48.75
C SER D 176 15.87 38.94 48.30
N THR D 177 16.49 38.99 47.12
CA THR D 177 17.04 40.21 46.58
C THR D 177 16.23 40.68 45.38
N TYR D 178 16.49 41.91 44.94
CA TYR D 178 15.85 42.51 43.79
C TYR D 178 16.90 42.83 42.74
N SER D 179 16.46 42.88 41.48
CA SER D 179 17.30 43.29 40.37
C SER D 179 16.55 44.31 39.52
N LEU D 180 17.25 45.35 39.11
CA LEU D 180 16.66 46.45 38.34
C LEU D 180 17.49 46.69 37.10
N SER D 181 16.81 47.04 36.01
CA SER D 181 17.47 47.35 34.74
C SER D 181 16.90 48.65 34.20
N SER D 182 17.78 49.56 33.81
CA SER D 182 17.38 50.83 33.22
C SER D 182 17.84 50.85 31.77
N THR D 183 16.92 51.17 30.87
CA THR D 183 17.18 51.13 29.43
C THR D 183 17.05 52.53 28.86
N LEU D 184 18.14 53.02 28.25
CA LEU D 184 18.15 54.30 27.57
C LEU D 184 18.01 54.06 26.07
N THR D 185 16.92 54.57 25.49
CA THR D 185 16.59 54.33 24.10
C THR D 185 16.78 55.62 23.30
N LEU D 186 17.62 55.56 22.28
CA LEU D 186 17.87 56.69 21.39
C LEU D 186 17.90 56.18 19.96
N SER D 187 17.67 57.08 19.01
CA SER D 187 17.85 56.73 17.62
C SER D 187 19.34 56.53 17.32
N LYS D 188 19.63 55.84 16.23
CA LYS D 188 21.03 55.65 15.84
C LYS D 188 21.71 56.99 15.63
N ALA D 189 20.99 57.96 15.08
CA ALA D 189 21.57 59.28 14.84
C ALA D 189 21.92 59.99 16.15
N ASP D 190 20.98 59.99 17.10
CA ASP D 190 21.23 60.66 18.38
C ASP D 190 22.35 59.98 19.15
N TYR D 191 22.48 58.66 19.03
CA TYR D 191 23.51 57.94 19.77
C TYR D 191 24.90 58.32 19.28
N GLU D 192 25.06 58.51 17.97
CA GLU D 192 26.37 58.80 17.38
C GLU D 192 26.78 60.26 17.50
N LYS D 193 25.96 61.11 18.13
CA LYS D 193 26.31 62.50 18.32
C LYS D 193 26.97 62.76 19.67
N HIS D 194 27.10 61.73 20.51
CA HIS D 194 27.61 61.88 21.86
C HIS D 194 28.63 60.79 22.14
N LYS D 195 29.52 61.08 23.09
CA LYS D 195 30.66 60.21 23.41
C LYS D 195 30.54 59.52 24.76
N VAL D 196 30.07 60.20 25.80
CA VAL D 196 30.06 59.68 27.15
C VAL D 196 28.63 59.32 27.53
N TYR D 197 28.44 58.10 28.03
CA TYR D 197 27.15 57.64 28.54
C TYR D 197 27.35 57.11 29.94
N ALA D 198 26.71 57.73 30.93
CA ALA D 198 26.94 57.43 32.34
C ALA D 198 25.66 57.01 33.03
N CYS D 199 25.77 56.01 33.89
CA CYS D 199 24.68 55.51 34.71
C CYS D 199 25.02 55.75 36.18
N GLU D 200 24.32 56.67 36.82
CA GLU D 200 24.54 56.98 38.23
C GLU D 200 23.51 56.25 39.08
N VAL D 201 24.00 55.49 40.06
CA VAL D 201 23.15 54.63 40.89
C VAL D 201 23.24 55.10 42.34
N THR D 202 22.09 55.35 42.95
CA THR D 202 22.00 55.71 44.35
C THR D 202 21.18 54.66 45.08
N HIS D 203 21.74 54.11 46.17
CA HIS D 203 21.09 53.07 46.93
C HIS D 203 21.48 53.19 48.39
N GLN D 204 20.62 52.65 49.26
CA GLN D 204 20.85 52.74 50.70
C GLN D 204 22.12 52.00 51.11
N GLY D 205 22.39 50.86 50.48
CA GLY D 205 23.56 50.06 50.79
C GLY D 205 24.88 50.58 50.28
N LEU D 206 24.88 51.74 49.64
CA LEU D 206 26.09 52.35 49.11
C LEU D 206 26.39 53.64 49.88
N SER D 207 27.68 53.83 50.22
CA SER D 207 28.08 55.03 50.96
C SER D 207 27.85 56.29 50.12
N SER D 208 28.27 56.26 48.87
CA SER D 208 28.13 57.38 47.94
C SER D 208 27.59 56.84 46.62
N PRO D 209 26.95 57.70 45.83
CA PRO D 209 26.43 57.25 44.53
C PRO D 209 27.53 56.69 43.64
N VAL D 210 27.23 55.57 42.98
CA VAL D 210 28.17 54.89 42.10
C VAL D 210 27.80 55.23 40.66
N THR D 211 28.78 55.71 39.90
CA THR D 211 28.59 56.10 38.50
C THR D 211 29.32 55.10 37.61
N LYS D 212 28.56 54.35 36.82
CA LYS D 212 29.10 53.41 35.85
C LYS D 212 28.90 54.01 34.46
N SER D 213 30.00 54.20 33.72
CA SER D 213 29.95 54.89 32.44
C SER D 213 30.86 54.19 31.45
N PHE D 214 30.67 54.53 30.17
CA PHE D 214 31.53 54.03 29.11
C PHE D 214 31.64 55.10 28.04
N ASN D 215 32.65 54.93 27.18
CA ASN D 215 32.89 55.84 26.06
C ASN D 215 32.60 55.12 24.76
N ARG D 216 31.85 55.79 23.87
CA ARG D 216 31.48 55.18 22.60
C ARG D 216 32.72 54.91 21.77
N GLY D 217 32.77 53.73 21.15
CA GLY D 217 33.91 53.33 20.34
C GLY D 217 34.98 52.60 21.14
N GLU E 1 -18.72 -21.43 -30.26
CA GLU E 1 -18.44 -21.87 -28.90
C GLU E 1 -18.06 -23.36 -28.88
N VAL E 2 -16.81 -23.62 -28.51
CA VAL E 2 -16.34 -25.01 -28.41
C VAL E 2 -16.98 -25.68 -27.22
N GLN E 3 -17.51 -26.89 -27.44
CA GLN E 3 -18.16 -27.69 -26.40
C GLN E 3 -17.53 -29.07 -26.39
N LEU E 4 -17.14 -29.53 -25.21
CA LEU E 4 -16.54 -30.84 -25.04
C LEU E 4 -17.42 -31.66 -24.11
N SER E 5 -17.94 -32.77 -24.62
CA SER E 5 -18.80 -33.67 -23.85
C SER E 5 -18.07 -34.98 -23.64
N GLU E 6 -18.08 -35.46 -22.41
CA GLU E 6 -17.35 -36.66 -22.02
C GLU E 6 -18.34 -37.77 -21.67
N SER E 7 -18.05 -38.95 -22.18
CA SER E 7 -18.93 -40.11 -21.98
C SER E 7 -18.07 -41.33 -21.70
N GLY E 8 -18.69 -42.29 -21.03
CA GLY E 8 -18.03 -43.53 -20.67
C GLY E 8 -18.55 -44.02 -19.33
N PRO E 9 -18.16 -45.23 -18.95
CA PRO E 9 -18.64 -45.77 -17.68
C PRO E 9 -18.04 -45.02 -16.50
N SER E 10 -18.83 -44.94 -15.43
CA SER E 10 -18.42 -44.25 -14.21
C SER E 10 -18.01 -45.22 -13.11
N LEU E 11 -18.05 -46.52 -13.38
CA LEU E 11 -17.66 -47.54 -12.42
C LEU E 11 -16.86 -48.60 -13.15
N VAL E 12 -15.62 -48.83 -12.69
CA VAL E 12 -14.72 -49.80 -13.30
C VAL E 12 -14.19 -50.72 -12.21
N LYS E 13 -14.21 -52.03 -12.47
CA LYS E 13 -13.65 -52.98 -11.53
C LYS E 13 -12.13 -52.90 -11.56
N PRO E 14 -11.46 -53.19 -10.43
CA PRO E 14 -10.00 -53.11 -10.40
C PRO E 14 -9.33 -54.07 -11.37
N SER E 15 -8.16 -53.63 -11.86
CA SER E 15 -7.31 -54.35 -12.81
C SER E 15 -7.84 -54.33 -14.25
N GLN E 16 -9.10 -53.94 -14.44
CA GLN E 16 -9.65 -53.87 -15.78
C GLN E 16 -9.24 -52.56 -16.45
N THR E 17 -9.73 -52.35 -17.67
CA THR E 17 -9.36 -51.20 -18.49
C THR E 17 -10.42 -50.12 -18.40
N LEU E 18 -9.99 -48.90 -18.13
CA LEU E 18 -10.86 -47.72 -18.12
C LEU E 18 -10.88 -47.09 -19.51
N SER E 19 -12.08 -46.86 -20.04
CA SER E 19 -12.27 -46.27 -21.35
C SER E 19 -13.22 -45.09 -21.25
N LEU E 20 -12.78 -43.94 -21.75
CA LEU E 20 -13.59 -42.73 -21.79
C LEU E 20 -13.50 -42.11 -23.18
N THR E 21 -14.57 -41.41 -23.56
CA THR E 21 -14.68 -40.76 -24.85
C THR E 21 -14.91 -39.27 -24.65
N CYS E 22 -14.28 -38.46 -25.49
CA CYS E 22 -14.46 -37.01 -25.47
C CYS E 22 -14.98 -36.59 -26.84
N SER E 23 -16.19 -36.05 -26.86
CA SER E 23 -16.81 -35.55 -28.08
C SER E 23 -16.62 -34.04 -28.11
N VAL E 24 -16.03 -33.53 -29.19
CA VAL E 24 -15.72 -32.11 -29.32
C VAL E 24 -16.64 -31.50 -30.37
N THR E 25 -17.07 -30.27 -30.13
CA THR E 25 -17.97 -29.54 -31.01
C THR E 25 -17.54 -28.08 -31.05
N GLY E 26 -17.26 -27.56 -32.24
CA GLY E 26 -16.91 -26.16 -32.41
C GLY E 26 -15.71 -25.96 -33.30
N ASP E 27 -14.63 -26.68 -33.01
CA ASP E 27 -13.45 -26.71 -33.86
C ASP E 27 -13.09 -28.16 -34.12
N SER E 28 -12.32 -28.39 -35.18
CA SER E 28 -11.92 -29.74 -35.54
C SER E 28 -10.70 -30.16 -34.74
N ILE E 29 -10.61 -31.47 -34.47
CA ILE E 29 -9.44 -32.01 -33.77
C ILE E 29 -8.22 -32.13 -34.66
N THR E 30 -8.34 -31.80 -35.95
CA THR E 30 -7.18 -31.70 -36.82
C THR E 30 -6.40 -30.41 -36.60
N SER E 31 -6.77 -29.62 -35.59
CA SER E 31 -6.06 -28.40 -35.22
C SER E 31 -5.91 -28.37 -33.70
N GLY E 32 -4.71 -28.00 -33.24
CA GLY E 32 -4.48 -27.87 -31.81
C GLY E 32 -4.11 -29.20 -31.15
N TYR E 33 -4.22 -29.21 -29.82
CA TYR E 33 -3.86 -30.36 -29.00
C TYR E 33 -5.01 -30.67 -28.07
N TRP E 34 -5.30 -31.96 -27.90
CA TRP E 34 -6.49 -32.42 -27.16
C TRP E 34 -6.04 -33.34 -26.03
N ASN E 35 -6.26 -32.89 -24.80
CA ASN E 35 -5.64 -33.45 -23.61
C ASN E 35 -6.67 -34.16 -22.73
N TRP E 36 -6.14 -34.94 -21.79
CA TRP E 36 -6.92 -35.55 -20.72
C TRP E 36 -6.31 -35.17 -19.38
N ILE E 37 -7.13 -34.68 -18.46
CA ILE E 37 -6.71 -34.29 -17.13
C ILE E 37 -7.67 -34.90 -16.12
N ARG E 38 -7.13 -35.37 -14.99
CA ARG E 38 -7.96 -35.95 -13.94
C ARG E 38 -7.71 -35.22 -12.63
N LYS E 39 -8.72 -35.25 -11.77
CA LYS E 39 -8.70 -34.53 -10.50
C LYS E 39 -8.99 -35.53 -9.39
N PHE E 40 -8.00 -35.78 -8.55
CA PHE E 40 -8.14 -36.77 -7.49
C PHE E 40 -9.04 -36.24 -6.38
N PRO E 41 -9.59 -37.12 -5.54
CA PRO E 41 -10.44 -36.66 -4.43
C PRO E 41 -9.76 -35.65 -3.52
N GLY E 42 -8.43 -35.69 -3.41
CA GLY E 42 -7.70 -34.69 -2.68
C GLY E 42 -7.67 -33.31 -3.33
N ASN E 43 -8.30 -33.16 -4.49
CA ASN E 43 -8.37 -31.95 -5.32
C ASN E 43 -7.08 -31.69 -6.09
N LYS E 44 -6.13 -32.63 -6.07
CA LYS E 44 -4.88 -32.45 -6.79
C LYS E 44 -5.09 -32.75 -8.28
N LEU E 45 -4.48 -31.93 -9.13
CA LEU E 45 -4.62 -32.06 -10.57
C LEU E 45 -3.39 -32.77 -11.14
N GLU E 46 -3.62 -33.81 -11.94
CA GLU E 46 -2.57 -34.53 -12.64
C GLU E 46 -2.83 -34.49 -14.13
N TYR E 47 -1.83 -34.08 -14.90
CA TYR E 47 -1.92 -34.11 -16.35
C TYR E 47 -1.58 -35.51 -16.85
N MET E 48 -2.41 -36.03 -17.77
CA MET E 48 -2.26 -37.40 -18.28
C MET E 48 -1.56 -37.43 -19.63
N GLY E 49 -2.09 -36.74 -20.62
CA GLY E 49 -1.48 -36.71 -21.93
C GLY E 49 -2.39 -36.07 -22.94
N TYR E 50 -1.93 -36.06 -24.19
CA TYR E 50 -2.73 -35.50 -25.29
C TYR E 50 -2.47 -36.30 -26.56
N ILE E 51 -3.35 -36.09 -27.52
CA ILE E 51 -3.11 -36.46 -28.91
C ILE E 51 -3.14 -35.18 -29.73
N SER E 52 -2.17 -35.05 -30.64
CA SER E 52 -1.98 -33.79 -31.34
C SER E 52 -2.90 -33.68 -32.55
N TYR E 53 -2.79 -32.57 -33.26
CA TYR E 53 -3.59 -32.38 -34.47
C TYR E 53 -3.22 -33.38 -35.55
N SER E 54 -1.95 -33.77 -35.63
CA SER E 54 -1.47 -34.74 -36.61
C SER E 54 -1.50 -36.17 -36.08
N GLY E 55 -1.99 -36.39 -34.87
CA GLY E 55 -2.04 -37.72 -34.28
C GLY E 55 -0.88 -38.06 -33.37
N GLY E 56 0.05 -37.13 -33.14
CA GLY E 56 1.15 -37.40 -32.23
C GLY E 56 0.71 -37.45 -30.78
N ASN E 57 1.49 -38.15 -29.97
CA ASN E 57 1.15 -38.41 -28.58
C ASN E 57 2.25 -37.92 -27.65
N TYR E 58 1.83 -37.40 -26.49
CA TYR E 58 2.72 -37.14 -25.36
C TYR E 58 1.99 -37.53 -24.09
N TYR E 59 2.61 -38.38 -23.28
CA TYR E 59 1.96 -38.91 -22.08
C TYR E 59 2.79 -38.58 -20.84
N ASN E 60 2.09 -38.55 -19.70
CA ASN E 60 2.78 -38.39 -18.43
C ASN E 60 3.69 -39.58 -18.20
N PRO E 61 4.92 -39.35 -17.72
CA PRO E 61 5.86 -40.48 -17.56
C PRO E 61 5.38 -41.56 -16.60
N SER E 62 4.67 -41.17 -15.53
CA SER E 62 4.19 -42.15 -14.55
C SER E 62 3.03 -43.00 -15.06
N LEU E 63 2.43 -42.62 -16.19
CA LEU E 63 1.31 -43.38 -16.76
C LEU E 63 1.64 -44.01 -18.10
N ARG E 64 2.84 -43.82 -18.63
CA ARG E 64 3.17 -44.23 -19.99
C ARG E 64 3.04 -45.73 -20.20
N SER E 65 3.16 -46.53 -19.14
CA SER E 65 3.14 -47.98 -19.31
C SER E 65 1.74 -48.52 -19.56
N ARG E 66 0.69 -47.82 -19.09
CA ARG E 66 -0.66 -48.37 -19.16
C ARG E 66 -1.68 -47.37 -19.70
N ILE E 67 -1.24 -46.31 -20.38
CA ILE E 67 -2.14 -45.29 -20.89
C ILE E 67 -2.17 -45.36 -22.42
N SER E 68 -3.25 -44.83 -22.99
CA SER E 68 -3.40 -44.78 -24.44
C SER E 68 -4.41 -43.71 -24.80
N ILE E 69 -4.06 -42.84 -25.75
CA ILE E 69 -4.94 -41.79 -26.24
C ILE E 69 -4.97 -41.85 -27.76
N THR E 70 -6.12 -42.19 -28.33
CA THR E 70 -6.32 -42.26 -29.77
C THR E 70 -7.41 -41.27 -30.17
N ARG E 71 -7.69 -41.20 -31.47
CA ARG E 71 -8.64 -40.23 -31.98
C ARG E 71 -9.40 -40.81 -33.16
N ASP E 72 -10.47 -40.14 -33.54
CA ASP E 72 -11.27 -40.47 -34.73
C ASP E 72 -11.68 -39.15 -35.36
N THR E 73 -10.98 -38.77 -36.44
CA THR E 73 -11.24 -37.46 -37.04
C THR E 73 -12.59 -37.41 -37.75
N SER E 74 -13.03 -38.54 -38.32
CA SER E 74 -14.32 -38.55 -39.01
C SER E 74 -15.47 -38.31 -38.03
N LYS E 75 -15.43 -38.96 -36.87
CA LYS E 75 -16.42 -38.70 -35.83
C LYS E 75 -16.10 -37.45 -35.02
N ASN E 76 -14.91 -36.89 -35.16
CA ASN E 76 -14.43 -35.76 -34.36
C ASN E 76 -14.46 -36.10 -32.87
N HIS E 77 -14.03 -37.32 -32.55
CA HIS E 77 -13.92 -37.81 -31.18
C HIS E 77 -12.49 -38.27 -30.92
N TYR E 78 -12.08 -38.21 -29.65
CA TYR E 78 -10.85 -38.86 -29.22
C TYR E 78 -11.09 -39.56 -27.90
N TYR E 79 -10.33 -40.63 -27.66
CA TYR E 79 -10.61 -41.60 -26.61
C TYR E 79 -9.44 -41.73 -25.66
N LEU E 80 -9.75 -42.16 -24.44
CA LEU E 80 -8.75 -42.39 -23.40
C LEU E 80 -8.84 -43.84 -22.92
N GLN E 81 -7.68 -44.47 -22.77
CA GLN E 81 -7.61 -45.84 -22.26
C GLN E 81 -6.57 -45.90 -21.16
N LEU E 82 -6.95 -46.51 -20.03
CA LEU E 82 -6.07 -46.71 -18.89
C LEU E 82 -6.17 -48.18 -18.48
N ASN E 83 -5.08 -48.92 -18.62
CA ASN E 83 -5.08 -50.35 -18.34
C ASN E 83 -4.68 -50.61 -16.90
N SER E 84 -5.13 -51.74 -16.37
CA SER E 84 -4.76 -52.22 -15.04
C SER E 84 -5.00 -51.15 -13.98
N VAL E 85 -6.21 -50.58 -13.99
CA VAL E 85 -6.52 -49.50 -13.07
C VAL E 85 -6.62 -50.05 -11.65
N THR E 86 -6.31 -49.19 -10.69
CA THR E 86 -6.41 -49.49 -9.26
C THR E 86 -7.24 -48.41 -8.60
N THR E 87 -7.43 -48.53 -7.29
CA THR E 87 -8.22 -47.54 -6.56
C THR E 87 -7.59 -46.15 -6.63
N GLU E 88 -6.28 -46.07 -6.86
CA GLU E 88 -5.62 -44.78 -7.00
C GLU E 88 -6.02 -44.05 -8.29
N ASP E 89 -6.77 -44.71 -9.18
CA ASP E 89 -7.23 -44.09 -10.41
C ASP E 89 -8.63 -43.52 -10.29
N THR E 90 -9.25 -43.60 -9.11
CA THR E 90 -10.55 -42.97 -8.88
C THR E 90 -10.37 -41.46 -8.88
N ALA E 91 -10.96 -40.79 -9.87
CA ALA E 91 -10.79 -39.35 -10.00
C ALA E 91 -11.86 -38.82 -10.95
N THR E 92 -11.86 -37.50 -11.12
CA THR E 92 -12.73 -36.82 -12.07
C THR E 92 -11.91 -36.49 -13.31
N TYR E 93 -12.29 -37.09 -14.44
CA TYR E 93 -11.49 -37.01 -15.66
C TYR E 93 -12.04 -35.91 -16.57
N TYR E 94 -11.16 -35.03 -17.03
CA TYR E 94 -11.50 -33.92 -17.92
C TYR E 94 -10.78 -34.09 -19.25
N CYS E 95 -11.44 -33.62 -20.31
CA CYS E 95 -10.80 -33.48 -21.61
C CYS E 95 -10.80 -32.00 -21.99
N ALA E 96 -9.65 -31.51 -22.46
CA ALA E 96 -9.50 -30.09 -22.72
C ALA E 96 -8.60 -29.89 -23.93
N ARG E 97 -8.82 -28.78 -24.63
CA ARG E 97 -8.03 -28.40 -25.80
C ARG E 97 -6.92 -27.44 -25.40
N LEU E 98 -5.72 -27.67 -25.93
CA LEU E 98 -4.60 -26.76 -25.76
C LEU E 98 -4.45 -25.94 -27.04
N SER E 99 -4.58 -24.62 -26.92
CA SER E 99 -4.53 -23.72 -28.05
C SER E 99 -3.11 -23.53 -28.54
N ASP E 100 -2.97 -23.38 -29.86
CA ASP E 100 -1.66 -23.07 -30.43
C ASP E 100 -1.18 -21.68 -30.02
N SER E 101 -2.10 -20.73 -29.96
CA SER E 101 -1.75 -19.35 -29.60
C SER E 101 -1.52 -19.22 -28.10
N LEU E 102 -2.42 -19.77 -27.29
CA LEU E 102 -2.31 -19.61 -25.84
C LEU E 102 -1.23 -20.49 -25.23
N TYR E 103 -0.98 -21.67 -25.83
CA TYR E 103 -0.09 -22.69 -25.29
C TYR E 103 -0.56 -23.24 -23.95
N ALA E 104 -1.82 -22.99 -23.60
CA ALA E 104 -2.43 -23.53 -22.39
C ALA E 104 -3.80 -24.12 -22.74
N MET E 105 -4.39 -24.80 -21.76
CA MET E 105 -5.70 -25.43 -21.94
C MET E 105 -6.78 -24.42 -21.57
N ASP E 106 -7.54 -23.96 -22.57
CA ASP E 106 -8.50 -22.89 -22.37
C ASP E 106 -9.95 -23.32 -22.45
N CYS E 107 -10.25 -24.44 -23.08
CA CYS E 107 -11.61 -24.95 -23.20
C CYS E 107 -11.66 -26.37 -22.63
N TRP E 108 -12.54 -26.58 -21.66
CA TRP E 108 -12.61 -27.83 -20.93
C TRP E 108 -14.01 -28.42 -20.99
N GLY E 109 -14.10 -29.71 -20.72
CA GLY E 109 -15.38 -30.33 -20.48
C GLY E 109 -15.74 -30.27 -19.00
N GLN E 110 -17.02 -30.53 -18.72
CA GLN E 110 -17.47 -30.51 -17.34
C GLN E 110 -16.85 -31.62 -16.51
N GLY E 111 -16.31 -32.65 -17.15
CA GLY E 111 -15.68 -33.73 -16.40
C GLY E 111 -16.63 -34.87 -16.13
N THR E 112 -16.05 -36.05 -15.96
CA THR E 112 -16.82 -37.25 -15.63
C THR E 112 -16.13 -37.94 -14.46
N SER E 113 -16.91 -38.33 -13.47
CA SER E 113 -16.39 -39.01 -12.28
C SER E 113 -16.29 -40.50 -12.55
N VAL E 114 -15.12 -41.07 -12.27
CA VAL E 114 -14.88 -42.50 -12.44
C VAL E 114 -14.42 -43.07 -11.10
N THR E 115 -15.06 -44.15 -10.67
CA THR E 115 -14.74 -44.81 -9.41
C THR E 115 -14.24 -46.22 -9.70
N VAL E 116 -13.15 -46.60 -9.06
CA VAL E 116 -12.59 -47.94 -9.18
C VAL E 116 -12.95 -48.69 -7.91
N SER E 117 -13.84 -49.68 -8.03
CA SER E 117 -14.30 -50.45 -6.90
C SER E 117 -14.98 -51.71 -7.43
N SER E 118 -15.05 -52.73 -6.58
CA SER E 118 -15.70 -53.98 -6.91
C SER E 118 -17.17 -54.01 -6.53
N ALA E 119 -17.67 -52.95 -5.88
CA ALA E 119 -19.08 -52.88 -5.52
C ALA E 119 -19.92 -52.52 -6.74
N SER E 120 -21.13 -53.07 -6.77
CA SER E 120 -22.04 -52.85 -7.89
C SER E 120 -22.75 -51.51 -7.78
N THR E 121 -23.30 -51.08 -8.92
CA THR E 121 -24.06 -49.83 -8.97
C THR E 121 -25.38 -49.98 -8.21
N LYS E 122 -25.93 -48.84 -7.79
CA LYS E 122 -27.20 -48.82 -7.08
C LYS E 122 -27.81 -47.44 -7.26
N GLY E 123 -29.08 -47.40 -7.66
CA GLY E 123 -29.78 -46.16 -7.87
C GLY E 123 -30.17 -45.49 -6.58
N PRO E 124 -30.38 -44.18 -6.62
CA PRO E 124 -30.72 -43.45 -5.40
C PRO E 124 -32.22 -43.34 -5.18
N SER E 125 -32.61 -43.41 -3.90
CA SER E 125 -33.95 -43.08 -3.49
C SER E 125 -34.02 -41.59 -3.17
N VAL E 126 -35.12 -40.96 -3.61
CA VAL E 126 -35.31 -39.53 -3.44
C VAL E 126 -36.50 -39.33 -2.51
N PHE E 127 -36.25 -38.75 -1.33
CA PHE E 127 -37.27 -38.51 -0.32
C PHE E 127 -37.48 -37.01 -0.11
N PRO E 128 -38.72 -36.60 0.22
CA PRO E 128 -39.04 -35.18 0.41
C PRO E 128 -38.63 -34.65 1.79
N CYS E 145 -34.49 -31.94 -0.80
CA CYS E 145 -34.60 -33.35 -1.15
C CYS E 145 -33.44 -34.17 -0.61
N LEU E 146 -33.76 -35.37 -0.11
CA LEU E 146 -32.77 -36.29 0.41
C LEU E 146 -32.48 -37.36 -0.63
N VAL E 147 -31.28 -37.32 -1.20
CA VAL E 147 -30.82 -38.30 -2.17
C VAL E 147 -29.96 -39.30 -1.40
N LYS E 148 -30.55 -40.46 -1.08
CA LYS E 148 -29.95 -41.41 -0.15
C LYS E 148 -29.71 -42.75 -0.82
N ASP E 149 -28.60 -43.39 -0.44
CA ASP E 149 -28.28 -44.78 -0.77
C ASP E 149 -28.09 -44.98 -2.28
N TYR E 150 -27.03 -44.35 -2.79
CA TYR E 150 -26.61 -44.55 -4.17
C TYR E 150 -25.12 -44.85 -4.22
N PHE E 151 -24.69 -45.44 -5.34
CA PHE E 151 -23.29 -45.78 -5.59
C PHE E 151 -23.10 -46.04 -7.07
N PRO E 152 -22.06 -45.48 -7.69
CA PRO E 152 -21.12 -44.56 -7.06
C PRO E 152 -21.47 -43.09 -7.34
N GLU E 153 -20.51 -42.20 -7.07
CA GLU E 153 -20.64 -40.81 -7.43
C GLU E 153 -20.70 -40.65 -8.95
N PRO E 154 -21.27 -39.54 -9.45
CA PRO E 154 -21.92 -38.44 -8.72
C PRO E 154 -23.42 -38.37 -8.94
N VAL E 155 -24.08 -37.48 -8.21
CA VAL E 155 -25.49 -37.16 -8.42
C VAL E 155 -25.62 -35.65 -8.55
N THR E 156 -26.28 -35.21 -9.62
CA THR E 156 -26.57 -33.80 -9.86
C THR E 156 -28.03 -33.53 -9.55
N VAL E 157 -28.29 -32.43 -8.83
CA VAL E 157 -29.64 -32.07 -8.41
C VAL E 157 -29.93 -30.64 -8.85
N SER E 158 -31.05 -30.47 -9.55
CA SER E 158 -31.58 -29.15 -9.90
C SER E 158 -32.97 -29.02 -9.32
N TRP E 159 -33.47 -27.78 -9.27
CA TRP E 159 -34.77 -27.48 -8.68
C TRP E 159 -35.66 -26.80 -9.71
N ASN E 160 -36.84 -27.38 -9.92
CA ASN E 160 -37.84 -26.87 -10.86
C ASN E 160 -37.25 -26.71 -12.26
N SER E 161 -36.53 -27.76 -12.71
CA SER E 161 -35.97 -27.83 -14.05
C SER E 161 -35.04 -26.66 -14.36
N GLY E 162 -34.31 -26.18 -13.35
CA GLY E 162 -33.38 -25.08 -13.52
C GLY E 162 -33.96 -23.71 -13.33
N ALA E 163 -35.28 -23.59 -13.14
CA ALA E 163 -35.88 -22.27 -12.93
C ALA E 163 -35.52 -21.71 -11.57
N LEU E 164 -35.35 -22.56 -10.57
CA LEU E 164 -35.02 -22.15 -9.21
C LEU E 164 -33.52 -22.39 -8.99
N THR E 165 -32.74 -21.31 -8.98
CA THR E 165 -31.30 -21.40 -8.75
C THR E 165 -30.83 -20.57 -7.57
N SER E 166 -31.46 -19.44 -7.29
CA SER E 166 -31.06 -18.61 -6.16
C SER E 166 -31.40 -19.30 -4.85
N GLY E 167 -30.43 -19.32 -3.94
CA GLY E 167 -30.65 -19.93 -2.64
C GLY E 167 -30.56 -21.44 -2.61
N VAL E 168 -30.10 -22.07 -3.68
CA VAL E 168 -29.97 -23.52 -3.76
C VAL E 168 -28.61 -23.92 -3.20
N HIS E 169 -28.61 -24.87 -2.27
CA HIS E 169 -27.38 -25.38 -1.67
C HIS E 169 -27.38 -26.90 -1.79
N THR E 170 -26.60 -27.43 -2.74
CA THR E 170 -26.42 -28.86 -2.91
C THR E 170 -25.15 -29.27 -2.18
N PHE E 171 -25.31 -30.04 -1.11
CA PHE E 171 -24.23 -30.39 -0.21
C PHE E 171 -23.33 -31.47 -0.82
N PRO E 172 -22.05 -31.50 -0.44
CA PRO E 172 -21.20 -32.63 -0.83
C PRO E 172 -21.71 -33.93 -0.22
N ALA E 173 -21.64 -35.00 -1.02
CA ALA E 173 -22.14 -36.29 -0.59
C ALA E 173 -21.29 -36.85 0.54
N VAL E 174 -21.92 -37.70 1.36
CA VAL E 174 -21.23 -38.38 2.46
C VAL E 174 -21.28 -39.89 2.20
N LEU E 175 -20.23 -40.57 2.62
CA LEU E 175 -20.13 -42.02 2.49
C LEU E 175 -20.61 -42.66 3.79
N GLN E 176 -21.72 -43.38 3.73
CA GLN E 176 -22.29 -44.03 4.89
C GLN E 176 -21.51 -45.31 5.22
N SER E 177 -21.80 -45.88 6.39
CA SER E 177 -21.12 -47.10 6.84
C SER E 177 -21.47 -48.33 6.00
N SER E 178 -22.53 -48.26 5.21
CA SER E 178 -22.95 -49.38 4.37
C SER E 178 -22.23 -49.41 3.02
N GLY E 179 -21.41 -48.40 2.73
CA GLY E 179 -20.76 -48.32 1.44
C GLY E 179 -21.50 -47.49 0.42
N LEU E 180 -22.71 -47.03 0.73
CA LEU E 180 -23.52 -46.23 -0.18
C LEU E 180 -23.37 -44.75 0.16
N TYR E 181 -23.57 -43.91 -0.85
CA TYR E 181 -23.49 -42.47 -0.69
C TYR E 181 -24.86 -41.87 -0.41
N SER E 182 -24.86 -40.71 0.25
CA SER E 182 -26.07 -39.98 0.60
C SER E 182 -25.82 -38.50 0.38
N LEU E 183 -26.81 -37.81 -0.20
CA LEU E 183 -26.66 -36.41 -0.55
C LEU E 183 -27.94 -35.66 -0.17
N SER E 184 -27.79 -34.35 0.02
CA SER E 184 -28.92 -33.48 0.34
C SER E 184 -28.83 -32.19 -0.45
N SER E 185 -29.97 -31.75 -0.98
CA SER E 185 -30.07 -30.49 -1.72
C SER E 185 -31.19 -29.66 -1.12
N VAL E 186 -30.87 -28.44 -0.70
CA VAL E 186 -31.84 -27.56 -0.05
C VAL E 186 -31.94 -26.26 -0.84
N VAL E 187 -33.00 -25.51 -0.54
CA VAL E 187 -33.23 -24.21 -1.16
C VAL E 187 -34.09 -23.32 -0.27
N THR E 198 -45.60 -25.04 -6.18
CA THR E 198 -45.08 -26.39 -6.35
C THR E 198 -43.56 -26.37 -6.52
N TYR E 199 -42.87 -27.15 -5.68
CA TYR E 199 -41.42 -27.26 -5.71
C TYR E 199 -41.05 -28.72 -6.00
N ILE E 200 -40.29 -28.94 -7.07
CA ILE E 200 -39.88 -30.28 -7.48
C ILE E 200 -38.39 -30.26 -7.75
N CYS E 201 -37.66 -31.17 -7.11
CA CYS E 201 -36.23 -31.34 -7.32
C CYS E 201 -35.97 -32.40 -8.37
N ASN E 202 -35.00 -32.13 -9.24
CA ASN E 202 -34.64 -33.03 -10.35
C ASN E 202 -33.33 -33.72 -10.00
N VAL E 203 -33.41 -35.00 -9.65
CA VAL E 203 -32.26 -35.80 -9.26
C VAL E 203 -31.85 -36.68 -10.43
N ASN E 204 -30.58 -36.60 -10.82
CA ASN E 204 -30.04 -37.38 -11.92
C ASN E 204 -28.84 -38.19 -11.42
N HIS E 205 -28.88 -39.50 -11.66
CA HIS E 205 -27.79 -40.42 -11.30
C HIS E 205 -27.40 -41.20 -12.55
N LYS E 206 -26.48 -40.64 -13.33
CA LYS E 206 -26.05 -41.31 -14.56
C LYS E 206 -25.44 -42.69 -14.35
N PRO E 207 -24.68 -42.97 -13.28
CA PRO E 207 -24.14 -44.33 -13.11
C PRO E 207 -25.20 -45.43 -13.14
N SER E 208 -26.43 -45.14 -12.73
CA SER E 208 -27.51 -46.12 -12.76
C SER E 208 -28.62 -45.75 -13.75
N ASN E 209 -28.42 -44.68 -14.54
CA ASN E 209 -29.42 -44.22 -15.50
C ASN E 209 -30.77 -43.94 -14.82
N THR E 210 -30.69 -43.26 -13.68
CA THR E 210 -31.86 -42.97 -12.85
C THR E 210 -32.13 -41.48 -12.81
N LYS E 211 -33.38 -41.10 -13.07
CA LYS E 211 -33.81 -39.72 -12.99
C LYS E 211 -35.16 -39.69 -12.27
N VAL E 212 -35.21 -39.01 -11.13
CA VAL E 212 -36.40 -38.99 -10.28
C VAL E 212 -36.75 -37.54 -9.97
N ASP E 213 -38.00 -37.18 -10.24
CA ASP E 213 -38.56 -35.89 -9.84
C ASP E 213 -39.48 -36.10 -8.64
N LYS E 214 -39.18 -35.44 -7.53
CA LYS E 214 -39.92 -35.62 -6.29
C LYS E 214 -40.55 -34.30 -5.88
N LYS E 215 -41.87 -34.30 -5.71
CA LYS E 215 -42.62 -33.12 -5.30
C LYS E 215 -42.65 -33.03 -3.78
N VAL E 216 -42.29 -31.87 -3.26
CA VAL E 216 -42.21 -31.63 -1.82
C VAL E 216 -43.35 -30.70 -1.40
N GLU E 217 -44.38 -31.25 -0.75
CA GLU E 217 -45.44 -30.38 -0.26
C GLU E 217 -45.36 -30.30 1.26
N PRO E 218 -45.82 -29.19 1.87
CA PRO E 218 -45.77 -29.03 3.34
C PRO E 218 -46.63 -30.04 4.09
N LEU F 3 8.26 -31.34 -5.74
CA LEU F 3 9.64 -30.90 -5.91
C LEU F 3 9.82 -30.16 -7.24
N VAL F 4 8.97 -30.49 -8.22
CA VAL F 4 9.02 -29.81 -9.51
C VAL F 4 8.27 -28.49 -9.47
N LEU F 5 7.11 -28.45 -8.81
CA LEU F 5 6.34 -27.22 -8.67
C LEU F 5 5.84 -27.14 -7.23
N THR F 6 6.27 -26.11 -6.50
CA THR F 6 5.85 -25.88 -5.13
C THR F 6 5.06 -24.58 -5.07
N GLN F 7 3.84 -24.64 -4.56
CA GLN F 7 2.97 -23.48 -4.42
C GLN F 7 2.95 -22.98 -2.99
N SER F 8 2.84 -21.66 -2.85
CA SER F 8 2.73 -21.02 -1.55
C SER F 8 1.77 -19.84 -1.64
N PRO F 9 0.87 -19.68 -0.66
CA PRO F 9 0.73 -20.56 0.50
C PRO F 9 -0.14 -21.78 0.19
N ALA F 10 -0.21 -22.74 1.11
CA ALA F 10 -1.11 -23.87 0.91
C ALA F 10 -2.57 -23.43 1.03
N SER F 11 -2.88 -22.62 2.04
CA SER F 11 -4.22 -22.06 2.23
C SER F 11 -4.10 -20.59 2.59
N LEU F 12 -5.14 -19.83 2.25
CA LEU F 12 -5.11 -18.38 2.36
C LEU F 12 -6.48 -17.85 2.76
N THR F 13 -6.49 -16.84 3.62
CA THR F 13 -7.72 -16.23 4.12
C THR F 13 -7.58 -14.72 4.07
N VAL F 14 -8.25 -14.08 3.12
CA VAL F 14 -8.09 -12.67 2.80
C VAL F 14 -9.43 -11.97 2.89
N SER F 15 -9.42 -10.73 3.36
CA SER F 15 -10.62 -9.92 3.44
C SER F 15 -10.99 -9.35 2.07
N LEU F 16 -12.23 -8.92 1.95
CA LEU F 16 -12.71 -8.34 0.70
C LEU F 16 -12.00 -7.04 0.40
N GLY F 17 -11.80 -6.76 -0.89
CA GLY F 17 -11.18 -5.52 -1.30
C GLY F 17 -9.70 -5.41 -1.04
N GLN F 18 -9.05 -6.47 -0.58
CA GLN F 18 -7.65 -6.43 -0.23
C GLN F 18 -6.82 -7.12 -1.32
N ARG F 19 -5.54 -7.32 -1.06
CA ARG F 19 -4.63 -7.91 -2.03
C ARG F 19 -4.20 -9.29 -1.56
N ALA F 20 -4.30 -10.27 -2.44
CA ALA F 20 -3.85 -11.64 -2.17
C ALA F 20 -2.73 -11.99 -3.14
N THR F 21 -1.65 -12.54 -2.60
CA THR F 21 -0.47 -12.89 -3.39
C THR F 21 -0.15 -14.36 -3.18
N MET F 22 0.03 -15.08 -4.29
CA MET F 22 0.37 -16.49 -4.28
C MET F 22 1.58 -16.70 -5.17
N SER F 23 2.38 -17.72 -4.86
CA SER F 23 3.62 -17.96 -5.57
C SER F 23 3.72 -19.42 -6.01
N CYS F 24 4.37 -19.62 -7.16
CA CYS F 24 4.65 -20.93 -7.72
C CYS F 24 6.13 -20.99 -8.03
N ARG F 25 6.84 -21.94 -7.41
CA ARG F 25 8.29 -22.06 -7.55
C ARG F 25 8.59 -23.28 -8.42
N SER F 26 9.44 -23.08 -9.43
CA SER F 26 9.63 -24.08 -10.47
C SER F 26 10.78 -25.05 -10.23
N SER F 27 11.78 -24.68 -9.43
CA SER F 27 12.94 -25.52 -9.15
C SER F 27 13.84 -25.71 -10.38
N GLU F 28 13.32 -25.41 -11.56
CA GLU F 28 14.11 -25.40 -12.79
C GLU F 28 13.34 -24.61 -13.84
N SER F 29 14.08 -23.93 -14.72
CA SER F 29 13.50 -22.92 -15.59
C SER F 29 12.39 -23.47 -16.46
N VAL F 30 11.32 -22.69 -16.60
CA VAL F 30 10.22 -22.99 -17.51
C VAL F 30 10.24 -22.07 -18.74
N ASP F 31 11.37 -21.44 -19.02
CA ASP F 31 11.48 -20.51 -20.12
C ASP F 31 11.92 -21.22 -21.40
N ALA F 32 11.30 -20.85 -22.52
CA ALA F 32 11.67 -21.40 -23.82
C ALA F 32 11.17 -20.46 -24.91
N HIS F 33 12.04 -20.13 -25.86
CA HIS F 33 11.68 -19.32 -27.03
C HIS F 33 11.09 -17.97 -26.63
N GLY F 34 11.61 -17.41 -25.54
CA GLY F 34 11.14 -16.12 -25.06
C GLY F 34 9.80 -16.14 -24.38
N TYR F 35 9.30 -17.32 -24.00
CA TYR F 35 8.04 -17.46 -23.31
C TYR F 35 8.24 -18.19 -21.99
N SER F 36 7.41 -17.86 -21.01
CA SER F 36 7.39 -18.53 -19.71
C SER F 36 6.19 -19.46 -19.70
N PHE F 37 6.44 -20.76 -19.84
CA PHE F 37 5.35 -21.74 -19.95
C PHE F 37 4.83 -22.09 -18.56
N LEU F 38 4.19 -21.10 -17.95
CA LEU F 38 3.52 -21.28 -16.66
C LEU F 38 2.19 -20.57 -16.71
N HIS F 39 1.13 -21.29 -16.35
CA HIS F 39 -0.23 -20.79 -16.46
C HIS F 39 -0.96 -20.98 -15.14
N TRP F 40 -1.89 -20.07 -14.85
CA TRP F 40 -2.64 -20.09 -13.60
C TRP F 40 -4.08 -20.49 -13.89
N TYR F 41 -4.58 -21.45 -13.12
CA TYR F 41 -5.93 -21.98 -13.28
C TYR F 41 -6.70 -21.79 -11.99
N GLN F 42 -7.98 -21.50 -12.12
CA GLN F 42 -8.91 -21.40 -11.00
C GLN F 42 -9.90 -22.55 -11.07
N GLN F 43 -10.02 -23.30 -9.98
CA GLN F 43 -10.95 -24.42 -9.93
C GLN F 43 -11.87 -24.27 -8.72
N LYS F 44 -13.18 -24.33 -8.97
CA LYS F 44 -14.22 -24.30 -7.96
C LYS F 44 -14.88 -25.68 -7.88
N PRO F 45 -15.56 -25.98 -6.77
CA PRO F 45 -16.20 -27.30 -6.65
C PRO F 45 -17.28 -27.49 -7.70
N GLY F 46 -17.31 -28.68 -8.29
CA GLY F 46 -18.25 -28.99 -9.35
C GLY F 46 -18.05 -28.16 -10.60
N GLN F 47 -16.81 -27.80 -10.91
CA GLN F 47 -16.49 -27.00 -12.09
C GLN F 47 -15.13 -27.42 -12.60
N PRO F 48 -14.90 -27.33 -13.91
CA PRO F 48 -13.58 -27.63 -14.45
C PRO F 48 -12.60 -26.52 -14.16
N PRO F 49 -11.30 -26.77 -14.27
CA PRO F 49 -10.32 -25.69 -14.11
C PRO F 49 -10.52 -24.61 -15.14
N LYS F 50 -10.37 -23.36 -14.70
CA LYS F 50 -10.59 -22.19 -15.55
C LYS F 50 -9.27 -21.47 -15.76
N LEU F 51 -8.93 -21.22 -17.02
CA LEU F 51 -7.68 -20.54 -17.35
C LEU F 51 -7.82 -19.06 -17.01
N LEU F 52 -6.95 -18.57 -16.13
CA LEU F 52 -6.89 -17.15 -15.77
C LEU F 52 -5.76 -16.44 -16.49
N ILE F 53 -4.52 -16.86 -16.23
CA ILE F 53 -3.33 -16.27 -16.83
C ILE F 53 -2.62 -17.34 -17.64
N TYR F 54 -2.30 -17.03 -18.89
CA TYR F 54 -1.49 -17.89 -19.73
C TYR F 54 -0.16 -17.20 -20.03
N LEU F 55 0.91 -18.00 -20.08
CA LEU F 55 2.26 -17.50 -20.35
C LEU F 55 2.67 -16.46 -19.31
N ALA F 56 2.49 -16.82 -18.04
CA ALA F 56 2.98 -16.08 -16.88
C ALA F 56 2.28 -14.74 -16.63
N SER F 57 2.02 -13.94 -17.67
CA SER F 57 1.59 -12.57 -17.42
C SER F 57 0.45 -12.08 -18.30
N ASN F 58 -0.11 -12.91 -19.18
CA ASN F 58 -1.17 -12.48 -20.09
C ASN F 58 -2.53 -12.91 -19.56
N LEU F 59 -3.47 -11.98 -19.54
CA LEU F 59 -4.80 -12.20 -19.00
C LEU F 59 -5.69 -12.82 -20.07
N GLU F 60 -6.33 -13.95 -19.74
CA GLU F 60 -7.22 -14.61 -20.67
C GLU F 60 -8.52 -13.82 -20.83
N SER F 61 -9.14 -13.94 -22.00
CA SER F 61 -10.38 -13.24 -22.29
C SER F 61 -11.46 -13.61 -21.27
N GLY F 62 -12.21 -12.61 -20.82
CA GLY F 62 -13.25 -12.81 -19.85
C GLY F 62 -12.79 -12.84 -18.40
N VAL F 63 -11.48 -12.76 -18.16
CA VAL F 63 -10.96 -12.76 -16.79
C VAL F 63 -10.81 -11.30 -16.36
N PRO F 64 -11.29 -10.93 -15.18
CA PRO F 64 -11.22 -9.53 -14.75
C PRO F 64 -9.79 -9.05 -14.61
N ALA F 65 -9.61 -7.73 -14.71
CA ALA F 65 -8.30 -7.12 -14.55
C ALA F 65 -7.78 -7.22 -13.12
N ARG F 66 -8.62 -7.66 -12.18
CA ARG F 66 -8.18 -7.86 -10.81
C ARG F 66 -7.10 -8.92 -10.72
N PHE F 67 -7.08 -9.87 -11.67
CA PHE F 67 -6.07 -10.91 -11.72
C PHE F 67 -4.88 -10.45 -12.54
N SER F 68 -3.67 -10.65 -12.01
CA SER F 68 -2.45 -10.31 -12.71
C SER F 68 -1.36 -11.30 -12.33
N GLY F 69 -0.45 -11.54 -13.25
CA GLY F 69 0.63 -12.48 -13.00
C GLY F 69 1.95 -11.93 -13.51
N SER F 70 3.02 -12.37 -12.86
CA SER F 70 4.37 -11.95 -13.18
C SER F 70 5.35 -13.03 -12.74
N GLY F 71 6.43 -13.16 -13.47
CA GLY F 71 7.44 -14.15 -13.11
C GLY F 71 8.45 -14.35 -14.21
N SER F 72 9.55 -15.00 -13.84
CA SER F 72 10.57 -15.41 -14.78
C SER F 72 11.02 -16.81 -14.41
N ARG F 73 11.96 -17.35 -15.20
CA ARG F 73 12.37 -18.76 -15.21
C ARG F 73 11.82 -19.65 -14.09
N THR F 74 12.08 -19.33 -12.82
CA THR F 74 11.69 -20.23 -11.73
C THR F 74 10.81 -19.62 -10.65
N ASP F 75 10.55 -18.30 -10.67
CA ASP F 75 9.75 -17.66 -9.64
C ASP F 75 8.57 -16.96 -10.30
N PHE F 76 7.36 -17.34 -9.91
CA PHE F 76 6.13 -16.77 -10.46
C PHE F 76 5.17 -16.43 -9.34
N THR F 77 4.35 -15.41 -9.57
CA THR F 77 3.42 -14.93 -8.56
C THR F 77 2.10 -14.55 -9.20
N LEU F 78 1.00 -14.93 -8.56
CA LEU F 78 -0.34 -14.53 -8.98
C LEU F 78 -0.93 -13.61 -7.93
N THR F 79 -1.42 -12.44 -8.38
CA THR F 79 -1.92 -11.41 -7.49
C THR F 79 -3.39 -11.13 -7.79
N ILE F 80 -4.22 -11.12 -6.76
CA ILE F 80 -5.63 -10.79 -6.87
C ILE F 80 -5.85 -9.51 -6.08
N ASP F 81 -6.25 -8.44 -6.77
CA ASP F 81 -6.39 -7.12 -6.17
C ASP F 81 -7.37 -6.27 -6.96
N PRO F 82 -8.53 -5.91 -6.38
CA PRO F 82 -8.94 -6.29 -5.03
C PRO F 82 -9.66 -7.63 -5.00
N VAL F 83 -9.58 -8.34 -3.88
CA VAL F 83 -10.22 -9.65 -3.76
C VAL F 83 -11.74 -9.47 -3.67
N GLU F 84 -12.47 -10.30 -4.40
CA GLU F 84 -13.93 -10.31 -4.39
C GLU F 84 -14.43 -11.62 -3.78
N ALA F 85 -15.72 -11.63 -3.45
CA ALA F 85 -16.32 -12.84 -2.88
C ALA F 85 -16.29 -13.99 -3.87
N ASP F 86 -16.36 -13.68 -5.17
CA ASP F 86 -16.33 -14.72 -6.20
C ASP F 86 -14.97 -15.37 -6.33
N ASP F 87 -13.93 -14.76 -5.76
CA ASP F 87 -12.57 -15.25 -5.89
C ASP F 87 -12.25 -16.43 -4.98
N ALA F 88 -13.17 -16.83 -4.11
CA ALA F 88 -12.91 -17.94 -3.20
C ALA F 88 -12.88 -19.25 -3.99
N ALA F 89 -11.69 -19.78 -4.19
CA ALA F 89 -11.49 -21.01 -4.97
C ALA F 89 -10.08 -21.52 -4.71
N THR F 90 -9.69 -22.58 -5.41
CA THR F 90 -8.35 -23.13 -5.36
C THR F 90 -7.64 -22.85 -6.68
N TYR F 91 -6.42 -22.33 -6.60
CA TYR F 91 -5.68 -21.93 -7.77
C TYR F 91 -4.43 -22.80 -7.93
N SER F 92 -4.18 -23.22 -9.17
CA SER F 92 -3.07 -24.11 -9.48
C SER F 92 -2.24 -23.52 -10.62
N CYS F 93 -0.94 -23.75 -10.56
CA CYS F 93 -0.04 -23.38 -11.63
C CYS F 93 0.34 -24.61 -12.45
N LEU F 94 0.40 -24.43 -13.78
CA LEU F 94 0.72 -25.50 -14.71
C LEU F 94 2.03 -25.15 -15.43
N LYS F 95 2.93 -26.11 -15.51
CA LYS F 95 4.20 -25.97 -16.21
C LYS F 95 4.20 -26.92 -17.40
N ASN F 96 4.40 -26.37 -18.60
CA ASN F 96 4.32 -27.19 -19.81
C ASN F 96 5.40 -26.84 -20.82
N ASN F 97 6.57 -26.39 -20.35
CA ASN F 97 7.66 -26.12 -21.28
C ASN F 97 8.30 -27.41 -21.78
N GLU F 98 8.48 -28.39 -20.89
CA GLU F 98 9.10 -29.65 -21.25
C GLU F 98 8.45 -30.76 -20.42
N ASP F 99 8.85 -31.99 -20.73
CA ASP F 99 8.44 -33.13 -19.92
C ASP F 99 9.08 -33.05 -18.54
N PRO F 100 8.32 -33.27 -17.45
CA PRO F 100 6.90 -33.61 -17.45
C PRO F 100 5.97 -32.42 -17.18
N TRP F 101 4.82 -32.39 -17.85
CA TRP F 101 3.82 -31.37 -17.56
C TRP F 101 3.17 -31.66 -16.22
N THR F 102 3.30 -30.73 -15.27
CA THR F 102 2.84 -30.94 -13.91
C THR F 102 1.98 -29.76 -13.46
N PHE F 103 1.16 -30.03 -12.44
CA PHE F 103 0.36 -29.01 -11.78
C PHE F 103 0.88 -28.80 -10.37
N GLY F 104 0.64 -27.59 -9.84
CA GLY F 104 0.98 -27.32 -8.47
C GLY F 104 0.00 -27.92 -7.48
N GLY F 105 0.42 -27.99 -6.21
CA GLY F 105 -0.45 -28.49 -5.18
C GLY F 105 -1.71 -27.67 -4.98
N GLY F 106 -1.65 -26.39 -5.32
CA GLY F 106 -2.80 -25.53 -5.22
C GLY F 106 -2.75 -24.62 -4.00
N THR F 107 -3.48 -23.51 -4.09
CA THR F 107 -3.64 -22.58 -2.99
C THR F 107 -5.12 -22.37 -2.76
N LYS F 108 -5.61 -22.74 -1.58
CA LYS F 108 -7.02 -22.58 -1.22
C LYS F 108 -7.21 -21.18 -0.64
N LEU F 109 -7.96 -20.35 -1.36
CA LEU F 109 -8.21 -18.98 -0.95
C LEU F 109 -9.58 -18.90 -0.29
N GLU F 110 -9.62 -18.39 0.94
CA GLU F 110 -10.84 -18.26 1.73
C GLU F 110 -11.13 -16.78 1.96
N ILE F 111 -12.40 -16.41 1.85
CA ILE F 111 -12.82 -15.05 2.14
C ILE F 111 -13.18 -14.97 3.62
N THR F 112 -12.74 -13.90 4.28
CA THR F 112 -13.12 -13.63 5.65
C THR F 112 -14.06 -12.44 5.68
N ARG F 113 -15.14 -12.56 6.46
CA ARG F 113 -16.17 -11.53 6.56
C ARG F 113 -16.65 -11.46 8.00
N ALA F 114 -17.59 -10.54 8.24
CA ALA F 114 -18.21 -10.44 9.55
C ALA F 114 -19.01 -11.71 9.86
N ASP F 115 -19.12 -12.02 11.15
CA ASP F 115 -19.83 -13.22 11.58
C ASP F 115 -21.30 -13.14 11.16
N ALA F 116 -21.82 -14.29 10.72
CA ALA F 116 -23.22 -14.40 10.33
C ALA F 116 -23.84 -15.59 11.05
N ALA F 117 -24.91 -15.36 11.79
CA ALA F 117 -25.55 -16.43 12.53
C ALA F 117 -26.30 -17.37 11.59
N PRO F 118 -26.26 -18.67 11.83
CA PRO F 118 -26.98 -19.61 10.96
C PRO F 118 -28.48 -19.59 11.19
N THR F 119 -29.21 -19.78 10.10
CA THR F 119 -30.67 -19.93 10.14
C THR F 119 -30.97 -21.43 10.21
N VAL F 120 -31.48 -21.89 11.34
CA VAL F 120 -31.59 -23.32 11.64
C VAL F 120 -32.98 -23.80 11.26
N SER F 121 -33.03 -24.95 10.57
CA SER F 121 -34.27 -25.63 10.22
C SER F 121 -34.05 -27.13 10.40
N ILE F 122 -35.14 -27.84 10.72
CA ILE F 122 -35.08 -29.29 10.89
C ILE F 122 -36.21 -29.92 10.08
N PHE F 123 -35.94 -31.08 9.50
CA PHE F 123 -36.90 -31.80 8.67
C PHE F 123 -37.06 -33.21 9.20
N PRO F 124 -38.25 -33.61 9.65
CA PRO F 124 -38.46 -35.00 10.07
C PRO F 124 -38.41 -35.95 8.88
N PRO F 125 -38.08 -37.22 9.09
CA PRO F 125 -38.09 -38.18 7.98
C PRO F 125 -39.50 -38.42 7.48
N SER F 126 -39.63 -38.52 6.16
CA SER F 126 -40.95 -38.73 5.56
C SER F 126 -41.44 -40.15 5.80
N SER F 127 -42.76 -40.31 5.78
CA SER F 127 -43.35 -41.63 5.93
C SER F 127 -43.02 -42.52 4.74
N GLU F 128 -42.83 -41.92 3.56
CA GLU F 128 -42.44 -42.68 2.38
C GLU F 128 -41.08 -43.33 2.59
N GLN F 129 -40.17 -42.63 3.30
CA GLN F 129 -38.88 -43.22 3.62
C GLN F 129 -39.00 -44.27 4.71
N LEU F 130 -39.93 -44.07 5.65
CA LEU F 130 -40.17 -45.07 6.68
C LEU F 130 -40.63 -46.38 6.08
N THR F 131 -41.29 -46.33 4.92
CA THR F 131 -41.70 -47.54 4.22
C THR F 131 -40.49 -48.39 3.83
N SER F 132 -39.38 -47.74 3.50
CA SER F 132 -38.16 -48.45 3.12
C SER F 132 -37.55 -49.15 4.33
N THR F 134 -35.78 -47.41 7.30
CA THR F 134 -34.74 -46.52 7.79
C THR F 134 -35.27 -45.09 7.85
N ALA F 135 -34.90 -44.36 8.89
CA ALA F 135 -35.33 -42.98 9.10
C ALA F 135 -34.11 -42.07 9.13
N SER F 136 -34.18 -40.97 8.37
CA SER F 136 -33.12 -39.98 8.32
C SER F 136 -33.67 -38.63 8.75
N VAL F 137 -33.13 -38.09 9.84
CA VAL F 137 -33.53 -36.79 10.36
C VAL F 137 -32.49 -35.77 9.92
N VAL F 138 -32.93 -34.71 9.25
CA VAL F 138 -32.02 -33.74 8.62
C VAL F 138 -32.14 -32.42 9.35
N CYS F 139 -30.99 -31.88 9.76
CA CYS F 139 -30.89 -30.55 10.37
C CYS F 139 -30.07 -29.66 9.45
N LEU F 140 -30.58 -28.45 9.18
CA LEU F 140 -29.98 -27.54 8.21
C LEU F 140 -29.48 -26.28 8.90
N LEU F 141 -28.22 -25.95 8.65
CA LEU F 141 -27.63 -24.68 9.06
C LEU F 141 -27.33 -23.89 7.80
N ASN F 142 -27.97 -22.73 7.64
CA ASN F 142 -27.99 -22.01 6.38
C ASN F 142 -27.28 -20.67 6.52
N ASN F 143 -26.31 -20.43 5.63
CA ASN F 143 -25.67 -19.12 5.44
C ASN F 143 -25.11 -18.57 6.75
N PHE F 144 -24.05 -19.22 7.21
CA PHE F 144 -23.35 -18.82 8.42
C PHE F 144 -21.87 -18.64 8.14
N TYR F 145 -21.21 -17.86 9.01
CA TYR F 145 -19.77 -17.66 8.97
C TYR F 145 -19.34 -17.37 10.40
N PRO F 146 -18.20 -17.92 10.86
CA PRO F 146 -17.24 -18.77 10.14
C PRO F 146 -17.69 -20.21 9.93
N ARG F 147 -16.81 -21.01 9.31
CA ARG F 147 -17.15 -22.39 8.96
C ARG F 147 -17.35 -23.26 10.20
N GLU F 148 -16.57 -23.00 11.25
CA GLU F 148 -16.60 -23.85 12.43
C GLU F 148 -17.96 -23.76 13.13
N ALA F 149 -18.60 -24.90 13.34
CA ALA F 149 -19.88 -24.97 14.03
C ALA F 149 -20.05 -26.38 14.58
N LYS F 150 -20.77 -26.49 15.69
CA LYS F 150 -21.02 -27.77 16.35
C LYS F 150 -22.49 -28.10 16.30
N VAL F 151 -22.80 -29.31 15.80
CA VAL F 151 -24.17 -29.81 15.74
C VAL F 151 -24.22 -31.11 16.52
N GLN F 152 -25.15 -31.19 17.47
CA GLN F 152 -25.30 -32.35 18.34
C GLN F 152 -26.75 -32.81 18.34
N TRP F 153 -26.96 -34.11 18.11
CA TRP F 153 -28.28 -34.70 18.10
C TRP F 153 -28.63 -35.21 19.49
N LYS F 154 -29.84 -34.90 19.94
CA LYS F 154 -30.33 -35.39 21.23
C LYS F 154 -31.66 -36.12 21.08
N ASP F 156 -34.94 -37.91 23.09
CA ASP F 156 -35.38 -38.24 24.43
C ASP F 156 -34.30 -37.94 25.46
N ASN F 157 -33.64 -36.79 25.30
CA ASN F 157 -32.60 -36.31 26.20
C ASN F 157 -31.33 -37.15 26.14
N ALA F 158 -31.36 -38.27 25.43
CA ALA F 158 -30.16 -39.05 25.22
C ALA F 158 -29.34 -38.44 24.09
N LEU F 159 -28.02 -38.52 24.23
CA LEU F 159 -27.10 -37.87 23.30
C LEU F 159 -26.53 -38.93 22.37
N GLN F 160 -26.73 -38.73 21.07
CA GLN F 160 -26.33 -39.72 20.08
C GLN F 160 -24.84 -39.63 19.77
N SER F 161 -24.30 -40.74 19.29
CA SER F 161 -22.89 -40.83 18.91
C SER F 161 -22.71 -41.92 17.86
N GLY F 162 -21.96 -41.60 16.80
CA GLY F 162 -21.63 -42.57 15.79
C GLY F 162 -22.73 -42.89 14.79
N ASN F 163 -23.92 -42.32 14.96
CA ASN F 163 -25.05 -42.57 14.07
C ASN F 163 -25.45 -41.32 13.30
N SER F 164 -24.53 -40.37 13.12
CA SER F 164 -24.83 -39.13 12.41
C SER F 164 -23.67 -38.77 11.49
N GLN F 165 -24.00 -38.14 10.37
CA GLN F 165 -23.02 -37.65 9.42
C GLN F 165 -23.44 -36.26 8.95
N GLU F 166 -22.45 -35.42 8.63
CA GLU F 166 -22.71 -34.06 8.21
C GLU F 166 -21.74 -33.66 7.12
N SER F 167 -22.17 -32.72 6.27
CA SER F 167 -21.32 -32.18 5.22
C SER F 167 -21.55 -30.67 5.11
N VAL F 168 -20.51 -29.96 4.69
CA VAL F 168 -20.53 -28.52 4.59
C VAL F 168 -20.29 -28.12 3.14
N THR F 169 -21.06 -27.16 2.65
CA THR F 169 -20.81 -26.63 1.32
C THR F 169 -19.58 -25.73 1.34
N GLU F 170 -19.04 -25.48 0.15
CA GLU F 170 -17.94 -24.54 0.00
C GLU F 170 -18.43 -23.12 0.19
N GLN F 171 -17.48 -22.19 0.40
CA GLN F 171 -17.85 -20.80 0.63
C GLN F 171 -18.58 -20.22 -0.56
N ASP F 172 -19.73 -19.60 -0.31
CA ASP F 172 -20.59 -19.11 -1.38
C ASP F 172 -19.90 -18.00 -2.17
N SER F 173 -20.11 -18.01 -3.48
CA SER F 173 -19.47 -17.04 -4.36
C SER F 173 -20.04 -15.63 -4.19
N LYS F 174 -21.27 -15.50 -3.70
CA LYS F 174 -21.94 -14.21 -3.61
C LYS F 174 -21.71 -13.54 -2.25
N ASP F 175 -22.11 -14.21 -1.17
CA ASP F 175 -22.06 -13.61 0.17
C ASP F 175 -21.01 -14.25 1.08
N SER F 176 -20.19 -15.15 0.56
CA SER F 176 -19.05 -15.71 1.28
C SER F 176 -19.48 -16.41 2.58
N THR F 177 -20.60 -17.13 2.53
CA THR F 177 -21.11 -17.85 3.69
C THR F 177 -20.99 -19.35 3.48
N TYR F 178 -21.22 -20.09 4.57
CA TYR F 178 -21.19 -21.55 4.56
C TYR F 178 -22.57 -22.09 4.92
N SER F 179 -22.86 -23.30 4.45
CA SER F 179 -24.08 -24.01 4.79
C SER F 179 -23.76 -25.43 5.18
N LEU F 180 -24.40 -25.91 6.24
CA LEU F 180 -24.12 -27.22 6.80
C LEU F 180 -25.43 -27.99 6.94
N SER F 181 -25.34 -29.31 6.73
CA SER F 181 -26.49 -30.20 6.90
C SER F 181 -26.05 -31.40 7.71
N SER F 182 -26.82 -31.72 8.76
CA SER F 182 -26.55 -32.86 9.62
C SER F 182 -27.68 -33.88 9.47
N THR F 183 -27.30 -35.14 9.21
CA THR F 183 -28.26 -36.21 8.99
C THR F 183 -28.13 -37.25 10.09
N LEU F 184 -29.22 -37.47 10.82
CA LEU F 184 -29.30 -38.49 11.85
C LEU F 184 -30.05 -39.70 11.29
N THR F 185 -29.37 -40.84 11.25
CA THR F 185 -29.91 -42.05 10.63
C THR F 185 -30.25 -43.05 11.72
N LEU F 186 -31.52 -43.50 11.73
CA LEU F 186 -31.98 -44.50 12.68
C LEU F 186 -32.83 -45.51 11.93
N SER F 187 -32.94 -46.71 12.51
CA SER F 187 -33.83 -47.72 11.97
C SER F 187 -35.29 -47.33 12.19
N LYS F 188 -36.17 -47.96 11.40
CA LYS F 188 -37.61 -47.71 11.56
C LYS F 188 -38.07 -48.03 12.97
N ALA F 189 -37.50 -49.08 13.58
CA ALA F 189 -37.86 -49.44 14.94
C ALA F 189 -37.44 -48.36 15.93
N ASP F 190 -36.19 -47.89 15.81
CA ASP F 190 -35.69 -46.87 16.74
C ASP F 190 -36.45 -45.56 16.60
N TYR F 191 -36.87 -45.21 15.38
CA TYR F 191 -37.53 -43.92 15.17
C TYR F 191 -38.91 -43.86 15.82
N GLU F 192 -39.69 -44.93 15.75
CA GLU F 192 -41.06 -44.89 16.25
C GLU F 192 -41.16 -45.10 17.76
N LYS F 193 -40.04 -45.26 18.45
CA LYS F 193 -40.03 -45.47 19.89
C LYS F 193 -39.75 -44.21 20.70
N HIS F 194 -39.54 -43.06 20.06
CA HIS F 194 -39.13 -41.85 20.77
C HIS F 194 -40.01 -40.67 20.38
N LYS F 195 -40.03 -39.69 21.27
CA LYS F 195 -40.90 -38.52 21.16
C LYS F 195 -40.15 -37.24 20.80
N VAL F 196 -38.98 -37.03 21.39
CA VAL F 196 -38.22 -35.78 21.23
C VAL F 196 -37.02 -36.06 20.34
N TYR F 197 -36.88 -35.26 19.29
CA TYR F 197 -35.72 -35.29 18.41
C TYR F 197 -35.16 -33.88 18.34
N ALA F 198 -33.94 -33.69 18.81
CA ALA F 198 -33.37 -32.36 18.99
C ALA F 198 -32.07 -32.20 18.22
N CYS F 199 -31.90 -31.03 17.61
CA CYS F 199 -30.68 -30.64 16.92
C CYS F 199 -30.11 -29.44 17.66
N GLU F 200 -28.97 -29.64 18.34
CA GLU F 200 -28.34 -28.59 19.12
C GLU F 200 -27.23 -27.94 18.28
N VAL F 201 -27.28 -26.62 18.15
CA VAL F 201 -26.38 -25.87 17.30
C VAL F 201 -25.55 -24.92 18.15
N THR F 202 -24.24 -25.02 18.04
CA THR F 202 -23.30 -24.13 18.70
C THR F 202 -22.48 -23.39 17.64
N HIS F 203 -22.46 -22.06 17.71
CA HIS F 203 -21.76 -21.27 16.72
C HIS F 203 -21.24 -19.99 17.39
N GLN F 204 -20.18 -19.43 16.79
CA GLN F 204 -19.57 -18.24 17.35
C GLN F 204 -20.52 -17.05 17.32
N GLY F 205 -21.31 -16.93 16.25
CA GLY F 205 -22.26 -15.85 16.08
C GLY F 205 -23.52 -15.96 16.91
N LEU F 206 -23.65 -17.00 17.73
CA LEU F 206 -24.82 -17.19 18.58
C LEU F 206 -24.44 -17.00 20.04
N SER F 207 -25.29 -16.28 20.78
CA SER F 207 -25.02 -16.00 22.18
C SER F 207 -25.01 -17.29 23.00
N SER F 208 -26.02 -18.14 22.81
CA SER F 208 -26.15 -19.40 23.50
C SER F 208 -26.51 -20.48 22.49
N PRO F 209 -26.21 -21.74 22.80
CA PRO F 209 -26.54 -22.83 21.86
C PRO F 209 -28.03 -22.86 21.55
N VAL F 210 -28.34 -23.05 20.27
CA VAL F 210 -29.71 -23.07 19.78
C VAL F 210 -30.13 -24.52 19.55
N THR F 211 -31.25 -24.91 20.15
CA THR F 211 -31.78 -26.26 20.04
C THR F 211 -33.06 -26.20 19.21
N LYS F 212 -33.02 -26.82 18.03
CA LYS F 212 -34.18 -26.94 17.15
C LYS F 212 -34.68 -28.38 17.22
N SER F 213 -35.93 -28.55 17.63
CA SER F 213 -36.46 -29.88 17.90
C SER F 213 -37.90 -29.97 17.40
N PHE F 214 -38.39 -31.21 17.32
CA PHE F 214 -39.77 -31.48 16.94
C PHE F 214 -40.24 -32.72 17.70
N ASN F 215 -41.55 -32.92 17.70
CA ASN F 215 -42.17 -34.07 18.35
C ASN F 215 -42.67 -35.05 17.30
N ARG F 216 -42.33 -36.32 17.45
CA ARG F 216 -42.72 -37.33 16.48
C ARG F 216 -44.24 -37.51 16.43
N GLY F 217 -44.75 -37.67 15.21
CA GLY F 217 -46.17 -37.83 15.01
C GLY F 217 -46.94 -36.56 14.80
N GLU F 218 -46.27 -35.48 14.40
CA GLU F 218 -46.92 -34.21 14.09
C GLU F 218 -47.75 -33.68 15.27
N GLU G 1 5.78 18.11 -77.36
CA GLU G 1 6.04 17.57 -76.03
C GLU G 1 6.56 16.14 -76.11
N VAL G 2 7.83 15.93 -75.73
CA VAL G 2 8.38 14.58 -75.70
C VAL G 2 7.78 13.82 -74.53
N GLN G 3 7.29 12.62 -74.80
CA GLN G 3 6.64 11.79 -73.79
C GLN G 3 7.23 10.39 -73.85
N LEU G 4 7.64 9.87 -72.69
CA LEU G 4 8.18 8.52 -72.58
C LEU G 4 7.29 7.74 -71.62
N SER G 5 6.65 6.69 -72.11
CA SER G 5 5.77 5.84 -71.32
C SER G 5 6.35 4.44 -71.23
N GLU G 6 6.37 3.89 -70.02
CA GLU G 6 6.96 2.59 -69.76
C GLU G 6 5.90 1.58 -69.39
N SER G 7 6.01 0.38 -69.96
CA SER G 7 5.02 -0.67 -69.75
C SER G 7 5.75 -2.00 -69.58
N GLY G 8 5.08 -2.93 -68.92
CA GLY G 8 5.63 -4.23 -68.66
C GLY G 8 5.14 -4.76 -67.33
N PRO G 9 5.44 -6.03 -67.06
CA PRO G 9 4.99 -6.63 -65.79
C PRO G 9 5.72 -6.03 -64.60
N SER G 10 5.01 -5.97 -63.48
CA SER G 10 5.57 -5.42 -62.24
C SER G 10 5.97 -6.51 -61.25
N LEU G 11 5.81 -7.78 -61.60
CA LEU G 11 6.20 -8.88 -60.74
C LEU G 11 6.86 -9.95 -61.61
N VAL G 12 8.10 -10.30 -61.28
CA VAL G 12 8.86 -11.29 -62.04
C VAL G 12 9.45 -12.29 -61.06
N LYS G 13 9.31 -13.57 -61.37
CA LYS G 13 9.89 -14.60 -60.53
C LYS G 13 11.41 -14.63 -60.73
N PRO G 14 12.17 -15.03 -59.71
CA PRO G 14 13.62 -15.10 -59.84
C PRO G 14 14.02 -16.11 -60.91
N SER G 15 15.15 -15.81 -61.57
CA SER G 15 15.76 -16.55 -62.66
C SER G 15 15.01 -16.35 -63.97
N GLN G 16 13.81 -15.77 -63.97
CA GLN G 16 13.15 -15.50 -65.24
C GLN G 16 13.75 -14.24 -65.87
N THR G 17 13.20 -13.85 -67.02
CA THR G 17 13.69 -12.68 -67.74
C THR G 17 12.77 -11.50 -67.49
N LEU G 18 13.36 -10.37 -67.14
CA LEU G 18 12.61 -9.13 -66.98
C LEU G 18 12.56 -8.41 -68.33
N SER G 19 11.35 -8.06 -68.77
CA SER G 19 11.14 -7.39 -70.05
C SER G 19 10.32 -6.13 -69.82
N LEU G 20 10.83 -5.00 -70.29
CA LEU G 20 10.12 -3.73 -70.18
C LEU G 20 10.12 -3.03 -71.53
N THR G 21 9.09 -2.21 -71.74
CA THR G 21 8.92 -1.48 -72.98
C THR G 21 8.84 0.00 -72.66
N CYS G 22 9.50 0.82 -73.49
CA CYS G 22 9.48 2.26 -73.36
C CYS G 22 8.93 2.83 -74.67
N SER G 23 7.79 3.52 -74.58
CA SER G 23 7.17 4.13 -75.75
C SER G 23 7.54 5.61 -75.82
N VAL G 24 8.13 6.01 -76.94
CA VAL G 24 8.56 7.39 -77.15
C VAL G 24 7.64 8.01 -78.20
N THR G 25 7.38 9.31 -78.06
CA THR G 25 6.42 9.97 -78.95
C THR G 25 6.86 11.36 -79.40
N GLY G 26 7.36 12.17 -78.48
CA GLY G 26 7.84 13.50 -78.86
C GLY G 26 8.97 13.48 -79.87
N ASP G 27 9.96 12.62 -79.64
CA ASP G 27 11.13 12.53 -80.49
C ASP G 27 11.26 11.12 -81.06
N SER G 28 12.00 11.03 -82.17
CA SER G 28 12.24 9.77 -82.84
C SER G 28 13.43 9.04 -82.23
N ILE G 29 13.38 7.71 -82.23
CA ILE G 29 14.51 6.93 -81.74
C ILE G 29 15.64 6.82 -82.74
N THR G 30 15.46 7.33 -83.96
CA THR G 30 16.56 7.44 -84.92
C THR G 30 17.47 8.64 -84.63
N SER G 31 17.22 9.36 -83.54
CA SER G 31 18.03 10.50 -83.14
C SER G 31 18.34 10.39 -81.65
N GLY G 32 19.60 10.64 -81.30
CA GLY G 32 19.97 10.64 -79.89
C GLY G 32 20.27 9.26 -79.35
N TYR G 33 20.27 9.17 -78.03
CA TYR G 33 20.53 7.93 -77.31
C TYR G 33 19.41 7.69 -76.31
N TRP G 34 18.99 6.44 -76.20
CA TRP G 34 17.81 6.07 -75.41
C TRP G 34 18.21 5.02 -74.39
N ASN G 35 18.13 5.41 -73.11
CA ASN G 35 18.79 4.70 -72.02
C ASN G 35 17.75 4.03 -71.11
N TRP G 36 18.26 3.13 -70.28
CA TRP G 36 17.50 2.52 -69.19
C TRP G 36 18.25 2.76 -67.89
N ILE G 37 17.54 3.27 -66.89
CA ILE G 37 18.10 3.56 -65.57
C ILE G 37 17.16 2.98 -64.52
N ARG G 38 17.72 2.41 -63.46
CA ARG G 38 16.92 1.85 -62.38
C ARG G 38 17.32 2.50 -61.06
N LYS G 39 16.36 2.54 -60.13
CA LYS G 39 16.49 3.23 -58.85
C LYS G 39 16.23 2.24 -57.73
N PHE G 40 17.26 1.93 -56.95
CA PHE G 40 17.15 0.96 -55.88
C PHE G 40 16.42 1.55 -54.67
N PRO G 41 15.88 0.70 -53.79
CA PRO G 41 15.19 1.20 -52.59
C PRO G 41 16.05 2.11 -51.73
N GLY G 42 17.37 1.94 -51.75
CA GLY G 42 18.25 2.85 -51.04
C GLY G 42 18.32 4.25 -51.60
N ASN G 43 17.57 4.54 -52.67
CA ASN G 43 17.54 5.80 -53.41
C ASN G 43 18.76 5.92 -54.32
N LYS G 44 19.53 4.85 -54.45
CA LYS G 44 20.71 4.84 -55.30
C LYS G 44 20.33 4.66 -56.76
N LEU G 45 20.98 5.43 -57.63
CA LEU G 45 20.74 5.36 -59.07
C LEU G 45 21.84 4.57 -59.75
N GLU G 46 21.45 3.58 -60.56
CA GLU G 46 22.40 2.81 -61.35
C GLU G 46 22.04 2.94 -62.83
N TYR G 47 23.03 3.31 -63.64
CA TYR G 47 22.87 3.36 -65.08
C TYR G 47 23.04 1.98 -65.67
N MET G 48 22.12 1.58 -66.56
CA MET G 48 22.12 0.24 -67.15
C MET G 48 22.74 0.23 -68.55
N GLY G 49 22.20 1.03 -69.47
CA GLY G 49 22.73 1.07 -70.82
C GLY G 49 21.83 1.83 -71.74
N TYR G 50 22.21 1.85 -73.01
CA TYR G 50 21.42 2.55 -74.02
C TYR G 50 21.48 1.81 -75.35
N ILE G 51 20.57 2.19 -76.25
CA ILE G 51 20.66 1.89 -77.67
C ILE G 51 20.76 3.21 -78.41
N SER G 52 21.68 3.29 -79.38
CA SER G 52 22.00 4.55 -80.03
C SER G 52 21.02 4.83 -81.17
N TYR G 53 21.23 5.97 -81.84
CA TYR G 53 20.39 6.34 -82.97
C TYR G 53 20.54 5.34 -84.13
N SER G 54 21.74 4.79 -84.31
CA SER G 54 22.02 3.82 -85.36
C SER G 54 21.84 2.38 -84.91
N GLY G 55 21.41 2.15 -83.66
CA GLY G 55 21.26 0.81 -83.14
C GLY G 55 22.42 0.27 -82.34
N GLY G 56 23.47 1.07 -82.12
CA GLY G 56 24.57 0.62 -81.30
C GLY G 56 24.22 0.56 -79.83
N ASN G 57 24.97 -0.27 -79.10
CA ASN G 57 24.69 -0.55 -77.70
C ASN G 57 25.90 -0.23 -76.84
N TYR G 58 25.63 0.28 -75.64
CA TYR G 58 26.62 0.39 -74.58
C TYR G 58 25.94 0.03 -73.27
N TYR G 59 26.53 -0.91 -72.54
CA TYR G 59 25.94 -1.39 -71.30
C TYR G 59 26.93 -1.18 -70.15
N ASN G 60 26.38 -1.05 -68.95
CA ASN G 60 27.19 -0.97 -67.76
C ASN G 60 27.91 -2.31 -67.55
N PRO G 61 29.20 -2.28 -67.15
CA PRO G 61 29.94 -3.55 -67.03
C PRO G 61 29.33 -4.53 -66.05
N SER G 62 28.73 -4.06 -64.96
CA SER G 62 28.14 -4.98 -63.99
C SER G 62 26.87 -5.65 -64.49
N LEU G 63 26.27 -5.15 -65.57
CA LEU G 63 25.07 -5.75 -66.14
C LEU G 63 25.31 -6.30 -67.54
N ARG G 64 26.51 -6.16 -68.08
CA ARG G 64 26.76 -6.49 -69.47
C ARG G 64 26.54 -7.97 -69.77
N SER G 65 26.63 -8.84 -68.76
CA SER G 65 26.55 -10.27 -69.01
C SER G 65 25.12 -10.76 -69.26
N ARG G 66 24.11 -10.07 -68.75
CA ARG G 66 22.74 -10.59 -68.81
C ARG G 66 21.73 -9.53 -69.28
N ILE G 67 22.19 -8.45 -69.89
CA ILE G 67 21.30 -7.37 -70.31
C ILE G 67 21.23 -7.34 -71.84
N SER G 68 20.16 -6.73 -72.34
CA SER G 68 19.95 -6.56 -73.78
C SER G 68 18.98 -5.41 -73.98
N ILE G 69 19.31 -4.49 -74.88
CA ILE G 69 18.46 -3.35 -75.20
C ILE G 69 18.28 -3.32 -76.71
N THR G 70 17.05 -3.55 -77.16
CA THR G 70 16.70 -3.58 -78.57
C THR G 70 15.68 -2.48 -78.86
N ARG G 71 15.30 -2.36 -80.13
CA ARG G 71 14.41 -1.28 -80.54
C ARG G 71 13.54 -1.75 -81.70
N ASP G 72 12.50 -0.95 -81.98
CA ASP G 72 11.61 -1.16 -83.12
C ASP G 72 11.28 0.24 -83.66
N THR G 73 11.95 0.62 -84.75
CA THR G 73 11.81 1.99 -85.25
C THR G 73 10.42 2.23 -85.85
N SER G 74 9.80 1.20 -86.43
CA SER G 74 8.46 1.38 -87.00
C SER G 74 7.44 1.72 -85.91
N LYS G 75 7.51 1.02 -84.78
CA LYS G 75 6.66 1.33 -83.64
C LYS G 75 7.19 2.48 -82.80
N ASN G 76 8.44 2.90 -83.03
CA ASN G 76 9.09 3.94 -82.24
C ASN G 76 9.18 3.54 -80.77
N HIS G 77 9.52 2.27 -80.53
CA HIS G 77 9.69 1.70 -79.20
C HIS G 77 11.10 1.14 -79.06
N TYR G 78 11.60 1.10 -77.84
CA TYR G 78 12.81 0.34 -77.54
C TYR G 78 12.60 -0.44 -76.26
N TYR G 79 13.28 -1.58 -76.16
CA TYR G 79 12.99 -2.59 -75.17
C TYR G 79 14.21 -2.88 -74.30
N LEU G 80 13.94 -3.37 -73.08
CA LEU G 80 14.97 -3.79 -72.14
C LEU G 80 14.70 -5.24 -71.74
N GLN G 81 15.76 -6.04 -71.72
CA GLN G 81 15.69 -7.43 -71.26
C GLN G 81 16.81 -7.68 -70.26
N LEU G 82 16.45 -8.28 -69.13
CA LEU G 82 17.39 -8.62 -68.08
C LEU G 82 17.21 -10.09 -67.72
N ASN G 83 18.22 -10.90 -67.99
CA ASN G 83 18.16 -12.34 -67.79
C ASN G 83 18.62 -12.73 -66.39
N SER G 84 18.15 -13.90 -65.94
CA SER G 84 18.57 -14.49 -64.67
C SER G 84 18.39 -13.49 -63.52
N VAL G 85 17.19 -12.93 -63.45
CA VAL G 85 16.91 -11.90 -62.47
C VAL G 85 16.89 -12.50 -61.07
N THR G 86 17.31 -11.71 -60.08
CA THR G 86 17.29 -12.08 -58.67
C THR G 86 16.63 -10.96 -57.87
N THR G 87 16.51 -11.17 -56.55
CA THR G 87 15.90 -10.17 -55.70
C THR G 87 16.69 -8.87 -55.68
N GLU G 88 17.99 -8.92 -55.97
CA GLU G 88 18.82 -7.72 -56.05
C GLU G 88 18.46 -6.81 -57.21
N ASP G 89 17.60 -7.25 -58.12
CA ASP G 89 17.16 -6.45 -59.25
C ASP G 89 15.82 -5.76 -59.00
N THR G 90 15.26 -5.90 -57.80
CA THR G 90 14.04 -5.19 -57.43
C THR G 90 14.34 -3.70 -57.36
N ALA G 91 13.75 -2.92 -58.27
CA ALA G 91 14.03 -1.49 -58.34
C ALA G 91 12.94 -0.82 -59.19
N THR G 92 13.04 0.50 -59.30
CA THR G 92 12.17 1.30 -60.16
C THR G 92 12.95 1.63 -61.43
N TYR G 93 12.47 1.14 -62.58
CA TYR G 93 13.19 1.23 -63.83
C TYR G 93 12.69 2.42 -64.65
N TYR G 94 13.63 3.25 -65.11
CA TYR G 94 13.35 4.43 -65.91
C TYR G 94 13.94 4.29 -67.30
N CYS G 95 13.26 4.87 -68.29
CA CYS G 95 13.81 5.05 -69.62
C CYS G 95 13.93 6.54 -69.89
N ALA G 96 15.07 6.95 -70.45
CA ALA G 96 15.36 8.37 -70.62
C ALA G 96 16.13 8.58 -71.90
N ARG G 97 15.96 9.77 -72.48
CA ARG G 97 16.65 10.16 -73.69
C ARG G 97 17.92 10.95 -73.34
N LEU G 98 19.01 10.62 -74.02
CA LEU G 98 20.25 11.40 -73.93
C LEU G 98 20.35 12.28 -75.17
N SER G 99 20.35 13.59 -74.95
CA SER G 99 20.35 14.54 -76.05
C SER G 99 21.72 14.64 -76.70
N ASP G 100 21.73 14.87 -78.02
CA ASP G 100 22.99 15.11 -78.72
C ASP G 100 23.62 16.41 -78.25
N SER G 101 22.81 17.42 -77.96
CA SER G 101 23.31 18.71 -77.52
C SER G 101 23.79 18.66 -76.07
N LEU G 102 22.99 18.07 -75.17
CA LEU G 102 23.32 18.06 -73.76
C LEU G 102 24.40 17.06 -73.40
N TYR G 103 24.45 15.93 -74.09
CA TYR G 103 25.27 14.78 -73.72
C TYR G 103 24.85 14.20 -72.37
N ALA G 104 23.68 14.59 -71.89
CA ALA G 104 23.09 14.09 -70.66
C ALA G 104 21.63 13.73 -70.92
N MET G 105 21.03 13.08 -69.93
CA MET G 105 19.64 12.61 -70.02
C MET G 105 18.71 13.71 -69.54
N ASP G 106 17.89 14.23 -70.46
CA ASP G 106 17.05 15.39 -70.17
C ASP G 106 15.55 15.09 -70.13
N CYS G 107 15.10 14.00 -70.75
CA CYS G 107 13.69 13.65 -70.78
C CYS G 107 13.52 12.24 -70.26
N TRP G 108 12.67 12.08 -69.23
CA TRP G 108 12.53 10.82 -68.55
C TRP G 108 11.07 10.39 -68.55
N GLY G 109 10.88 9.09 -68.32
CA GLY G 109 9.57 8.58 -68.02
C GLY G 109 9.31 8.58 -66.53
N GLN G 110 8.04 8.42 -66.16
CA GLN G 110 7.68 8.41 -64.76
C GLN G 110 8.23 7.19 -64.02
N GLY G 111 8.62 6.15 -64.74
CA GLY G 111 9.20 4.97 -64.12
C GLY G 111 8.15 3.91 -63.84
N THR G 112 8.61 2.66 -63.78
CA THR G 112 7.74 1.52 -63.48
C THR G 112 8.42 0.66 -62.44
N SER G 113 7.66 0.25 -61.43
CA SER G 113 8.18 -0.54 -60.32
C SER G 113 8.14 -2.03 -60.69
N VAL G 114 9.28 -2.70 -60.50
CA VAL G 114 9.40 -4.12 -60.77
C VAL G 114 9.89 -4.80 -59.49
N THR G 115 9.19 -5.84 -59.06
CA THR G 115 9.55 -6.60 -57.88
C THR G 115 9.89 -8.03 -58.28
N VAL G 116 11.01 -8.53 -57.77
CA VAL G 116 11.45 -9.89 -58.05
C VAL G 116 11.16 -10.73 -56.82
N SER G 117 10.21 -11.65 -56.95
CA SER G 117 9.81 -12.51 -55.85
C SER G 117 9.01 -13.67 -56.42
N SER G 118 8.97 -14.78 -55.69
CA SER G 118 8.19 -15.94 -56.08
C SER G 118 6.79 -15.93 -55.50
N ALA G 119 6.46 -14.94 -54.67
CA ALA G 119 5.14 -14.83 -54.10
C ALA G 119 4.17 -14.27 -55.13
N SER G 120 2.92 -14.71 -55.05
CA SER G 120 1.91 -14.27 -56.01
C SER G 120 1.36 -12.90 -55.62
N THR G 121 0.72 -12.25 -56.58
CA THR G 121 0.12 -10.96 -56.36
C THR G 121 -1.11 -11.08 -55.44
N LYS G 122 -1.48 -9.96 -54.82
CA LYS G 122 -2.62 -9.94 -53.91
C LYS G 122 -3.16 -8.52 -53.82
N GLY G 123 -4.47 -8.38 -53.98
CA GLY G 123 -5.13 -7.10 -53.93
C GLY G 123 -5.27 -6.55 -52.54
N PRO G 124 -5.42 -5.23 -52.42
CA PRO G 124 -5.51 -4.59 -51.10
C PRO G 124 -6.94 -4.43 -50.60
N SER G 125 -7.10 -4.60 -49.29
CA SER G 125 -8.33 -4.24 -48.60
C SER G 125 -8.27 -2.79 -48.19
N VAL G 126 -9.40 -2.08 -48.35
CA VAL G 126 -9.48 -0.66 -48.04
C VAL G 126 -10.48 -0.46 -46.91
N PHE G 127 -9.99 0.04 -45.78
CA PHE G 127 -10.80 0.30 -44.60
C PHE G 127 -10.87 1.79 -44.32
N PRO G 128 -11.99 2.29 -43.80
CA PRO G 128 -12.12 3.73 -43.56
C PRO G 128 -11.47 4.17 -42.25
N LEU G 129 -10.85 5.34 -42.28
CA LEU G 129 -10.38 6.03 -41.08
C LEU G 129 -11.34 7.20 -40.86
N ALA G 130 -12.42 6.93 -40.14
CA ALA G 130 -13.49 7.91 -40.01
C ALA G 130 -13.02 9.11 -39.18
N PRO G 131 -13.40 10.32 -39.57
CA PRO G 131 -13.10 11.49 -38.72
C PRO G 131 -14.01 11.50 -37.50
N SER G 132 -13.45 11.93 -36.38
CA SER G 132 -14.17 11.98 -35.12
C SER G 132 -13.54 13.05 -34.23
N SER G 133 -14.04 13.15 -33.00
CA SER G 133 -13.47 14.11 -32.06
C SER G 133 -12.01 13.82 -31.77
N LYS G 134 -11.59 12.56 -31.94
CA LYS G 134 -10.19 12.18 -31.75
C LYS G 134 -9.28 12.60 -32.90
N SER G 135 -9.86 13.02 -34.03
CA SER G 135 -9.07 13.48 -35.17
C SER G 135 -9.37 14.93 -35.52
N THR G 136 -10.18 15.63 -34.72
CA THR G 136 -10.50 17.03 -34.93
C THR G 136 -9.78 17.88 -33.90
N SER G 137 -9.26 19.02 -34.36
CA SER G 137 -8.58 19.97 -33.49
C SER G 137 -8.72 21.36 -34.09
N GLY G 138 -9.43 22.24 -33.39
CA GLY G 138 -9.69 23.56 -33.95
C GLY G 138 -10.76 23.47 -35.02
N GLY G 139 -10.44 23.96 -36.21
CA GLY G 139 -11.36 23.91 -37.32
C GLY G 139 -10.93 22.94 -38.41
N THR G 140 -10.10 21.97 -38.06
CA THR G 140 -9.55 21.01 -39.00
C THR G 140 -9.86 19.60 -38.54
N ALA G 141 -10.29 18.76 -39.48
CA ALA G 141 -10.62 17.36 -39.20
C ALA G 141 -9.74 16.45 -40.04
N ALA G 142 -9.29 15.35 -39.45
CA ALA G 142 -8.43 14.38 -40.11
C ALA G 142 -9.21 13.10 -40.40
N LEU G 143 -9.04 12.60 -41.62
CA LEU G 143 -9.65 11.34 -42.04
C LEU G 143 -8.74 10.69 -43.06
N GLY G 144 -9.03 9.43 -43.39
CA GLY G 144 -8.20 8.74 -44.35
C GLY G 144 -8.69 7.34 -44.65
N CYS G 145 -7.84 6.58 -45.34
CA CYS G 145 -8.12 5.22 -45.74
C CYS G 145 -6.91 4.34 -45.44
N LEU G 146 -7.17 3.14 -44.93
CA LEU G 146 -6.12 2.16 -44.63
C LEU G 146 -6.07 1.14 -45.76
N VAL G 147 -4.98 1.16 -46.51
CA VAL G 147 -4.77 0.22 -47.62
C VAL G 147 -3.87 -0.89 -47.09
N LYS G 148 -4.47 -2.03 -46.75
CA LYS G 148 -3.80 -3.08 -46.02
C LYS G 148 -3.77 -4.38 -46.82
N ASP G 149 -2.66 -5.13 -46.67
CA ASP G 149 -2.52 -6.48 -47.19
C ASP G 149 -2.54 -6.53 -48.71
N TYR G 150 -1.53 -5.95 -49.36
CA TYR G 150 -1.37 -6.07 -50.80
C TYR G 150 0.06 -6.46 -51.14
N PHE G 151 0.24 -6.98 -52.35
CA PHE G 151 1.54 -7.39 -52.86
C PHE G 151 1.45 -7.53 -54.37
N PRO G 152 2.44 -7.01 -55.12
CA PRO G 152 3.56 -6.24 -54.58
C PRO G 152 3.31 -4.73 -54.68
N GLU G 153 4.38 -3.94 -54.53
CA GLU G 153 4.29 -2.52 -54.77
C GLU G 153 3.99 -2.27 -56.25
N PRO G 154 3.41 -1.11 -56.59
CA PRO G 154 2.95 -0.03 -55.71
C PRO G 154 1.43 0.08 -55.64
N VAL G 155 0.96 0.96 -54.77
CA VAL G 155 -0.46 1.32 -54.68
C VAL G 155 -0.55 2.83 -54.76
N THR G 156 -1.40 3.33 -55.65
CA THR G 156 -1.65 4.76 -55.80
C THR G 156 -2.99 5.10 -55.18
N VAL G 157 -3.02 6.20 -54.42
CA VAL G 157 -4.22 6.66 -53.72
C VAL G 157 -4.49 8.10 -54.13
N SER G 158 -5.71 8.37 -54.59
CA SER G 158 -6.18 9.72 -54.82
C SER G 158 -7.43 9.96 -54.00
N TRP G 159 -7.80 11.23 -53.87
CA TRP G 159 -8.97 11.63 -53.08
C TRP G 159 -9.92 12.42 -53.95
N ASN G 160 -11.18 11.96 -54.01
CA ASN G 160 -12.24 12.61 -54.79
C ASN G 160 -11.81 12.80 -56.25
N SER G 161 -11.25 11.73 -56.83
CA SER G 161 -10.84 11.70 -58.23
C SER G 161 -9.84 12.81 -58.55
N GLY G 162 -8.98 13.16 -57.60
CA GLY G 162 -8.00 14.20 -57.79
C GLY G 162 -8.45 15.60 -57.43
N ALA G 163 -9.72 15.79 -57.09
CA ALA G 163 -10.19 17.13 -56.75
C ALA G 163 -9.64 17.59 -55.41
N LEU G 164 -9.40 16.67 -54.47
CA LEU G 164 -8.88 17.00 -53.15
C LEU G 164 -7.38 16.66 -53.12
N THR G 165 -6.55 17.69 -53.14
CA THR G 165 -5.11 17.53 -53.13
C THR G 165 -4.40 18.19 -51.95
N SER G 166 -4.92 19.32 -51.47
CA SER G 166 -4.29 20.02 -50.36
C SER G 166 -4.45 19.22 -49.06
N GLY G 167 -3.34 19.08 -48.32
CA GLY G 167 -3.39 18.40 -47.04
C GLY G 167 -3.39 16.89 -47.11
N VAL G 168 -3.14 16.31 -48.27
CA VAL G 168 -3.12 14.85 -48.44
C VAL G 168 -1.73 14.34 -48.10
N HIS G 169 -1.66 13.32 -47.26
CA HIS G 169 -0.41 12.67 -46.89
C HIS G 169 -0.56 11.17 -47.11
N THR G 170 0.02 10.65 -48.19
CA THR G 170 0.07 9.22 -48.46
C THR G 170 1.42 8.69 -47.97
N PHE G 171 1.39 7.89 -46.91
CA PHE G 171 2.62 7.46 -46.27
C PHE G 171 3.31 6.36 -47.07
N PRO G 172 4.64 6.26 -46.96
CA PRO G 172 5.34 5.14 -47.58
C PRO G 172 4.88 3.81 -46.97
N ALA G 173 4.75 2.80 -47.83
CA ALA G 173 4.27 1.51 -47.37
C ALA G 173 5.29 0.84 -46.45
N VAL G 174 4.78 -0.02 -45.57
CA VAL G 174 5.60 -0.82 -44.68
C VAL G 174 5.43 -2.28 -45.01
N LEU G 175 6.49 -3.05 -44.83
CA LEU G 175 6.47 -4.49 -45.09
C LEU G 175 6.15 -5.22 -43.79
N GLN G 176 4.99 -5.87 -43.73
CA GLN G 176 4.57 -6.59 -42.54
C GLN G 176 5.29 -7.93 -42.46
N SER G 177 5.15 -8.58 -41.30
CA SER G 177 5.79 -9.87 -41.06
C SER G 177 5.19 -10.99 -41.90
N SER G 178 4.01 -10.78 -42.49
CA SER G 178 3.37 -11.78 -43.33
C SER G 178 3.84 -11.76 -44.78
N GLY G 179 4.68 -10.79 -45.15
CA GLY G 179 5.12 -10.63 -46.52
C GLY G 179 4.30 -9.68 -47.34
N LEU G 180 3.18 -9.18 -46.81
CA LEU G 180 2.32 -8.24 -47.51
C LEU G 180 2.61 -6.82 -47.07
N TYR G 181 2.34 -5.87 -47.96
CA TYR G 181 2.54 -4.46 -47.67
C TYR G 181 1.25 -3.83 -47.15
N SER G 182 1.42 -2.77 -46.36
CA SER G 182 0.29 -2.05 -45.78
C SER G 182 0.61 -0.56 -45.82
N LEU G 183 -0.40 0.23 -46.18
CA LEU G 183 -0.24 1.66 -46.36
C LEU G 183 -1.42 2.39 -45.75
N SER G 184 -1.21 3.67 -45.44
CA SER G 184 -2.26 4.53 -44.92
C SER G 184 -2.17 5.88 -45.61
N SER G 185 -3.32 6.43 -45.99
CA SER G 185 -3.40 7.75 -46.64
C SER G 185 -4.38 8.61 -45.86
N VAL G 186 -3.93 9.78 -45.41
CA VAL G 186 -4.75 10.68 -44.59
C VAL G 186 -4.86 12.02 -45.29
N VAL G 187 -5.83 12.81 -44.85
CA VAL G 187 -6.08 14.14 -45.40
C VAL G 187 -6.78 14.98 -44.34
N THR G 188 -6.38 16.25 -44.26
CA THR G 188 -6.98 17.20 -43.32
C THR G 188 -7.91 18.13 -44.08
N VAL G 189 -9.13 18.28 -43.56
CA VAL G 189 -10.16 19.09 -44.20
C VAL G 189 -10.79 20.01 -43.16
N PRO G 190 -11.45 21.09 -43.59
CA PRO G 190 -12.20 21.91 -42.64
C PRO G 190 -13.35 21.11 -42.03
N SER G 191 -13.54 21.29 -40.72
CA SER G 191 -14.51 20.51 -39.97
C SER G 191 -15.95 20.89 -40.26
N SER G 192 -16.19 22.01 -40.94
CA SER G 192 -17.55 22.42 -41.25
C SER G 192 -18.12 21.73 -42.48
N SER G 193 -17.34 20.88 -43.15
CA SER G 193 -17.79 20.18 -44.35
C SER G 193 -18.01 18.69 -44.12
N LEU G 194 -17.84 18.20 -42.88
CA LEU G 194 -18.00 16.78 -42.61
C LEU G 194 -19.43 16.30 -42.83
N GLY G 195 -20.41 17.20 -42.73
CA GLY G 195 -21.80 16.82 -42.91
C GLY G 195 -22.34 17.12 -44.29
N THR G 196 -21.66 18.01 -45.02
CA THR G 196 -22.11 18.42 -46.34
C THR G 196 -21.26 17.89 -47.48
N GLN G 197 -19.96 17.68 -47.27
CA GLN G 197 -19.05 17.24 -48.31
C GLN G 197 -18.77 15.74 -48.17
N THR G 198 -18.67 15.07 -49.31
CA THR G 198 -18.38 13.63 -49.36
C THR G 198 -16.92 13.42 -49.73
N TYR G 199 -16.25 12.56 -48.95
CA TYR G 199 -14.83 12.25 -49.18
C TYR G 199 -14.71 10.77 -49.51
N ILE G 200 -14.15 10.47 -50.68
CA ILE G 200 -13.96 9.10 -51.15
C ILE G 200 -12.52 8.95 -51.62
N CYS G 201 -11.84 7.92 -51.12
CA CYS G 201 -10.48 7.63 -51.55
C CYS G 201 -10.48 6.62 -52.68
N ASN G 202 -9.64 6.86 -53.69
CA ASN G 202 -9.54 6.02 -54.87
C ASN G 202 -8.23 5.24 -54.80
N VAL G 203 -8.33 3.94 -54.51
CA VAL G 203 -7.16 3.06 -54.39
C VAL G 203 -7.03 2.25 -55.66
N ASN G 204 -5.86 2.32 -56.29
CA ASN G 204 -5.58 1.58 -57.52
C ASN G 204 -4.33 0.74 -57.32
N HIS G 205 -4.43 -0.56 -57.60
CA HIS G 205 -3.31 -1.50 -57.50
C HIS G 205 -3.21 -2.23 -58.83
N LYS G 206 -2.45 -1.65 -59.76
CA LYS G 206 -2.30 -2.25 -61.09
C LYS G 206 -1.71 -3.67 -61.08
N PRO G 207 -0.75 -4.02 -60.22
CA PRO G 207 -0.23 -5.40 -60.23
C PRO G 207 -1.31 -6.47 -60.09
N SER G 208 -2.42 -6.17 -59.41
CA SER G 208 -3.51 -7.12 -59.25
C SER G 208 -4.78 -6.67 -59.98
N ASN G 209 -4.71 -5.59 -60.75
CA ASN G 209 -5.86 -5.08 -61.50
C ASN G 209 -7.05 -4.81 -60.58
N THR G 210 -6.76 -4.19 -59.44
CA THR G 210 -7.75 -3.92 -58.41
C THR G 210 -7.94 -2.41 -58.28
N LYS G 211 -9.20 -1.98 -58.30
CA LYS G 211 -9.54 -0.57 -58.12
C LYS G 211 -10.72 -0.49 -57.17
N VAL G 212 -10.54 0.18 -56.03
CA VAL G 212 -11.53 0.23 -54.97
C VAL G 212 -11.77 1.69 -54.61
N ASP G 213 -13.03 2.11 -54.64
CA ASP G 213 -13.46 3.42 -54.16
C ASP G 213 -14.18 3.21 -52.84
N LYS G 214 -13.67 3.84 -51.78
CA LYS G 214 -14.20 3.67 -50.43
C LYS G 214 -14.66 5.00 -49.89
N LYS G 215 -15.92 5.07 -49.47
CA LYS G 215 -16.49 6.29 -48.91
C LYS G 215 -16.17 6.38 -47.43
N VAL G 216 -15.67 7.53 -47.01
CA VAL G 216 -15.30 7.82 -45.62
C VAL G 216 -16.35 8.76 -45.05
N GLU G 217 -17.19 8.23 -44.15
CA GLU G 217 -18.24 8.99 -43.50
C GLU G 217 -17.87 9.25 -42.04
N PRO G 218 -18.38 10.34 -41.44
CA PRO G 218 -18.03 10.64 -40.05
C PRO G 218 -18.55 9.57 -39.11
N LYS G 219 -17.86 9.44 -37.97
CA LYS G 219 -18.26 8.49 -36.94
C LYS G 219 -19.45 9.02 -36.17
N SER G 220 -20.52 8.23 -36.12
CA SER G 220 -21.73 8.61 -35.40
C SER G 220 -21.95 7.68 -34.21
N LEU H 3 35.54 5.25 -54.23
CA LEU H 3 34.63 5.06 -55.35
C LEU H 3 35.06 5.93 -56.54
N VAL H 4 34.36 5.77 -57.66
CA VAL H 4 34.65 6.59 -58.83
C VAL H 4 34.11 8.01 -58.65
N LEU H 5 33.02 8.16 -57.88
CA LEU H 5 32.45 9.47 -57.60
C LEU H 5 32.09 9.53 -56.13
N THR H 6 32.68 10.49 -55.41
CA THR H 6 32.40 10.70 -53.99
C THR H 6 31.71 12.06 -53.84
N GLN H 7 30.53 12.05 -53.25
CA GLN H 7 29.76 13.27 -53.02
C GLN H 7 29.89 13.71 -51.56
N SER H 8 29.89 15.02 -51.36
CA SER H 8 29.96 15.62 -50.04
C SER H 8 29.08 16.86 -50.00
N PRO H 9 28.31 17.06 -48.92
CA PRO H 9 28.22 16.14 -47.78
C PRO H 9 27.22 15.03 -48.01
N ALA H 10 27.19 14.05 -47.10
CA ALA H 10 26.20 12.98 -47.19
C ALA H 10 24.79 13.51 -46.93
N SER H 11 24.65 14.36 -45.91
CA SER H 11 23.37 14.99 -45.59
C SER H 11 23.62 16.46 -45.26
N LEU H 12 22.62 17.29 -45.53
CA LEU H 12 22.75 18.74 -45.43
C LEU H 12 21.44 19.31 -44.89
N THR H 13 21.54 20.32 -44.02
CA THR H 13 20.36 20.94 -43.41
C THR H 13 20.54 22.45 -43.45
N VAL H 14 19.83 23.13 -44.35
CA VAL H 14 20.00 24.56 -44.60
C VAL H 14 18.66 25.26 -44.45
N SER H 15 18.69 26.47 -43.91
CA SER H 15 17.50 27.28 -43.76
C SER H 15 17.16 27.99 -45.07
N LEU H 16 15.93 28.50 -45.14
CA LEU H 16 15.43 29.17 -46.34
C LEU H 16 16.23 30.44 -46.64
N GLY H 17 16.34 30.75 -47.93
CA GLY H 17 16.99 31.97 -48.37
C GLY H 17 18.49 31.98 -48.28
N GLN H 18 19.12 30.86 -47.95
CA GLN H 18 20.56 30.81 -47.76
C GLN H 18 21.24 30.14 -48.95
N ARG H 19 22.54 29.87 -48.81
CA ARG H 19 23.35 29.26 -49.85
C ARG H 19 23.72 27.85 -49.43
N ALA H 20 23.52 26.89 -50.32
CA ALA H 20 23.89 25.50 -50.11
C ALA H 20 24.95 25.10 -51.12
N THR H 21 26.01 24.45 -50.65
CA THR H 21 27.13 24.06 -51.50
C THR H 21 27.38 22.57 -51.35
N MET H 22 27.49 21.87 -52.49
CA MET H 22 27.77 20.45 -52.53
C MET H 22 28.91 20.20 -53.51
N SER H 23 29.64 19.10 -53.29
CA SER H 23 30.80 18.79 -54.11
C SER H 23 30.73 17.37 -54.63
N CYS H 24 31.26 17.18 -55.84
CA CYS H 24 31.37 15.87 -56.48
C CYS H 24 32.81 15.70 -56.93
N ARG H 25 33.49 14.67 -56.42
CA ARG H 25 34.89 14.45 -56.71
C ARG H 25 35.04 13.25 -57.64
N SER H 26 35.82 13.42 -58.70
CA SER H 26 35.86 12.47 -59.80
C SER H 26 36.92 11.39 -59.65
N SER H 27 37.98 11.64 -58.89
CA SER H 27 39.07 10.69 -58.70
C SER H 27 39.88 10.46 -59.98
N GLU H 28 39.32 10.83 -61.12
CA GLU H 28 40.03 10.83 -62.39
C GLU H 28 39.23 11.67 -63.38
N SER H 29 39.95 12.33 -64.28
CA SER H 29 39.35 13.39 -65.09
C SER H 29 38.16 12.90 -65.90
N VAL H 30 37.10 13.70 -65.92
CA VAL H 30 35.94 13.47 -66.77
C VAL H 30 35.90 14.48 -67.92
N ASP H 31 37.02 15.14 -68.21
CA ASP H 31 37.07 16.15 -69.26
C ASP H 31 37.46 15.50 -70.58
N ALA H 32 36.79 15.93 -71.65
CA ALA H 32 37.08 15.46 -73.00
C ALA H 32 36.53 16.46 -74.00
N HIS H 33 37.36 16.80 -75.01
CA HIS H 33 36.96 17.71 -76.09
C HIS H 33 36.54 19.08 -75.55
N GLY H 34 37.19 19.52 -74.48
CA GLY H 34 36.89 20.80 -73.89
C GLY H 34 35.59 20.85 -73.11
N TYR H 35 35.04 19.69 -72.76
CA TYR H 35 33.80 19.59 -72.00
C TYR H 35 34.03 18.79 -70.73
N SER H 36 33.27 19.13 -69.69
CA SER H 36 33.27 18.39 -68.44
C SER H 36 31.98 17.57 -68.41
N PHE H 37 32.10 16.26 -68.64
CA PHE H 37 30.93 15.39 -68.73
C PHE H 37 30.47 14.98 -67.32
N LEU H 38 29.97 15.97 -66.60
CA LEU H 38 29.40 15.76 -65.28
C LEU H 38 28.11 16.58 -65.16
N HIS H 39 27.05 15.93 -64.70
CA HIS H 39 25.73 16.54 -64.64
C HIS H 39 25.14 16.35 -63.25
N TRP H 40 24.31 17.30 -62.83
CA TRP H 40 23.68 17.29 -61.52
C TRP H 40 22.18 17.04 -61.68
N TYR H 41 21.67 16.08 -60.92
CA TYR H 41 20.26 15.71 -60.97
C TYR H 41 19.60 15.88 -59.61
N GLN H 42 18.34 16.29 -59.62
CA GLN H 42 17.52 16.38 -58.42
C GLN H 42 16.44 15.31 -58.50
N GLN H 43 16.33 14.49 -57.45
CA GLN H 43 15.33 13.42 -57.42
C GLN H 43 14.49 13.54 -56.15
N LYS H 44 13.18 13.60 -56.33
CA LYS H 44 12.20 13.63 -55.26
C LYS H 44 11.44 12.31 -55.19
N PRO H 45 10.82 12.00 -54.05
CA PRO H 45 10.05 10.76 -53.95
C PRO H 45 8.87 10.76 -54.93
N GLY H 46 8.66 9.62 -55.58
CA GLY H 46 7.60 9.50 -56.56
C GLY H 46 7.77 10.38 -57.77
N GLN H 47 9.01 10.64 -58.18
CA GLN H 47 9.31 11.47 -59.34
C GLN H 47 10.59 10.96 -59.99
N PRO H 48 10.72 11.11 -61.30
CA PRO H 48 11.97 10.73 -61.97
C PRO H 48 13.06 11.74 -61.68
N PRO H 49 14.33 11.37 -61.90
CA PRO H 49 15.40 12.36 -61.74
C PRO H 49 15.22 13.53 -62.70
N LYS H 50 15.50 14.73 -62.20
CA LYS H 50 15.33 15.96 -62.98
C LYS H 50 16.70 16.58 -63.24
N LEU H 51 16.98 16.87 -64.50
CA LEU H 51 18.27 17.45 -64.87
C LEU H 51 18.32 18.91 -64.44
N LEU H 52 19.32 19.25 -63.61
CA LEU H 52 19.53 20.62 -63.17
C LEU H 52 20.64 21.31 -63.95
N ILE H 53 21.85 20.77 -63.88
CA ILE H 53 23.02 21.31 -64.57
C ILE H 53 23.54 20.24 -65.52
N TYR H 54 23.77 20.62 -66.77
CA TYR H 54 24.43 19.73 -67.73
C TYR H 54 25.79 20.32 -68.11
N LEU H 55 26.77 19.44 -68.29
CA LEU H 55 28.13 19.83 -68.67
C LEU H 55 28.72 20.80 -67.64
N ALA H 56 28.62 20.41 -66.37
CA ALA H 56 29.27 21.07 -65.24
C ALA H 56 28.69 22.44 -64.89
N SER H 57 28.38 23.27 -65.88
CA SER H 57 28.06 24.66 -65.60
C SER H 57 26.88 25.24 -66.38
N ASN H 58 26.20 24.47 -67.21
CA ASN H 58 25.12 24.99 -68.03
C ASN H 58 23.77 24.64 -67.41
N LEU H 59 22.89 25.65 -67.32
CA LEU H 59 21.59 25.48 -66.70
C LEU H 59 20.58 24.94 -67.71
N GLU H 60 19.91 23.84 -67.35
CA GLU H 60 18.92 23.24 -68.23
C GLU H 60 17.66 24.10 -68.31
N SER H 61 16.99 24.03 -69.45
CA SER H 61 15.76 24.80 -69.66
C SER H 61 14.71 24.46 -68.62
N GLY H 62 14.04 25.49 -68.11
CA GLY H 62 13.02 25.33 -67.10
C GLY H 62 13.52 25.22 -65.68
N VAL H 63 14.84 25.20 -65.47
CA VAL H 63 15.41 25.12 -64.13
C VAL H 63 15.69 26.54 -63.66
N PRO H 64 15.30 26.91 -62.43
CA PRO H 64 15.51 28.29 -61.98
C PRO H 64 16.99 28.65 -61.93
N ALA H 65 17.26 29.96 -62.03
CA ALA H 65 18.62 30.46 -61.97
C ALA H 65 19.26 30.29 -60.59
N ARG H 66 18.49 29.92 -59.57
CA ARG H 66 19.05 29.68 -58.25
C ARG H 66 20.05 28.53 -58.26
N PHE H 67 19.92 27.61 -59.21
CA PHE H 67 20.85 26.50 -59.36
C PHE H 67 21.99 26.92 -60.29
N SER H 68 23.22 26.62 -59.88
CA SER H 68 24.41 26.92 -60.66
C SER H 68 25.46 25.87 -60.39
N GLY H 69 26.32 25.64 -61.38
CA GLY H 69 27.37 24.64 -61.25
C GLY H 69 28.70 25.16 -61.76
N SER H 70 29.77 24.61 -61.20
CA SER H 70 31.13 24.98 -61.58
C SER H 70 32.05 23.81 -61.31
N GLY H 71 33.29 23.95 -61.77
CA GLY H 71 34.32 22.94 -61.59
C GLY H 71 34.74 22.28 -62.90
N SER H 72 35.89 21.63 -62.86
CA SER H 72 36.42 20.91 -64.00
C SER H 72 37.20 19.68 -63.55
N ARG H 73 37.70 18.94 -64.55
CA ARG H 73 38.41 17.67 -64.43
C ARG H 73 38.01 16.74 -63.29
N THR H 74 38.31 17.11 -62.04
CA THR H 74 38.04 16.22 -60.92
C THR H 74 37.29 16.87 -59.75
N ASP H 75 37.08 18.18 -59.77
CA ASP H 75 36.43 18.88 -58.67
C ASP H 75 35.21 19.61 -59.22
N PHE H 76 34.04 19.30 -58.69
CA PHE H 76 32.79 19.90 -59.13
C PHE H 76 32.00 20.37 -57.91
N THR H 77 31.22 21.43 -58.12
CA THR H 77 30.45 22.03 -57.05
C THR H 77 29.08 22.44 -57.58
N LEU H 78 28.04 22.11 -56.83
CA LEU H 78 26.67 22.53 -57.14
C LEU H 78 26.21 23.49 -56.07
N THR H 79 25.71 24.65 -56.49
CA THR H 79 25.33 25.72 -55.58
C THR H 79 23.85 26.02 -55.75
N ILE H 80 23.13 26.09 -54.62
CA ILE H 80 21.73 26.47 -54.58
C ILE H 80 21.63 27.78 -53.80
N ASP H 81 21.20 28.84 -54.47
CA ASP H 81 21.18 30.16 -53.85
C ASP H 81 20.16 31.06 -54.55
N PRO H 82 19.09 31.47 -53.86
CA PRO H 82 18.75 31.10 -52.49
C PRO H 82 17.95 29.81 -52.39
N VAL H 83 18.09 29.09 -51.27
CA VAL H 83 17.39 27.84 -51.09
C VAL H 83 15.91 28.10 -50.84
N GLU H 84 15.05 27.30 -51.47
CA GLU H 84 13.61 27.34 -51.28
C GLU H 84 13.13 26.07 -50.62
N ALA H 85 11.88 26.10 -50.14
CA ALA H 85 11.29 24.91 -49.52
C ALA H 85 11.17 23.78 -50.53
N ASP H 86 10.97 24.11 -51.80
CA ASP H 86 10.85 23.11 -52.86
C ASP H 86 12.16 22.38 -53.14
N ASP H 87 13.28 22.89 -52.65
CA ASP H 87 14.59 22.30 -52.92
C ASP H 87 14.88 21.08 -52.06
N ALA H 88 14.00 20.72 -51.13
CA ALA H 88 14.23 19.57 -50.26
C ALA H 88 14.14 18.30 -51.09
N ALA H 89 15.29 17.70 -51.37
CA ALA H 89 15.39 16.50 -52.19
C ALA H 89 16.80 15.94 -52.04
N THR H 90 17.11 14.92 -52.83
CA THR H 90 18.43 14.33 -52.92
C THR H 90 19.03 14.69 -54.26
N TYR H 91 20.28 15.15 -54.26
CA TYR H 91 20.96 15.59 -55.47
C TYR H 91 22.12 14.66 -55.78
N SER H 92 22.24 14.30 -57.06
CA SER H 92 23.24 13.33 -57.51
C SER H 92 24.02 13.89 -58.71
N CYS H 93 25.31 13.54 -58.77
CA CYS H 93 26.14 13.88 -59.91
C CYS H 93 26.32 12.65 -60.79
N LEU H 94 26.27 12.88 -62.11
CA LEU H 94 26.39 11.81 -63.11
C LEU H 94 27.65 12.02 -63.93
N LYS H 95 28.40 10.94 -64.14
CA LYS H 95 29.62 10.94 -64.94
C LYS H 95 29.40 10.07 -66.17
N ASN H 96 29.59 10.66 -67.36
CA ASN H 96 29.35 9.92 -68.60
C ASN H 96 30.40 10.22 -69.66
N ASN H 97 31.64 10.52 -69.26
CA ASN H 97 32.69 10.76 -70.24
C ASN H 97 33.18 9.45 -70.87
N GLU H 98 33.34 8.40 -70.07
CA GLU H 98 33.82 7.12 -70.53
C GLU H 98 33.15 6.02 -69.71
N ASP H 99 33.42 4.78 -70.10
CA ASP H 99 32.98 3.65 -69.29
C ASP H 99 33.77 3.63 -67.99
N PRO H 100 33.10 3.44 -66.83
CA PRO H 100 31.65 3.25 -66.71
C PRO H 100 30.89 4.50 -66.35
N TRP H 101 29.69 4.65 -66.91
CA TRP H 101 28.80 5.73 -66.52
C TRP H 101 28.25 5.45 -65.13
N THR H 102 28.52 6.35 -64.18
CA THR H 102 28.16 6.12 -62.79
C THR H 102 27.40 7.30 -62.23
N PHE H 103 26.67 7.05 -61.16
CA PHE H 103 25.98 8.07 -60.39
C PHE H 103 26.65 8.22 -59.03
N GLY H 104 26.56 9.42 -58.46
CA GLY H 104 27.08 9.65 -57.14
C GLY H 104 26.17 9.08 -56.05
N GLY H 105 26.73 8.97 -54.84
CA GLY H 105 25.95 8.49 -53.72
C GLY H 105 24.79 9.40 -53.36
N GLY H 106 24.92 10.70 -53.66
CA GLY H 106 23.85 11.64 -53.42
C GLY H 106 24.08 12.48 -52.18
N THR H 107 23.46 13.66 -52.18
CA THR H 107 23.46 14.58 -51.04
C THR H 107 22.02 14.88 -50.68
N LYS H 108 21.62 14.50 -49.48
CA LYS H 108 20.25 14.73 -49.01
C LYS H 108 20.17 16.11 -48.38
N LEU H 109 19.43 17.01 -49.00
CA LEU H 109 19.28 18.39 -48.53
C LEU H 109 17.96 18.53 -47.80
N GLU H 110 18.03 19.00 -46.55
CA GLU H 110 16.86 19.19 -45.71
C GLU H 110 16.68 20.67 -45.40
N ILE H 111 15.44 21.13 -45.43
CA ILE H 111 15.12 22.52 -45.12
C ILE H 111 14.95 22.66 -43.61
N THR H 112 15.46 23.76 -43.06
CA THR H 112 15.34 24.07 -41.65
C THR H 112 14.31 25.18 -41.45
N ARG H 113 13.42 25.00 -40.49
CA ARG H 113 12.40 25.97 -40.19
C ARG H 113 12.18 25.99 -38.68
N ALA H 114 11.30 26.88 -38.23
CA ALA H 114 10.94 26.95 -36.82
C ALA H 114 10.20 25.68 -36.40
N ASP H 115 10.30 25.36 -35.11
CA ASP H 115 9.64 24.17 -34.59
C ASP H 115 8.13 24.27 -34.76
N ALA H 116 7.51 23.14 -35.14
CA ALA H 116 6.07 23.04 -35.30
C ALA H 116 5.59 21.81 -34.54
N ALA H 117 4.66 22.02 -33.61
CA ALA H 117 4.17 20.91 -32.80
C ALA H 117 3.29 20.00 -33.64
N PRO H 118 3.37 18.69 -33.45
CA PRO H 118 2.51 17.78 -34.21
C PRO H 118 1.08 17.80 -33.71
N THR H 119 0.14 17.69 -34.64
CA THR H 119 -1.27 17.53 -34.31
C THR H 119 -1.57 16.05 -34.27
N VAL H 120 -1.86 15.52 -33.08
CA VAL H 120 -1.96 14.08 -32.86
C VAL H 120 -3.41 13.65 -33.01
N SER H 121 -3.63 12.56 -33.74
CA SER H 121 -4.95 11.96 -33.90
C SER H 121 -4.83 10.45 -33.79
N ILE H 122 -5.91 9.81 -33.33
CA ILE H 122 -5.96 8.37 -33.21
C ILE H 122 -7.25 7.89 -33.87
N PHE H 123 -7.19 6.74 -34.52
CA PHE H 123 -8.33 6.18 -35.26
C PHE H 123 -8.59 4.77 -34.78
N PRO H 124 -9.76 4.48 -34.21
CA PRO H 124 -10.09 3.10 -33.85
C PRO H 124 -10.25 2.25 -35.10
N PRO H 125 -10.08 0.94 -34.99
CA PRO H 125 -10.25 0.07 -36.16
C PRO H 125 -11.69 0.04 -36.63
N SER H 126 -11.87 0.00 -37.95
CA SER H 126 -13.20 0.01 -38.52
C SER H 126 -13.92 -1.31 -38.24
N SER H 127 -15.25 -1.25 -38.24
CA SER H 127 -16.04 -2.46 -38.02
C SER H 127 -15.87 -3.45 -39.17
N GLU H 128 -15.62 -2.95 -40.38
CA GLU H 128 -15.39 -3.84 -41.51
C GLU H 128 -14.12 -4.67 -41.32
N GLN H 129 -13.09 -4.07 -40.74
CA GLN H 129 -11.84 -4.81 -40.52
C GLN H 129 -11.98 -5.77 -39.33
N LEU H 130 -12.72 -5.37 -38.30
CA LEU H 130 -12.92 -6.25 -37.16
C LEU H 130 -13.61 -7.56 -37.56
N THR H 131 -14.46 -7.50 -38.59
CA THR H 131 -15.10 -8.71 -39.08
C THR H 131 -14.07 -9.70 -39.62
N SER H 132 -13.00 -9.20 -40.23
CA SER H 132 -11.96 -10.07 -40.77
C SER H 132 -11.15 -10.77 -39.69
N GLY H 133 -11.21 -10.31 -38.45
CA GLY H 133 -10.46 -10.91 -37.37
C GLY H 133 -9.18 -10.19 -36.98
N THR H 134 -8.97 -8.97 -37.47
CA THR H 134 -7.77 -8.21 -37.17
C THR H 134 -8.16 -6.76 -36.89
N ALA H 135 -7.48 -6.15 -35.91
CA ALA H 135 -7.74 -4.77 -35.53
C ALA H 135 -6.49 -3.95 -35.75
N SER H 136 -6.63 -2.82 -36.44
CA SER H 136 -5.53 -1.90 -36.71
C SER H 136 -5.88 -0.55 -36.10
N VAL H 137 -5.07 -0.11 -35.13
CA VAL H 137 -5.23 1.19 -34.50
C VAL H 137 -4.17 2.11 -35.07
N VAL H 138 -4.60 3.24 -35.63
CA VAL H 138 -3.73 4.15 -36.35
C VAL H 138 -3.61 5.46 -35.57
N CYS H 139 -2.38 5.88 -35.31
CA CYS H 139 -2.09 7.17 -34.69
C CYS H 139 -1.39 8.04 -35.70
N LEU H 140 -1.84 9.28 -35.84
CA LEU H 140 -1.35 10.19 -36.88
C LEU H 140 -0.68 11.40 -36.25
N LEU H 141 0.54 11.67 -36.67
CA LEU H 141 1.28 12.88 -36.33
C LEU H 141 1.42 13.71 -37.60
N ASN H 142 0.82 14.90 -37.60
CA ASN H 142 0.63 15.67 -38.82
C ASN H 142 1.43 16.97 -38.79
N ASN H 143 2.25 17.18 -39.82
CA ASN H 143 2.90 18.45 -40.11
C ASN H 143 3.66 19.00 -38.90
N PHE H 144 4.76 18.31 -38.59
CA PHE H 144 5.62 18.70 -37.48
C PHE H 144 7.05 18.84 -37.94
N TYR H 145 7.83 19.60 -37.16
CA TYR H 145 9.26 19.77 -37.35
C TYR H 145 9.85 20.05 -35.99
N PRO H 146 11.02 19.46 -35.66
CA PRO H 146 11.85 18.59 -36.51
C PRO H 146 11.29 17.17 -36.70
N ARG H 147 12.03 16.36 -37.46
CA ARG H 147 11.56 15.02 -37.80
C ARG H 147 11.51 14.10 -36.58
N GLU H 148 12.46 14.25 -35.66
CA GLU H 148 12.58 13.33 -34.54
C GLU H 148 11.37 13.43 -33.62
N ALA H 149 10.72 12.29 -33.38
CA ALA H 149 9.58 12.22 -32.49
C ALA H 149 9.44 10.78 -32.00
N LYS H 150 8.92 10.62 -30.79
CA LYS H 150 8.74 9.31 -30.18
C LYS H 150 7.26 9.01 -30.00
N VAL H 151 6.83 7.85 -30.49
CA VAL H 151 5.46 7.38 -30.35
C VAL H 151 5.49 6.05 -29.61
N GLN H 152 4.73 5.98 -28.51
CA GLN H 152 4.65 4.78 -27.68
C GLN H 152 3.19 4.46 -27.42
N TRP H 153 2.81 3.22 -27.68
CA TRP H 153 1.43 2.78 -27.47
C TRP H 153 1.26 2.25 -26.05
N LYS H 154 0.19 2.69 -25.40
CA LYS H 154 -0.15 2.23 -24.06
C LYS H 154 -1.59 1.73 -24.08
N VAL H 155 -1.76 0.44 -23.79
CA VAL H 155 -3.07 -0.22 -23.81
C VAL H 155 -3.40 -0.62 -22.38
N ASP H 156 -4.45 0.00 -21.81
CA ASP H 156 -4.81 -0.19 -20.40
C ASP H 156 -3.61 0.12 -19.50
N ASN H 157 -2.92 1.21 -19.82
CA ASN H 157 -1.75 1.70 -19.09
C ASN H 157 -0.54 0.79 -19.21
N ALA H 158 -0.72 -0.40 -19.80
CA ALA H 158 0.42 -1.25 -20.12
C ALA H 158 1.06 -0.78 -21.42
N LEU H 159 2.38 -0.92 -21.50
CA LEU H 159 3.15 -0.39 -22.61
C LEU H 159 3.49 -1.51 -23.58
N GLN H 160 3.06 -1.35 -24.84
CA GLN H 160 3.22 -2.37 -25.86
C GLN H 160 4.62 -2.32 -26.45
N SER H 161 5.03 -3.45 -27.05
CA SER H 161 6.32 -3.55 -27.69
C SER H 161 6.27 -4.61 -28.79
N GLY H 162 6.82 -4.28 -29.96
CA GLY H 162 6.92 -5.21 -31.05
C GLY H 162 5.66 -5.42 -31.86
N ASN H 163 4.55 -4.79 -31.50
CA ASN H 163 3.28 -4.94 -32.21
C ASN H 163 2.85 -3.67 -32.92
N SER H 164 3.77 -2.78 -33.24
CA SER H 164 3.44 -1.52 -33.91
C SER H 164 4.46 -1.25 -35.01
N GLN H 165 4.00 -0.57 -36.06
CA GLN H 165 4.85 -0.15 -37.16
C GLN H 165 4.51 1.28 -37.55
N GLU H 166 5.52 2.01 -38.02
CA GLU H 166 5.33 3.40 -38.39
C GLU H 166 6.15 3.73 -39.62
N SER H 167 5.66 4.72 -40.38
CA SER H 167 6.38 5.23 -41.55
C SER H 167 6.24 6.75 -41.57
N VAL H 168 7.24 7.40 -42.16
CA VAL H 168 7.31 8.86 -42.21
C VAL H 168 7.31 9.31 -43.68
N THR H 169 6.53 10.36 -43.95
CA THR H 169 6.55 10.97 -45.28
C THR H 169 7.84 11.78 -45.46
N GLU H 170 8.12 12.12 -46.72
CA GLU H 170 9.24 12.99 -47.00
C GLU H 170 8.90 14.41 -46.58
N GLN H 171 9.93 15.25 -46.48
CA GLN H 171 9.72 16.64 -46.09
C GLN H 171 8.83 17.35 -47.10
N ASP H 172 7.80 18.02 -46.60
CA ASP H 172 6.83 18.65 -47.49
C ASP H 172 7.49 19.75 -48.32
N SER H 173 7.09 19.83 -49.59
CA SER H 173 7.67 20.81 -50.50
C SER H 173 7.20 22.23 -50.21
N LYS H 174 6.05 22.40 -49.56
CA LYS H 174 5.48 23.72 -49.33
C LYS H 174 5.90 24.32 -47.99
N ASP H 175 5.60 23.62 -46.88
CA ASP H 175 5.83 24.14 -45.54
C ASP H 175 6.96 23.42 -44.81
N SER H 176 7.68 22.52 -45.49
CA SER H 176 8.89 21.91 -44.96
C SER H 176 8.63 21.16 -43.65
N THR H 177 7.49 20.48 -43.56
CA THR H 177 7.12 19.73 -42.38
C THR H 177 7.12 18.22 -42.69
N TYR H 178 7.02 17.44 -41.62
CA TYR H 178 6.96 15.98 -41.71
C TYR H 178 5.65 15.48 -41.12
N SER H 179 5.21 14.33 -41.59
CA SER H 179 4.03 13.67 -41.04
C SER H 179 4.35 12.21 -40.78
N LEU H 180 3.93 11.71 -39.63
CA LEU H 180 4.22 10.35 -39.19
C LEU H 180 2.93 9.65 -38.79
N SER H 181 2.85 8.36 -39.06
CA SER H 181 1.71 7.54 -38.68
C SER H 181 2.19 6.27 -38.02
N SER H 182 1.62 5.95 -36.86
CA SER H 182 1.94 4.74 -36.13
C SER H 182 0.71 3.82 -36.12
N THR H 183 0.89 2.57 -36.52
CA THR H 183 -0.20 1.61 -36.63
C THR H 183 0.01 0.48 -35.64
N LEU H 184 -0.96 0.28 -34.74
CA LEU H 184 -0.93 -0.82 -33.79
C LEU H 184 -1.85 -1.93 -34.30
N THR H 185 -1.27 -3.10 -34.54
CA THR H 185 -1.99 -4.23 -35.12
C THR H 185 -2.17 -5.31 -34.06
N LEU H 186 -3.42 -5.70 -33.81
CA LEU H 186 -3.75 -6.75 -32.87
C LEU H 186 -4.80 -7.65 -33.49
N SER H 187 -4.89 -8.87 -32.99
CA SER H 187 -5.97 -9.76 -33.40
C SER H 187 -7.30 -9.27 -32.86
N LYS H 188 -8.38 -9.74 -33.48
CA LYS H 188 -9.72 -9.37 -33.02
C LYS H 188 -9.93 -9.75 -31.56
N ALA H 189 -9.39 -10.90 -31.16
CA ALA H 189 -9.52 -11.33 -29.76
C ALA H 189 -8.78 -10.39 -28.83
N ASP H 190 -7.52 -10.05 -29.16
CA ASP H 190 -6.74 -9.18 -28.29
C ASP H 190 -7.34 -7.79 -28.20
N TYR H 191 -7.94 -7.30 -29.28
CA TYR H 191 -8.50 -5.95 -29.27
C TYR H 191 -9.68 -5.85 -28.31
N GLU H 192 -10.52 -6.89 -28.27
CA GLU H 192 -11.69 -6.87 -27.41
C GLU H 192 -11.37 -7.24 -25.96
N LYS H 193 -10.11 -7.45 -25.63
CA LYS H 193 -9.66 -7.77 -24.28
C LYS H 193 -9.26 -6.54 -23.49
N HIS H 194 -9.27 -5.36 -24.10
CA HIS H 194 -8.79 -4.14 -23.46
C HIS H 194 -9.77 -3.01 -23.71
N LYS H 195 -9.72 -2.01 -22.83
CA LYS H 195 -10.63 -0.87 -22.85
C LYS H 195 -9.98 0.42 -23.30
N VAL H 196 -8.75 0.69 -22.86
CA VAL H 196 -8.07 1.95 -23.12
C VAL H 196 -6.96 1.71 -24.13
N TYR H 197 -6.95 2.51 -25.19
CA TYR H 197 -5.87 2.50 -26.19
C TYR H 197 -5.33 3.92 -26.31
N ALA H 198 -4.05 4.09 -25.99
CA ALA H 198 -3.44 5.41 -25.88
C ALA H 198 -2.23 5.51 -26.80
N CYS H 199 -2.07 6.68 -27.41
CA CYS H 199 -0.93 7.00 -28.26
C CYS H 199 -0.15 8.14 -27.61
N GLU H 200 1.04 7.85 -27.11
CA GLU H 200 1.86 8.84 -26.42
C GLU H 200 2.91 9.41 -27.38
N VAL H 201 2.92 10.73 -27.51
CA VAL H 201 3.79 11.42 -28.48
C VAL H 201 4.73 12.34 -27.72
N THR H 202 6.02 12.20 -27.98
CA THR H 202 7.05 13.07 -27.42
C THR H 202 7.74 13.79 -28.56
N HIS H 203 7.79 15.13 -28.48
CA HIS H 203 8.37 15.92 -29.55
C HIS H 203 8.99 17.18 -28.98
N GLN H 204 9.95 17.74 -29.72
CA GLN H 204 10.66 18.94 -29.27
C GLN H 204 9.72 20.13 -29.18
N GLY H 205 8.78 20.25 -30.12
CA GLY H 205 7.85 21.36 -30.11
C GLY H 205 6.74 21.27 -29.09
N LEU H 206 6.73 20.21 -28.28
CA LEU H 206 5.74 20.03 -27.22
C LEU H 206 6.45 20.13 -25.87
N SER H 207 5.82 20.85 -24.93
CA SER H 207 6.43 21.03 -23.61
C SER H 207 6.55 19.69 -22.88
N SER H 208 5.47 18.91 -22.86
CA SER H 208 5.42 17.61 -22.22
C SER H 208 4.77 16.63 -23.17
N PRO H 209 5.02 15.33 -23.00
CA PRO H 209 4.41 14.34 -23.90
C PRO H 209 2.89 14.42 -23.91
N VAL H 210 2.32 14.33 -25.11
CA VAL H 210 0.88 14.41 -25.32
C VAL H 210 0.34 13.00 -25.55
N THR H 211 -0.69 12.63 -24.79
CA THR H 211 -1.29 11.30 -24.86
C THR H 211 -2.66 11.41 -25.52
N LYS H 212 -2.80 10.78 -26.68
CA LYS H 212 -4.07 10.71 -27.41
C LYS H 212 -4.64 9.31 -27.24
N SER H 213 -5.85 9.22 -26.68
CA SER H 213 -6.43 7.93 -26.34
C SER H 213 -7.92 7.92 -26.64
N PHE H 214 -8.47 6.71 -26.66
CA PHE H 214 -9.89 6.51 -26.82
C PHE H 214 -10.30 5.25 -26.05
N ASN H 215 -11.60 5.13 -25.79
CA ASN H 215 -12.15 3.98 -25.10
C ASN H 215 -12.98 3.15 -26.07
N ARG H 216 -12.74 1.84 -26.09
CA ARG H 216 -13.46 0.97 -27.01
C ARG H 216 -14.95 0.95 -26.68
N GLY H 217 -15.78 1.02 -27.72
CA GLY H 217 -17.21 1.04 -27.54
C GLY H 217 -17.76 2.44 -27.37
N LEU I 3 -21.73 15.66 48.34
CA LEU I 3 -22.34 16.94 47.99
C LEU I 3 -22.10 17.27 46.52
N ILE I 4 -23.11 17.85 45.88
CA ILE I 4 -23.02 18.31 44.51
C ILE I 4 -23.33 19.81 44.48
N ASN I 5 -22.84 20.48 43.45
CA ASN I 5 -22.98 21.92 43.31
C ASN I 5 -23.88 22.23 42.11
N THR I 6 -24.85 23.13 42.33
CA THR I 6 -25.76 23.56 41.28
C THR I 6 -25.95 25.07 41.41
N ASN I 7 -25.52 25.81 40.39
CA ASN I 7 -25.60 27.27 40.38
C ASN I 7 -24.84 27.90 41.54
N GLY I 8 -23.76 27.25 41.95
CA GLY I 8 -22.86 27.79 42.96
C GLY I 8 -23.11 27.27 44.36
N SER I 9 -24.27 26.69 44.63
CA SER I 9 -24.63 26.24 45.97
C SER I 9 -24.45 24.73 46.10
N TRP I 10 -23.93 24.30 47.25
CA TRP I 10 -23.76 22.89 47.54
C TRP I 10 -24.98 22.36 48.31
N HIS I 11 -25.37 21.13 47.99
CA HIS I 11 -26.50 20.49 48.64
C HIS I 11 -26.41 18.98 48.53
N GLN J 2 16.56 13.94 13.43
CA GLN J 2 16.36 15.34 13.12
C GLN J 2 14.88 15.70 13.08
N LEU J 3 14.04 14.69 13.24
CA LEU J 3 12.60 14.87 13.32
C LEU J 3 12.14 14.71 14.76
N ILE J 4 11.18 15.54 15.16
CA ILE J 4 10.61 15.46 16.50
C ILE J 4 9.11 15.21 16.37
N ASN J 5 8.53 14.62 17.41
CA ASN J 5 7.11 14.25 17.42
C ASN J 5 6.38 15.07 18.49
N THR J 6 5.23 15.63 18.11
CA THR J 6 4.40 16.40 19.04
C THR J 6 2.96 16.03 18.78
N ASN J 7 2.30 15.46 19.79
CA ASN J 7 0.90 15.04 19.70
C ASN J 7 0.68 14.00 18.59
N GLY J 8 1.69 13.17 18.33
CA GLY J 8 1.59 12.09 17.39
C GLY J 8 2.13 12.39 16.01
N SER J 9 2.31 13.67 15.67
CA SER J 9 2.75 14.09 14.35
C SER J 9 4.23 14.42 14.37
N TRP J 10 4.93 14.05 13.30
CA TRP J 10 6.34 14.36 13.15
C TRP J 10 6.50 15.65 12.36
N HIS J 11 7.47 16.46 12.77
CA HIS J 11 7.73 17.73 12.10
C HIS J 11 9.14 18.24 12.37
N GLN K 2 2.78 -20.99 -34.25
CA GLN K 2 4.13 -20.87 -34.81
C GLN K 2 5.09 -21.84 -34.13
N LEU K 3 4.70 -22.35 -32.97
CA LEU K 3 5.47 -23.34 -32.23
C LEU K 3 4.67 -24.64 -32.16
N ILE K 4 5.37 -25.75 -32.24
CA ILE K 4 4.74 -27.07 -32.17
C ILE K 4 5.37 -27.85 -31.02
N ASN K 5 4.57 -28.74 -30.45
CA ASN K 5 4.98 -29.55 -29.30
C ASN K 5 5.13 -31.00 -29.74
N THR K 6 6.30 -31.58 -29.47
CA THR K 6 6.57 -32.98 -29.76
C THR K 6 7.10 -33.64 -28.49
N ASN K 7 6.30 -34.52 -27.89
CA ASN K 7 6.66 -35.21 -26.65
C ASN K 7 7.03 -34.23 -25.54
N GLY K 8 6.23 -33.18 -25.41
CA GLY K 8 6.37 -32.28 -24.27
C GLY K 8 7.06 -30.96 -24.56
N SER K 9 8.08 -30.97 -25.41
CA SER K 9 8.88 -29.77 -25.63
C SER K 9 8.37 -28.97 -26.83
N TRP K 10 8.56 -27.66 -26.77
CA TRP K 10 8.15 -26.75 -27.82
C TRP K 10 9.36 -26.35 -28.65
N HIS K 11 9.16 -26.17 -29.95
CA HIS K 11 10.22 -25.77 -30.86
C HIS K 11 9.60 -25.25 -32.15
N ILE K 12 10.46 -24.87 -33.09
CA ILE K 12 10.06 -24.31 -34.37
C ILE K 12 9.20 -23.07 -34.19
N GLN L 2 29.99 18.37 -83.27
CA GLN L 2 29.15 17.30 -82.73
C GLN L 2 29.99 16.11 -82.28
N LEU L 3 29.59 15.52 -81.16
CA LEU L 3 30.26 14.33 -80.63
C LEU L 3 29.31 13.14 -80.64
N ILE L 4 29.86 11.96 -80.88
CA ILE L 4 29.09 10.72 -80.88
C ILE L 4 29.72 9.79 -79.85
N ASN L 5 28.88 8.91 -79.30
CA ASN L 5 29.29 7.99 -78.25
C ASN L 5 29.35 6.57 -78.81
N THR L 6 30.49 5.92 -78.63
CA THR L 6 30.69 4.54 -79.06
C THR L 6 31.21 3.74 -77.87
N ASN L 7 30.36 2.85 -77.35
CA ASN L 7 30.70 2.01 -76.20
C ASN L 7 31.17 2.84 -75.01
N GLY L 8 30.48 3.95 -74.75
CA GLY L 8 30.73 4.72 -73.55
C GLY L 8 31.51 6.00 -73.77
N SER L 9 32.48 5.98 -74.69
CA SER L 9 33.37 7.11 -74.88
C SER L 9 32.86 8.02 -75.99
N TRP L 10 33.19 9.30 -75.87
CA TRP L 10 32.85 10.31 -76.86
C TRP L 10 34.03 10.64 -77.74
N HIS L 11 33.74 10.97 -79.00
CA HIS L 11 34.75 11.37 -79.96
C HIS L 11 34.06 12.14 -81.09
N ILE L 12 34.83 12.57 -82.07
CA ILE L 12 34.30 13.40 -83.15
C ILE L 12 33.81 12.51 -84.29
N ASN L 13 32.93 13.05 -85.11
CA ASN L 13 32.36 12.33 -86.24
C ASN L 13 33.25 12.44 -87.47
#